data_1JSR
#
_entry.id   1JSR
#
_cell.length_a   106.065
_cell.length_b   90.361
_cell.length_c   127.406
_cell.angle_alpha   90.00
_cell.angle_beta   91.35
_cell.angle_gamma   90.00
#
_symmetry.space_group_name_H-M   'C 1 2 1'
#
loop_
_entity.id
_entity.type
_entity.pdbx_description
1 polymer L-asparaginase
2 non-polymer 6-HYDROXY-L-NORLEUCINE
3 non-polymer 'PENTAETHYLENE GLYCOL'
4 non-polymer GLYCEROL
5 water water
#
_entity_poly.entity_id   1
_entity_poly.type   'polypeptide(L)'
_entity_poly.pdbx_seq_one_letter_code
;ADKLPNIVILATGGTIAGSAATGTQTTGYKAGALGVDTLINAVPEVKKLANVKGEQFSNMASENMTGDVVLKLSQRVNEL
LARDDVDGVVITHGTDTVEESAYFLHLTVKSDKPVVFVAAMRPATAISADGPMNLLEAVRVAGDKQSRGRGVMVVINDRI
GSARYITKTNASTLDTFRANEEGYLGVIIGNRIYYQNRIDKLHTTRSVFDVRGLTSLPKVDILYGYQDDPEYLYDAAIQH
GVKGIVYAGMGAGSVSVRGIAGMRKALEKGVVVMRSTRTGNGIVPPDEELPGLVSDSLNPAHARILLMLALTRTSDPKVI
QEYFHTY
;
_entity_poly.pdbx_strand_id   A,B,C,D
#
# COMPACT_ATOMS: atom_id res chain seq x y z
N LEU A 4 15.09 -34.46 -10.94
CA LEU A 4 14.15 -33.43 -10.42
C LEU A 4 14.00 -33.54 -8.91
N PRO A 5 13.60 -32.44 -8.26
CA PRO A 5 13.44 -32.50 -6.81
C PRO A 5 12.18 -33.31 -6.46
N ASN A 6 12.24 -34.02 -5.34
CA ASN A 6 11.10 -34.81 -4.90
C ASN A 6 10.28 -33.97 -3.95
N ILE A 7 9.07 -33.62 -4.39
CA ILE A 7 8.19 -32.78 -3.60
C ILE A 7 6.90 -33.47 -3.23
N VAL A 8 6.55 -33.38 -1.96
CA VAL A 8 5.31 -33.96 -1.47
C VAL A 8 4.29 -32.83 -1.36
N ILE A 9 3.10 -33.06 -1.89
CA ILE A 9 2.04 -32.06 -1.80
C ILE A 9 1.10 -32.61 -0.75
N LEU A 10 1.13 -32.00 0.44
N LEU A 10 1.14 -32.00 0.44
CA LEU A 10 0.29 -32.42 1.55
CA LEU A 10 0.28 -32.39 1.56
C LEU A 10 -0.96 -31.55 1.59
C LEU A 10 -0.96 -31.52 1.55
N ALA A 11 -2.10 -32.13 1.19
CA ALA A 11 -3.36 -31.40 1.14
C ALA A 11 -4.21 -31.40 2.40
N THR A 12 -4.73 -30.22 2.78
CA THR A 12 -5.57 -30.08 3.97
C THR A 12 -6.98 -29.54 3.69
N GLY A 13 -7.21 -29.07 2.46
CA GLY A 13 -8.52 -28.54 2.11
C GLY A 13 -8.44 -27.16 1.48
N GLY A 14 -9.38 -26.29 1.84
CA GLY A 14 -9.37 -24.94 1.30
C GLY A 14 -10.04 -24.68 -0.03
N THR A 15 -10.07 -23.40 -0.42
CA THR A 15 -10.68 -22.97 -1.67
C THR A 15 -9.93 -23.51 -2.89
N ILE A 16 -8.62 -23.74 -2.73
CA ILE A 16 -7.81 -24.26 -3.82
C ILE A 16 -8.33 -25.65 -4.20
N ALA A 17 -9.04 -26.25 -3.25
CA ALA A 17 -9.64 -27.58 -3.46
C ALA A 17 -11.16 -27.43 -3.34
N GLY A 18 -11.66 -26.24 -3.65
CA GLY A 18 -13.08 -26.00 -3.55
C GLY A 18 -13.82 -26.03 -4.87
N SER A 19 -15.14 -26.15 -4.82
CA SER A 19 -15.94 -26.18 -6.03
C SER A 19 -17.32 -25.57 -5.83
N ALA A 20 -17.89 -25.08 -6.92
CA ALA A 20 -19.21 -24.48 -6.91
C ALA A 20 -19.95 -25.01 -8.14
N ALA A 21 -21.27 -24.87 -8.15
CA ALA A 21 -22.10 -25.35 -9.25
C ALA A 21 -21.78 -24.69 -10.59
N THR A 22 -21.38 -23.42 -10.56
CA THR A 22 -21.08 -22.69 -11.80
C THR A 22 -19.71 -22.03 -11.73
N GLY A 23 -19.22 -21.60 -12.88
CA GLY A 23 -17.92 -20.94 -12.93
C GLY A 23 -17.95 -19.50 -12.48
N THR A 24 -19.15 -18.95 -12.33
CA THR A 24 -19.29 -17.57 -11.90
C THR A 24 -19.44 -17.43 -10.39
N GLN A 25 -19.60 -18.55 -9.68
CA GLN A 25 -19.72 -18.49 -8.24
C GLN A 25 -18.33 -18.49 -7.63
N THR A 26 -17.91 -17.34 -7.13
CA THR A 26 -16.60 -17.21 -6.53
C THR A 26 -16.67 -17.06 -5.02
N THR A 27 -17.89 -17.06 -4.48
CA THR A 27 -18.11 -16.95 -3.04
C THR A 27 -19.15 -17.97 -2.57
N GLY A 28 -19.11 -18.30 -1.29
CA GLY A 28 -20.07 -19.25 -0.75
C GLY A 28 -20.00 -20.63 -1.36
N TYR A 29 -18.82 -21.01 -1.83
CA TYR A 29 -18.61 -22.33 -2.42
C TYR A 29 -18.24 -23.32 -1.33
N LYS A 30 -17.97 -24.56 -1.73
CA LYS A 30 -17.59 -25.60 -0.76
C LYS A 30 -16.08 -25.79 -0.78
N ALA A 31 -15.41 -25.44 0.31
CA ALA A 31 -13.97 -25.59 0.40
C ALA A 31 -13.60 -27.04 0.75
N GLY A 32 -12.43 -27.47 0.30
CA GLY A 32 -11.97 -28.81 0.60
C GLY A 32 -12.87 -29.92 0.08
N ALA A 33 -13.31 -29.78 -1.17
CA ALA A 33 -14.19 -30.77 -1.78
C ALA A 33 -13.45 -31.69 -2.75
N LEU A 34 -12.32 -31.22 -3.28
CA LEU A 34 -11.54 -31.98 -4.25
C LEU A 34 -10.31 -32.64 -3.65
N GLY A 35 -9.94 -33.81 -4.18
CA GLY A 35 -8.78 -34.52 -3.69
C GLY A 35 -7.47 -33.98 -4.21
N VAL A 36 -6.38 -34.25 -3.50
CA VAL A 36 -5.06 -33.76 -3.91
C VAL A 36 -4.65 -34.17 -5.33
N ASP A 37 -4.94 -35.42 -5.71
CA ASP A 37 -4.58 -35.87 -7.04
C ASP A 37 -5.34 -35.11 -8.12
N THR A 38 -6.54 -34.64 -7.79
CA THR A 38 -7.33 -33.87 -8.74
C THR A 38 -6.65 -32.52 -8.98
N LEU A 39 -6.05 -31.97 -7.93
CA LEU A 39 -5.37 -30.69 -8.04
C LEU A 39 -4.12 -30.87 -8.88
N ILE A 40 -3.40 -31.96 -8.62
CA ILE A 40 -2.18 -32.26 -9.35
C ILE A 40 -2.47 -32.52 -10.83
N ASN A 41 -3.50 -33.31 -11.10
CA ASN A 41 -3.87 -33.62 -12.48
C ASN A 41 -4.36 -32.41 -13.25
N ALA A 42 -4.86 -31.41 -12.54
CA ALA A 42 -5.36 -30.19 -13.17
C ALA A 42 -4.23 -29.34 -13.72
N VAL A 43 -3.01 -29.57 -13.22
N VAL A 43 -3.02 -29.57 -13.22
CA VAL A 43 -1.85 -28.81 -13.69
CA VAL A 43 -1.84 -28.84 -13.65
C VAL A 43 -0.66 -29.74 -13.89
C VAL A 43 -0.67 -29.78 -13.87
N PRO A 44 -0.71 -30.56 -14.96
CA PRO A 44 0.35 -31.53 -15.30
C PRO A 44 1.74 -30.90 -15.40
N GLU A 45 1.80 -29.62 -15.75
CA GLU A 45 3.07 -28.93 -15.88
C GLU A 45 3.98 -29.09 -14.66
N VAL A 46 3.39 -29.37 -13.50
CA VAL A 46 4.17 -29.54 -12.28
C VAL A 46 5.21 -30.65 -12.40
N LYS A 47 4.87 -31.70 -13.14
CA LYS A 47 5.77 -32.83 -13.31
C LYS A 47 7.09 -32.47 -13.98
N LYS A 48 7.13 -31.29 -14.62
CA LYS A 48 8.33 -30.83 -15.28
C LYS A 48 9.17 -30.03 -14.28
N LEU A 49 8.56 -29.69 -13.14
CA LEU A 49 9.25 -28.94 -12.11
C LEU A 49 9.76 -29.87 -11.01
N ALA A 50 9.08 -30.99 -10.84
CA ALA A 50 9.45 -31.95 -9.80
C ALA A 50 8.70 -33.26 -9.89
N ASN A 51 9.18 -34.25 -9.16
CA ASN A 51 8.52 -35.54 -9.10
C ASN A 51 7.61 -35.33 -7.90
N VAL A 52 6.32 -35.16 -8.14
CA VAL A 52 5.39 -34.90 -7.05
C VAL A 52 4.60 -36.11 -6.58
N LYS A 53 4.25 -36.09 -5.30
CA LYS A 53 3.47 -37.15 -4.68
C LYS A 53 2.43 -36.45 -3.82
N GLY A 54 1.18 -36.81 -4.01
CA GLY A 54 0.12 -36.18 -3.24
C GLY A 54 -0.28 -37.00 -2.03
N GLU A 55 -0.48 -36.32 -0.91
CA GLU A 55 -0.90 -36.99 0.32
C GLU A 55 -2.05 -36.18 0.90
N GLN A 56 -3.17 -36.85 1.15
CA GLN A 56 -4.34 -36.19 1.71
C GLN A 56 -4.30 -36.20 3.23
N PHE A 57 -3.92 -35.08 3.82
CA PHE A 57 -3.83 -34.96 5.28
C PHE A 57 -5.22 -34.78 5.87
N SER A 58 -6.02 -33.92 5.22
CA SER A 58 -7.39 -33.62 5.63
C SER A 58 -8.03 -32.91 4.45
N ASN A 59 -9.30 -32.55 4.58
CA ASN A 59 -10.00 -31.84 3.52
C ASN A 59 -11.11 -31.04 4.19
N MET A 60 -10.73 -29.88 4.73
CA MET A 60 -11.67 -29.04 5.44
C MET A 60 -11.49 -27.57 5.07
N ALA A 61 -12.46 -26.76 5.44
CA ALA A 61 -12.38 -25.32 5.23
C ALA A 61 -11.47 -24.91 6.37
N SER A 62 -10.49 -24.04 6.12
CA SER A 62 -9.55 -23.67 7.16
C SER A 62 -10.14 -22.97 8.38
N GLU A 63 -11.35 -22.43 8.28
CA GLU A 63 -11.93 -21.79 9.45
C GLU A 63 -12.13 -22.86 10.53
N ASN A 64 -12.08 -24.13 10.11
CA ASN A 64 -12.24 -25.23 11.04
C ASN A 64 -10.95 -25.90 11.46
N MET A 65 -9.82 -25.38 10.97
CA MET A 65 -8.52 -25.93 11.34
C MET A 65 -8.32 -25.64 12.82
N THR A 66 -7.81 -26.63 13.55
CA THR A 66 -7.61 -26.50 15.00
C THR A 66 -6.18 -26.78 15.41
N GLY A 67 -5.79 -26.24 16.56
CA GLY A 67 -4.44 -26.44 17.07
C GLY A 67 -4.00 -27.88 17.11
N ASP A 68 -4.88 -28.78 17.57
CA ASP A 68 -4.54 -30.19 17.65
C ASP A 68 -4.23 -30.78 16.27
N VAL A 69 -4.97 -30.34 15.24
CA VAL A 69 -4.73 -30.82 13.89
C VAL A 69 -3.50 -30.15 13.30
N VAL A 70 -3.30 -28.87 13.60
CA VAL A 70 -2.13 -28.16 13.09
C VAL A 70 -0.90 -28.83 13.69
N LEU A 71 -1.03 -29.28 14.92
CA LEU A 71 0.06 -29.96 15.61
C LEU A 71 0.42 -31.23 14.85
N LYS A 72 -0.58 -32.01 14.46
CA LYS A 72 -0.34 -33.24 13.72
C LYS A 72 0.26 -32.91 12.36
N LEU A 73 -0.15 -31.79 11.78
CA LEU A 73 0.36 -31.37 10.48
C LEU A 73 1.87 -31.11 10.57
N SER A 74 2.28 -30.41 11.62
N SER A 74 2.27 -30.41 11.63
CA SER A 74 3.69 -30.10 11.80
CA SER A 74 3.68 -30.10 11.84
C SER A 74 4.50 -31.37 12.04
C SER A 74 4.49 -31.37 12.05
N GLN A 75 3.94 -32.31 12.81
CA GLN A 75 4.63 -33.55 13.09
C GLN A 75 4.77 -34.40 11.82
N ARG A 76 3.76 -34.37 10.97
CA ARG A 76 3.83 -35.13 9.73
C ARG A 76 4.83 -34.50 8.78
N VAL A 77 4.86 -33.17 8.72
CA VAL A 77 5.81 -32.51 7.85
C VAL A 77 7.22 -32.83 8.34
N ASN A 78 7.42 -32.85 9.66
CA ASN A 78 8.74 -33.18 10.20
C ASN A 78 9.14 -34.61 9.81
N GLU A 79 8.18 -35.53 9.79
CA GLU A 79 8.49 -36.90 9.42
C GLU A 79 8.93 -36.96 7.95
N LEU A 80 8.17 -36.28 7.10
CA LEU A 80 8.47 -36.25 5.67
C LEU A 80 9.85 -35.64 5.38
N LEU A 81 10.12 -34.48 5.97
CA LEU A 81 11.38 -33.78 5.76
C LEU A 81 12.60 -34.53 6.29
N ALA A 82 12.38 -35.49 7.19
CA ALA A 82 13.46 -36.28 7.74
C ALA A 82 13.90 -37.34 6.73
N ARG A 83 13.03 -37.63 5.77
CA ARG A 83 13.33 -38.63 4.74
C ARG A 83 14.28 -38.09 3.68
N ASP A 84 15.19 -38.94 3.23
CA ASP A 84 16.15 -38.55 2.21
C ASP A 84 15.48 -38.39 0.85
N ASP A 85 14.37 -39.10 0.64
CA ASP A 85 13.67 -39.03 -0.64
C ASP A 85 12.66 -37.91 -0.76
N VAL A 86 12.73 -36.93 0.15
CA VAL A 86 11.84 -35.78 0.12
C VAL A 86 12.68 -34.51 0.20
N ASP A 87 12.63 -33.69 -0.84
CA ASP A 87 13.40 -32.45 -0.87
C ASP A 87 12.63 -31.23 -0.40
N GLY A 88 11.30 -31.34 -0.40
CA GLY A 88 10.47 -30.23 0.02
C GLY A 88 9.01 -30.60 0.12
N VAL A 89 8.23 -29.75 0.77
CA VAL A 89 6.81 -30.00 0.94
C VAL A 89 5.93 -28.79 0.60
N VAL A 90 4.90 -29.04 -0.19
CA VAL A 90 3.93 -27.99 -0.54
C VAL A 90 2.67 -28.40 0.20
N ILE A 91 2.09 -27.46 0.95
CA ILE A 91 0.89 -27.72 1.74
C ILE A 91 -0.29 -26.88 1.26
N THR A 92 -1.31 -27.52 0.72
CA THR A 92 -2.47 -26.78 0.27
C THR A 92 -3.32 -26.52 1.50
N HIS A 93 -3.81 -25.29 1.63
CA HIS A 93 -4.55 -24.91 2.83
C HIS A 93 -5.52 -23.78 2.51
N GLY A 94 -6.62 -23.71 3.26
CA GLY A 94 -7.60 -22.65 3.04
C GLY A 94 -6.95 -21.33 3.41
N THR A 95 -7.34 -20.27 2.72
CA THR A 95 -6.76 -18.94 2.96
C THR A 95 -7.07 -18.28 4.30
N ASP A 96 -8.24 -18.54 4.86
CA ASP A 96 -8.64 -17.88 6.10
C ASP A 96 -7.71 -18.02 7.31
N THR A 97 -7.15 -19.21 7.53
CA THR A 97 -6.26 -19.37 8.67
C THR A 97 -4.89 -19.91 8.31
N VAL A 98 -4.52 -19.78 7.05
CA VAL A 98 -3.22 -20.26 6.61
C VAL A 98 -2.09 -19.54 7.35
N GLU A 99 -2.27 -18.26 7.68
CA GLU A 99 -1.23 -17.52 8.39
C GLU A 99 -0.98 -18.12 9.77
N GLU A 100 -2.03 -18.73 10.32
N GLU A 100 -2.01 -18.72 10.35
CA GLU A 100 -1.98 -19.37 11.63
CA GLU A 100 -1.91 -19.34 11.66
C GLU A 100 -1.20 -20.67 11.53
C GLU A 100 -1.21 -20.70 11.56
N SER A 101 -1.63 -21.53 10.62
CA SER A 101 -1.00 -22.83 10.41
C SER A 101 0.43 -22.70 9.96
N ALA A 102 0.67 -21.79 9.01
CA ALA A 102 2.00 -21.57 8.49
C ALA A 102 2.95 -21.09 9.57
N TYR A 103 2.52 -20.15 10.39
CA TYR A 103 3.39 -19.63 11.43
C TYR A 103 3.69 -20.69 12.47
N PHE A 104 2.73 -21.58 12.70
CA PHE A 104 2.94 -22.66 13.65
C PHE A 104 4.08 -23.55 13.18
N LEU A 105 4.01 -23.97 11.92
CA LEU A 105 5.08 -24.82 11.38
C LEU A 105 6.40 -24.06 11.25
N HIS A 106 6.30 -22.76 11.00
CA HIS A 106 7.46 -21.88 10.88
C HIS A 106 8.31 -22.03 12.15
N LEU A 107 7.61 -22.18 13.29
CA LEU A 107 8.25 -22.30 14.60
C LEU A 107 8.58 -23.72 15.03
N THR A 108 7.96 -24.72 14.40
CA THR A 108 8.14 -26.11 14.81
C THR A 108 8.79 -27.11 13.86
N VAL A 109 8.94 -26.74 12.58
CA VAL A 109 9.56 -27.65 11.63
C VAL A 109 11.08 -27.61 11.81
N LYS A 110 11.66 -28.76 12.13
CA LYS A 110 13.09 -28.87 12.37
C LYS A 110 13.90 -29.24 11.12
N SER A 111 13.75 -28.45 10.06
CA SER A 111 14.46 -28.72 8.82
C SER A 111 14.62 -27.44 8.00
N ASP A 112 15.66 -27.41 7.16
CA ASP A 112 15.93 -26.27 6.27
C ASP A 112 15.30 -26.52 4.91
N LYS A 113 14.72 -27.71 4.73
CA LYS A 113 14.08 -28.02 3.45
C LYS A 113 12.86 -27.13 3.34
N PRO A 114 12.55 -26.67 2.13
CA PRO A 114 11.39 -25.79 1.91
C PRO A 114 10.05 -26.34 2.31
N VAL A 115 9.29 -25.52 3.03
CA VAL A 115 7.93 -25.85 3.46
C VAL A 115 7.15 -24.68 2.90
N VAL A 116 6.35 -24.95 1.88
CA VAL A 116 5.59 -23.91 1.21
C VAL A 116 4.08 -24.11 1.28
N PHE A 117 3.38 -23.20 1.95
CA PHE A 117 1.95 -23.30 1.99
C PHE A 117 1.46 -22.62 0.72
N VAL A 118 0.41 -23.17 0.12
CA VAL A 118 -0.16 -22.58 -1.07
C VAL A 118 -1.67 -22.52 -0.88
N ALA A 119 -2.30 -21.51 -1.46
CA ALA A 119 -3.74 -21.35 -1.31
C ALA A 119 -4.29 -20.70 -2.58
N ALA A 120 -5.60 -20.48 -2.58
CA ALA A 120 -6.29 -19.87 -3.72
C ALA A 120 -7.52 -19.11 -3.19
N MET A 121 -7.81 -17.97 -3.80
CA MET A 121 -8.96 -17.17 -3.37
C MET A 121 -10.22 -17.47 -4.18
N ARG A 122 -10.07 -18.16 -5.30
CA ARG A 122 -11.21 -18.54 -6.11
C ARG A 122 -11.22 -20.07 -6.21
N PRO A 123 -12.42 -20.68 -6.18
CA PRO A 123 -12.50 -22.14 -6.27
C PRO A 123 -12.01 -22.69 -7.60
N ALA A 124 -11.61 -23.95 -7.61
CA ALA A 124 -11.10 -24.62 -8.80
C ALA A 124 -12.03 -24.55 -10.00
N THR A 125 -13.33 -24.42 -9.73
CA THR A 125 -14.36 -24.36 -10.78
C THR A 125 -14.61 -22.96 -11.31
N ALA A 126 -14.01 -21.96 -10.67
CA ALA A 126 -14.24 -20.58 -11.08
C ALA A 126 -13.52 -20.11 -12.33
N ILE A 127 -14.15 -19.17 -13.01
CA ILE A 127 -13.56 -18.57 -14.19
C ILE A 127 -12.33 -17.82 -13.68
N SER A 128 -11.20 -18.00 -14.37
N SER A 128 -11.20 -18.00 -14.37
CA SER A 128 -9.95 -17.36 -13.99
CA SER A 128 -9.95 -17.36 -13.98
C SER A 128 -9.51 -17.77 -12.58
C SER A 128 -9.51 -17.77 -12.58
N ALA A 129 -9.69 -19.06 -12.26
CA ALA A 129 -9.30 -19.59 -10.96
C ALA A 129 -7.79 -19.38 -10.80
N ASP A 130 -7.38 -18.90 -9.63
CA ASP A 130 -5.97 -18.64 -9.34
C ASP A 130 -5.18 -19.84 -8.81
N GLY A 131 -5.89 -20.85 -8.32
CA GLY A 131 -5.24 -22.03 -7.77
C GLY A 131 -4.22 -22.75 -8.62
N PRO A 132 -4.52 -23.03 -9.89
CA PRO A 132 -3.56 -23.72 -10.76
C PRO A 132 -2.19 -23.06 -10.81
N MET A 133 -2.16 -21.76 -11.07
CA MET A 133 -0.89 -21.05 -11.14
C MET A 133 -0.23 -20.96 -9.78
N ASN A 134 -1.01 -20.76 -8.73
CA ASN A 134 -0.42 -20.67 -7.39
C ASN A 134 0.26 -21.99 -7.01
N LEU A 135 -0.36 -23.11 -7.38
CA LEU A 135 0.21 -24.42 -7.07
C LEU A 135 1.52 -24.61 -7.82
N LEU A 136 1.52 -24.27 -9.11
N LEU A 136 1.54 -24.30 -9.11
CA LEU A 136 2.70 -24.38 -9.95
CA LEU A 136 2.76 -24.43 -9.90
C LEU A 136 3.85 -23.57 -9.35
C LEU A 136 3.87 -23.59 -9.30
N GLU A 137 3.55 -22.37 -8.89
CA GLU A 137 4.55 -21.50 -8.29
C GLU A 137 5.06 -22.08 -6.98
N ALA A 138 4.14 -22.66 -6.20
CA ALA A 138 4.52 -23.26 -4.92
C ALA A 138 5.51 -24.41 -5.13
N VAL A 139 5.24 -25.24 -6.13
CA VAL A 139 6.14 -26.36 -6.42
C VAL A 139 7.50 -25.86 -6.92
N ARG A 140 7.49 -24.79 -7.72
CA ARG A 140 8.75 -24.24 -8.22
C ARG A 140 9.59 -23.77 -7.03
N VAL A 141 8.95 -23.05 -6.10
CA VAL A 141 9.64 -22.53 -4.92
C VAL A 141 10.14 -23.67 -4.04
N ALA A 142 9.29 -24.65 -3.78
CA ALA A 142 9.66 -25.77 -2.93
C ALA A 142 10.83 -26.61 -3.48
N GLY A 143 10.92 -26.69 -4.80
CA GLY A 143 11.98 -27.48 -5.41
C GLY A 143 13.27 -26.76 -5.73
N ASP A 144 13.31 -25.44 -5.55
CA ASP A 144 14.50 -24.67 -5.85
C ASP A 144 15.51 -24.76 -4.70
N LYS A 145 16.75 -25.10 -5.02
CA LYS A 145 17.80 -25.22 -4.02
C LYS A 145 18.02 -23.91 -3.28
N GLN A 146 17.71 -22.79 -3.93
CA GLN A 146 17.91 -21.49 -3.31
C GLN A 146 16.82 -21.14 -2.29
N SER A 147 15.80 -21.98 -2.20
CA SER A 147 14.69 -21.76 -1.26
C SER A 147 14.94 -22.30 0.15
N ARG A 148 16.06 -22.98 0.35
CA ARG A 148 16.36 -23.57 1.65
C ARG A 148 16.74 -22.56 2.73
N GLY A 149 16.41 -22.91 3.98
CA GLY A 149 16.74 -22.07 5.13
C GLY A 149 16.06 -20.73 5.22
N ARG A 150 14.93 -20.57 4.55
CA ARG A 150 14.23 -19.27 4.58
C ARG A 150 13.03 -19.20 5.52
N GLY A 151 12.77 -20.28 6.25
CA GLY A 151 11.62 -20.30 7.13
C GLY A 151 10.42 -20.77 6.32
N VAL A 152 9.26 -20.90 6.95
CA VAL A 152 8.07 -21.35 6.24
C VAL A 152 7.56 -20.23 5.36
N MET A 153 7.11 -20.59 4.15
CA MET A 153 6.64 -19.62 3.18
C MET A 153 5.19 -19.84 2.76
N VAL A 154 4.57 -18.77 2.26
CA VAL A 154 3.19 -18.84 1.78
C VAL A 154 3.27 -18.27 0.37
N VAL A 155 2.93 -19.08 -0.62
CA VAL A 155 2.99 -18.67 -2.01
C VAL A 155 1.61 -18.53 -2.61
N ILE A 156 1.37 -17.38 -3.25
CA ILE A 156 0.09 -17.08 -3.89
C ILE A 156 0.20 -15.76 -4.62
N ASN A 157 -0.45 -15.68 -5.78
CA ASN A 157 -0.47 -14.46 -6.59
C ASN A 157 0.93 -13.93 -6.91
N ASP A 158 1.82 -14.83 -7.33
CA ASP A 158 3.20 -14.52 -7.70
C ASP A 158 4.09 -14.01 -6.58
N ARG A 159 3.60 -14.07 -5.34
CA ARG A 159 4.40 -13.58 -4.21
C ARG A 159 4.82 -14.69 -3.24
N ILE A 160 5.95 -14.50 -2.58
CA ILE A 160 6.45 -15.44 -1.59
C ILE A 160 6.51 -14.68 -0.27
N GLY A 161 5.64 -15.03 0.66
CA GLY A 161 5.64 -14.34 1.95
C GLY A 161 6.10 -15.19 3.10
N SER A 162 6.77 -14.57 4.06
CA SER A 162 7.25 -15.29 5.23
C SER A 162 6.06 -15.54 6.15
N ALA A 163 5.97 -16.73 6.70
CA ALA A 163 4.88 -17.08 7.59
C ALA A 163 4.77 -16.13 8.81
N ARG A 164 5.90 -15.54 9.21
CA ARG A 164 5.91 -14.64 10.35
C ARG A 164 5.34 -13.25 10.07
N TYR A 165 5.32 -12.86 8.80
CA TYR A 165 4.83 -11.53 8.41
C TYR A 165 3.56 -11.51 7.58
N ILE A 166 3.45 -12.46 6.66
CA ILE A 166 2.30 -12.51 5.77
C ILE A 166 0.99 -12.72 6.50
N THR A 167 -0.06 -12.06 6.03
CA THR A 167 -1.39 -12.15 6.62
C THR A 167 -2.43 -11.84 5.55
N LYS A 168 -3.63 -12.40 5.70
CA LYS A 168 -4.71 -12.13 4.75
C LYS A 168 -5.23 -10.74 5.14
N THR A 169 -5.05 -9.76 4.26
CA THR A 169 -5.45 -8.37 4.54
C THR A 169 -6.80 -7.97 3.96
N ASN A 170 -7.31 -8.77 3.04
CA ASN A 170 -8.58 -8.46 2.41
C ASN A 170 -9.50 -9.68 2.46
N ALA A 171 -10.77 -9.43 2.70
CA ALA A 171 -11.73 -10.51 2.81
C ALA A 171 -11.90 -11.32 1.53
N SER A 172 -11.84 -10.66 0.38
CA SER A 172 -12.15 -11.36 -0.87
C SER A 172 -11.32 -11.19 -2.14
N THR A 173 -10.19 -10.48 -2.07
CA THR A 173 -9.37 -10.26 -3.27
C THR A 173 -8.25 -11.28 -3.49
N LEU A 174 -7.82 -11.40 -4.74
CA LEU A 174 -6.76 -12.32 -5.13
C LEU A 174 -5.42 -11.93 -4.53
N ASP A 175 -5.22 -10.62 -4.43
CA ASP A 175 -3.97 -10.07 -3.90
C ASP A 175 -4.05 -9.80 -2.40
N THR A 176 -4.94 -10.50 -1.71
CA THR A 176 -5.12 -10.31 -0.27
C THR A 176 -3.88 -10.50 0.63
N PHE A 177 -3.06 -11.50 0.34
CA PHE A 177 -1.88 -11.71 1.19
C PHE A 177 -0.78 -10.69 0.96
N ARG A 178 -0.49 -9.91 2.02
CA ARG A 178 0.54 -8.89 1.97
C ARG A 178 1.15 -8.70 3.36
N ALA A 179 2.34 -8.12 3.40
CA ALA A 179 3.05 -7.81 4.64
C ALA A 179 3.41 -6.36 4.38
N ASN A 180 2.48 -5.47 4.69
CA ASN A 180 2.67 -4.04 4.42
C ASN A 180 4.01 -3.45 4.80
N GLU A 181 4.45 -3.69 6.03
CA GLU A 181 5.71 -3.12 6.50
C GLU A 181 6.95 -3.97 6.21
N GLU A 182 6.76 -5.27 6.06
CA GLU A 182 7.89 -6.18 5.84
C GLU A 182 8.12 -6.65 4.41
N GLY A 183 7.16 -6.43 3.54
CA GLY A 183 7.30 -6.86 2.16
C GLY A 183 7.32 -8.37 2.01
N TYR A 184 7.61 -8.83 0.80
CA TYR A 184 7.68 -10.26 0.50
C TYR A 184 9.12 -10.77 0.49
N LEU A 185 9.28 -12.05 0.81
CA LEU A 185 10.62 -12.63 0.79
C LEU A 185 11.08 -12.67 -0.65
N GLY A 186 10.12 -12.84 -1.57
CA GLY A 186 10.48 -12.87 -2.97
C GLY A 186 9.23 -12.90 -3.84
N VAL A 187 9.43 -12.95 -5.15
CA VAL A 187 8.32 -12.98 -6.10
C VAL A 187 8.65 -13.95 -7.22
N ILE A 188 7.64 -14.41 -7.94
CA ILE A 188 7.84 -15.33 -9.04
C ILE A 188 7.25 -14.70 -10.29
N ILE A 189 8.12 -14.34 -11.23
CA ILE A 189 7.71 -13.70 -12.48
C ILE A 189 8.36 -14.39 -13.66
N GLY A 190 7.58 -14.68 -14.70
CA GLY A 190 8.12 -15.33 -15.88
C GLY A 190 8.81 -16.65 -15.59
N ASN A 191 8.24 -17.43 -14.68
CA ASN A 191 8.79 -18.73 -14.30
C ASN A 191 10.15 -18.65 -13.63
N ARG A 192 10.44 -17.51 -13.03
CA ARG A 192 11.72 -17.33 -12.35
C ARG A 192 11.49 -16.76 -10.96
N ILE A 193 12.25 -17.25 -9.99
CA ILE A 193 12.10 -16.76 -8.62
C ILE A 193 13.09 -15.64 -8.36
N TYR A 194 12.60 -14.57 -7.73
CA TYR A 194 13.43 -13.43 -7.38
C TYR A 194 13.36 -13.27 -5.86
N TYR A 195 14.43 -13.64 -5.17
CA TYR A 195 14.47 -13.53 -3.72
C TYR A 195 14.97 -12.14 -3.34
N GLN A 196 14.18 -11.48 -2.50
CA GLN A 196 14.45 -10.11 -2.07
C GLN A 196 14.97 -9.98 -0.64
N ASN A 197 14.37 -10.73 0.28
CA ASN A 197 14.71 -10.66 1.69
C ASN A 197 14.85 -12.02 2.34
N ARG A 198 15.53 -12.02 3.49
CA ARG A 198 15.68 -13.18 4.34
C ARG A 198 15.16 -12.58 5.65
N ILE A 199 14.22 -13.24 6.30
CA ILE A 199 13.66 -12.73 7.54
C ILE A 199 14.73 -12.71 8.64
N ASP A 200 14.76 -11.62 9.41
CA ASP A 200 15.72 -11.47 10.50
C ASP A 200 15.10 -11.88 11.84
N LYS A 201 14.63 -13.11 11.90
CA LYS A 201 14.00 -13.67 13.10
C LYS A 201 14.33 -15.15 13.18
N LEU A 202 14.16 -15.73 14.36
CA LEU A 202 14.43 -17.14 14.57
C LEU A 202 13.28 -17.98 14.03
N HIS A 203 13.63 -19.15 13.49
CA HIS A 203 12.64 -20.05 12.94
C HIS A 203 13.24 -21.42 12.65
N THR A 204 12.36 -22.35 12.28
CA THR A 204 12.71 -23.72 11.94
C THR A 204 13.88 -24.38 12.70
N THR A 205 15.00 -24.59 12.02
CA THR A 205 16.17 -25.24 12.63
C THR A 205 16.83 -24.48 13.79
N ARG A 206 16.47 -23.22 13.96
CA ARG A 206 17.04 -22.43 15.04
C ARG A 206 15.98 -22.07 16.07
N SER A 207 14.85 -22.74 16.00
CA SER A 207 13.76 -22.50 16.94
C SER A 207 13.83 -23.49 18.10
N VAL A 208 13.50 -23.02 19.29
N VAL A 208 13.49 -23.01 19.29
CA VAL A 208 13.52 -23.87 20.48
CA VAL A 208 13.53 -23.86 20.47
C VAL A 208 12.21 -24.62 20.66
C VAL A 208 12.21 -24.60 20.67
N PHE A 209 11.21 -24.25 19.87
CA PHE A 209 9.90 -24.88 19.96
C PHE A 209 9.73 -26.24 19.30
N ASP A 210 9.94 -27.31 20.07
CA ASP A 210 9.76 -28.65 19.53
C ASP A 210 8.50 -29.24 20.17
N VAL A 211 7.58 -29.71 19.33
CA VAL A 211 6.33 -30.26 19.83
C VAL A 211 6.07 -31.68 19.32
N ARG A 212 7.14 -32.38 18.95
CA ARG A 212 6.99 -33.73 18.45
C ARG A 212 6.49 -34.68 19.53
N GLY A 213 6.64 -34.28 20.79
CA GLY A 213 6.18 -35.11 21.90
C GLY A 213 4.87 -34.66 22.51
N LEU A 214 4.14 -33.77 21.82
CA LEU A 214 2.87 -33.25 22.32
C LEU A 214 1.71 -33.66 21.42
N THR A 215 0.49 -33.62 21.95
CA THR A 215 -0.70 -33.96 21.16
C THR A 215 -1.70 -32.80 21.19
N SER A 216 -1.37 -31.76 21.94
N SER A 216 -1.36 -31.76 21.94
CA SER A 216 -2.23 -30.59 22.05
CA SER A 216 -2.22 -30.58 22.03
C SER A 216 -1.43 -29.40 22.60
C SER A 216 -1.43 -29.40 22.59
N LEU A 217 -2.01 -28.21 22.49
CA LEU A 217 -1.34 -27.00 22.98
C LEU A 217 -2.14 -26.24 24.02
N PRO A 218 -1.45 -25.42 24.83
CA PRO A 218 -2.13 -24.63 25.87
C PRO A 218 -3.22 -23.77 25.22
N LYS A 219 -4.35 -23.64 25.91
CA LYS A 219 -5.48 -22.86 25.41
C LYS A 219 -5.25 -21.35 25.48
N VAL A 220 -5.54 -20.68 24.37
CA VAL A 220 -5.37 -19.23 24.29
C VAL A 220 -6.51 -18.65 23.48
N ASP A 221 -7.17 -17.63 24.04
CA ASP A 221 -8.26 -17.00 23.32
C ASP A 221 -7.92 -15.57 22.99
N ILE A 222 -8.65 -15.00 22.03
CA ILE A 222 -8.40 -13.63 21.60
C ILE A 222 -9.60 -12.75 21.88
N LEU A 223 -9.35 -11.64 22.58
CA LEU A 223 -10.41 -10.69 22.90
C LEU A 223 -10.16 -9.37 22.19
N TYR A 224 -11.18 -8.83 21.56
CA TYR A 224 -11.08 -7.58 20.80
C TYR A 224 -11.12 -6.34 21.70
N GLY A 225 -10.52 -5.25 21.20
CA GLY A 225 -10.51 -3.99 21.92
C GLY A 225 -11.32 -2.98 21.11
N TYR A 226 -12.23 -2.27 21.76
CA TYR A 226 -13.08 -1.29 21.10
C TYR A 226 -13.84 -0.48 22.15
N GLN A 227 -14.48 0.60 21.73
CA GLN A 227 -15.24 1.42 22.66
C GLN A 227 -16.28 0.57 23.39
N ASP A 228 -16.35 0.72 24.70
CA ASP A 228 -17.30 -0.03 25.52
C ASP A 228 -16.98 -1.51 25.65
N ASP A 229 -15.76 -1.92 25.32
CA ASP A 229 -15.41 -3.34 25.44
C ASP A 229 -15.75 -3.85 26.84
N PRO A 230 -16.47 -4.98 26.93
CA PRO A 230 -16.88 -5.58 28.20
C PRO A 230 -15.86 -6.34 29.04
N GLU A 231 -15.97 -6.18 30.35
CA GLU A 231 -15.09 -6.87 31.29
C GLU A 231 -15.50 -8.35 31.38
N TYR A 232 -16.79 -8.62 31.21
CA TYR A 232 -17.29 -9.99 31.32
C TYR A 232 -16.68 -10.99 30.34
N LEU A 233 -16.12 -10.51 29.24
CA LEU A 233 -15.52 -11.43 28.28
C LEU A 233 -14.21 -11.98 28.86
N TYR A 234 -13.54 -11.17 29.68
CA TYR A 234 -12.31 -11.60 30.33
C TYR A 234 -12.70 -12.63 31.39
N ASP A 235 -13.77 -12.33 32.12
CA ASP A 235 -14.27 -13.23 33.15
C ASP A 235 -14.58 -14.58 32.51
N ALA A 236 -15.30 -14.56 31.39
CA ALA A 236 -15.67 -15.79 30.70
C ALA A 236 -14.46 -16.62 30.28
N ALA A 237 -13.46 -15.96 29.70
CA ALA A 237 -12.26 -16.65 29.24
C ALA A 237 -11.54 -17.31 30.41
N ILE A 238 -11.34 -16.57 31.48
CA ILE A 238 -10.67 -17.09 32.67
C ILE A 238 -11.41 -18.33 33.18
N GLN A 239 -12.72 -18.18 33.35
CA GLN A 239 -13.56 -19.27 33.86
C GLN A 239 -13.52 -20.53 32.99
N HIS A 240 -13.22 -20.37 31.70
CA HIS A 240 -13.16 -21.52 30.82
C HIS A 240 -11.77 -22.13 30.67
N GLY A 241 -10.87 -21.75 31.57
CA GLY A 241 -9.53 -22.31 31.57
C GLY A 241 -8.46 -21.88 30.58
N VAL A 242 -8.54 -20.68 30.04
CA VAL A 242 -7.49 -20.26 29.11
C VAL A 242 -6.18 -20.18 29.88
N LYS A 243 -5.06 -20.41 29.18
CA LYS A 243 -3.74 -20.33 29.78
C LYS A 243 -3.16 -18.98 29.37
N GLY A 244 -3.75 -18.41 28.33
CA GLY A 244 -3.31 -17.12 27.86
C GLY A 244 -4.43 -16.37 27.14
N ILE A 245 -4.29 -15.06 27.09
CA ILE A 245 -5.27 -14.22 26.41
C ILE A 245 -4.50 -13.26 25.51
N VAL A 246 -4.85 -13.24 24.23
CA VAL A 246 -4.23 -12.31 23.31
C VAL A 246 -5.27 -11.21 23.14
N TYR A 247 -4.83 -9.97 23.34
CA TYR A 247 -5.72 -8.82 23.24
C TYR A 247 -5.50 -8.10 21.91
N ALA A 248 -6.51 -8.11 21.05
CA ALA A 248 -6.42 -7.43 19.75
C ALA A 248 -6.84 -6.01 20.10
N GLY A 249 -5.92 -5.29 20.71
CA GLY A 249 -6.23 -3.96 21.20
C GLY A 249 -6.35 -2.75 20.31
N MET A 250 -6.98 -1.74 20.89
CA MET A 250 -7.17 -0.45 20.23
C MET A 250 -5.77 0.14 20.13
N GLY A 251 -5.45 0.74 18.99
CA GLY A 251 -4.13 1.33 18.81
C GLY A 251 -2.98 0.41 19.17
N ALA A 252 -2.00 0.95 19.89
CA ALA A 252 -0.83 0.17 20.29
C ALA A 252 -1.14 -0.65 21.54
N GLY A 253 -2.12 -1.53 21.43
CA GLY A 253 -2.51 -2.35 22.57
C GLY A 253 -3.02 -1.54 23.76
N SER A 254 -3.63 -0.39 23.50
N SER A 254 -3.63 -0.39 23.50
CA SER A 254 -4.16 0.45 24.57
CA SER A 254 -4.17 0.45 24.57
C SER A 254 -5.35 -0.25 25.21
C SER A 254 -5.36 -0.25 25.21
N VAL A 255 -5.51 -0.08 26.52
CA VAL A 255 -6.58 -0.73 27.27
C VAL A 255 -7.50 0.20 28.05
N SER A 256 -8.80 -0.05 27.95
CA SER A 256 -9.81 0.74 28.65
C SER A 256 -9.80 0.32 30.12
N VAL A 257 -10.48 1.09 30.97
CA VAL A 257 -10.54 0.75 32.39
C VAL A 257 -11.17 -0.63 32.59
N ARG A 258 -12.10 -0.98 31.72
CA ARG A 258 -12.77 -2.28 31.81
C ARG A 258 -11.81 -3.38 31.37
N GLY A 259 -11.00 -3.09 30.36
CA GLY A 259 -10.04 -4.08 29.89
C GLY A 259 -8.95 -4.28 30.92
N ILE A 260 -8.58 -3.22 31.63
CA ILE A 260 -7.54 -3.31 32.64
C ILE A 260 -8.00 -4.17 33.80
N ALA A 261 -9.26 -4.00 34.21
CA ALA A 261 -9.81 -4.79 35.31
C ALA A 261 -9.82 -6.27 34.91
N GLY A 262 -10.25 -6.55 33.68
CA GLY A 262 -10.28 -7.93 33.21
C GLY A 262 -8.89 -8.54 33.14
N MET A 263 -7.91 -7.77 32.69
CA MET A 263 -6.55 -8.27 32.61
C MET A 263 -5.97 -8.55 33.99
N ARG A 264 -6.30 -7.69 34.94
CA ARG A 264 -5.81 -7.86 36.31
C ARG A 264 -6.28 -9.20 36.86
N LYS A 265 -7.56 -9.50 36.65
CA LYS A 265 -8.15 -10.76 37.11
C LYS A 265 -7.45 -11.94 36.45
N ALA A 266 -7.18 -11.82 35.15
CA ALA A 266 -6.50 -12.86 34.40
C ALA A 266 -5.11 -13.11 34.98
N LEU A 267 -4.37 -12.04 35.25
CA LEU A 267 -3.04 -12.20 35.81
C LEU A 267 -3.06 -12.86 37.19
N GLU A 268 -4.06 -12.51 38.01
CA GLU A 268 -4.16 -13.11 39.34
C GLU A 268 -4.43 -14.61 39.28
N LYS A 269 -4.97 -15.06 38.16
CA LYS A 269 -5.28 -16.48 37.97
C LYS A 269 -4.16 -17.23 37.25
N GLY A 270 -3.05 -16.55 37.03
CA GLY A 270 -1.92 -17.18 36.37
C GLY A 270 -2.01 -17.18 34.86
N VAL A 271 -2.99 -16.48 34.31
CA VAL A 271 -3.15 -16.41 32.85
C VAL A 271 -2.19 -15.37 32.29
N VAL A 272 -1.51 -15.73 31.19
CA VAL A 272 -0.58 -14.81 30.56
C VAL A 272 -1.33 -13.93 29.57
N VAL A 273 -1.24 -12.62 29.77
CA VAL A 273 -1.91 -11.64 28.91
C VAL A 273 -0.92 -11.05 27.91
N MET A 274 -1.26 -11.13 26.63
CA MET A 274 -0.42 -10.63 25.55
C MET A 274 -1.14 -9.54 24.76
N ARG A 275 -0.64 -8.31 24.84
CA ARG A 275 -1.26 -7.19 24.15
C ARG A 275 -0.75 -7.00 22.72
N SER A 276 -1.66 -7.20 21.78
CA SER A 276 -1.39 -7.04 20.35
C SER A 276 -2.26 -5.89 19.88
N THR A 277 -2.56 -5.82 18.58
CA THR A 277 -3.35 -4.71 18.07
C THR A 277 -4.36 -5.14 16.99
N ARG A 278 -5.48 -4.43 16.96
CA ARG A 278 -6.53 -4.69 15.98
C ARG A 278 -6.26 -3.93 14.68
N THR A 279 -5.33 -2.99 14.71
CA THR A 279 -5.05 -2.14 13.54
C THR A 279 -4.66 -2.85 12.27
N GLY A 280 -3.84 -3.90 12.41
CA GLY A 280 -3.41 -4.66 11.25
C GLY A 280 -1.92 -4.68 11.00
N ASN A 281 -1.19 -3.68 11.50
CA ASN A 281 0.25 -3.60 11.27
C ASN A 281 0.95 -2.89 12.40
N GLY A 282 2.27 -3.00 12.45
CA GLY A 282 3.00 -2.26 13.46
C GLY A 282 3.42 -2.87 14.75
N ILE A 283 4.14 -2.05 15.51
CA ILE A 283 4.71 -2.43 16.80
C ILE A 283 3.88 -2.02 18.01
N VAL A 284 3.63 -2.97 18.91
CA VAL A 284 2.95 -2.64 20.17
C VAL A 284 4.20 -2.57 21.04
N PRO A 285 4.55 -1.37 21.54
CA PRO A 285 5.73 -1.17 22.38
C PRO A 285 5.56 -1.48 23.86
N PRO A 286 6.68 -1.71 24.56
CA PRO A 286 6.60 -2.01 25.98
C PRO A 286 6.03 -0.78 26.69
N ASP A 287 5.31 -1.01 27.78
CA ASP A 287 4.73 0.06 28.58
C ASP A 287 4.51 -0.51 29.96
N GLU A 288 5.43 -0.22 30.87
N GLU A 288 5.43 -0.24 30.88
CA GLU A 288 5.36 -0.71 32.25
CA GLU A 288 5.34 -0.75 32.23
C GLU A 288 4.13 -0.23 33.00
C GLU A 288 4.12 -0.23 33.01
N GLU A 289 3.43 0.75 32.45
CA GLU A 289 2.23 1.29 33.09
C GLU A 289 0.97 0.49 32.75
N LEU A 290 1.09 -0.44 31.82
CA LEU A 290 -0.03 -1.27 31.42
C LEU A 290 0.22 -2.73 31.81
N PRO A 291 -0.86 -3.50 32.01
CA PRO A 291 -0.69 -4.91 32.39
C PRO A 291 -0.34 -5.79 31.20
N GLY A 292 0.26 -6.94 31.49
CA GLY A 292 0.60 -7.88 30.44
C GLY A 292 1.85 -7.61 29.62
N LEU A 293 2.04 -8.45 28.62
N LEU A 293 2.06 -8.46 28.62
CA LEU A 293 3.18 -8.36 27.73
CA LEU A 293 3.21 -8.33 27.74
C LEU A 293 2.77 -7.70 26.42
C LEU A 293 2.78 -7.66 26.43
N VAL A 294 3.74 -7.42 25.56
CA VAL A 294 3.47 -6.78 24.26
C VAL A 294 3.88 -7.70 23.11
N SER A 295 3.13 -7.64 22.02
CA SER A 295 3.35 -8.53 20.90
C SER A 295 4.36 -8.14 19.81
N ASP A 296 5.16 -7.09 20.04
CA ASP A 296 6.13 -6.69 19.03
C ASP A 296 5.30 -6.42 17.75
N SER A 297 5.70 -6.98 16.60
CA SER A 297 4.93 -6.76 15.38
C SER A 297 3.97 -7.89 15.01
N LEU A 298 3.79 -8.85 15.92
N LEU A 298 3.78 -8.85 15.92
CA LEU A 298 2.88 -9.98 15.65
CA LEU A 298 2.88 -9.97 15.68
C LEU A 298 1.44 -9.52 15.76
C LEU A 298 1.43 -9.52 15.77
N ASN A 299 0.62 -9.87 14.78
CA ASN A 299 -0.78 -9.50 14.80
C ASN A 299 -1.47 -10.50 15.75
N PRO A 300 -2.74 -10.26 16.08
CA PRO A 300 -3.45 -11.18 17.00
C PRO A 300 -3.37 -12.68 16.67
N ALA A 301 -3.66 -13.03 15.43
CA ALA A 301 -3.62 -14.43 15.00
C ALA A 301 -2.24 -15.05 15.19
N HIS A 302 -1.20 -14.31 14.84
CA HIS A 302 0.17 -14.78 14.96
C HIS A 302 0.59 -14.84 16.42
N ALA A 303 0.20 -13.81 17.18
CA ALA A 303 0.54 -13.74 18.60
C ALA A 303 -0.02 -14.94 19.36
N ARG A 304 -1.25 -15.34 19.04
CA ARG A 304 -1.84 -16.47 19.73
C ARG A 304 -0.99 -17.74 19.53
N ILE A 305 -0.60 -17.98 18.28
CA ILE A 305 0.20 -19.15 17.95
C ILE A 305 1.51 -19.18 18.71
N LEU A 306 2.23 -18.07 18.73
CA LEU A 306 3.50 -18.03 19.44
C LEU A 306 3.29 -18.19 20.95
N LEU A 307 2.21 -17.59 21.47
CA LEU A 307 1.96 -17.70 22.91
C LEU A 307 1.64 -19.13 23.31
N MET A 308 0.90 -19.83 22.46
CA MET A 308 0.56 -21.22 22.74
C MET A 308 1.84 -22.04 22.82
N LEU A 309 2.75 -21.80 21.89
N LEU A 309 2.75 -21.80 21.89
CA LEU A 309 4.02 -22.52 21.87
CA LEU A 309 4.02 -22.52 21.88
C LEU A 309 4.93 -22.09 23.01
C LEU A 309 4.90 -22.09 23.05
N ALA A 310 4.90 -20.80 23.33
CA ALA A 310 5.71 -20.27 24.42
C ALA A 310 5.33 -20.97 25.73
N LEU A 311 4.03 -21.14 25.93
CA LEU A 311 3.50 -21.77 27.14
C LEU A 311 3.84 -23.25 27.31
N THR A 312 4.29 -23.90 26.24
CA THR A 312 4.67 -25.31 26.33
C THR A 312 6.09 -25.38 26.90
N ARG A 313 6.74 -24.24 26.95
CA ARG A 313 8.12 -24.14 27.43
C ARG A 313 8.29 -23.49 28.78
N THR A 314 7.50 -22.45 29.03
CA THR A 314 7.63 -21.69 30.27
C THR A 314 6.38 -20.89 30.58
N SER A 315 6.33 -20.34 31.79
CA SER A 315 5.24 -19.49 32.23
C SER A 315 5.87 -18.17 32.68
N ASP A 316 7.19 -18.10 32.58
CA ASP A 316 7.96 -16.90 32.97
C ASP A 316 7.72 -15.78 31.96
N PRO A 317 7.02 -14.71 32.39
CA PRO A 317 6.71 -13.57 31.51
C PRO A 317 7.92 -12.96 30.80
N LYS A 318 9.06 -12.88 31.49
CA LYS A 318 10.25 -12.31 30.89
C LYS A 318 10.76 -13.16 29.74
N VAL A 319 10.65 -14.48 29.89
CA VAL A 319 11.11 -15.37 28.84
C VAL A 319 10.18 -15.30 27.65
N ILE A 320 8.88 -15.29 27.93
CA ILE A 320 7.86 -15.21 26.88
C ILE A 320 8.01 -13.90 26.11
N GLN A 321 8.28 -12.81 26.84
CA GLN A 321 8.44 -11.51 26.19
C GLN A 321 9.61 -11.55 25.21
N GLU A 322 10.71 -12.16 25.62
CA GLU A 322 11.89 -12.25 24.76
C GLU A 322 11.55 -13.06 23.51
N TYR A 323 10.74 -14.11 23.68
CA TYR A 323 10.35 -14.93 22.54
C TYR A 323 9.64 -14.02 21.54
N PHE A 324 8.78 -13.15 22.02
CA PHE A 324 8.03 -12.27 21.13
C PHE A 324 8.85 -11.23 20.39
N HIS A 325 10.06 -10.95 20.89
CA HIS A 325 10.93 -9.98 20.22
C HIS A 325 11.93 -10.66 19.29
N THR A 326 11.98 -12.00 19.33
CA THR A 326 12.94 -12.73 18.52
C THR A 326 12.39 -13.75 17.52
N TYR A 327 11.12 -14.13 17.68
CA TYR A 327 10.50 -15.09 16.78
C TYR A 327 9.46 -14.44 15.87
N LEU B 4 -31.98 -6.86 -20.81
CA LEU B 4 -30.48 -6.87 -20.86
C LEU B 4 -29.93 -5.65 -21.59
N PRO B 5 -28.88 -5.04 -21.03
CA PRO B 5 -28.30 -3.86 -21.68
C PRO B 5 -27.55 -4.25 -22.95
N ASN B 6 -27.49 -3.32 -23.90
CA ASN B 6 -26.79 -3.55 -25.15
C ASN B 6 -25.38 -2.98 -25.01
N ILE B 7 -24.41 -3.86 -24.91
CA ILE B 7 -23.02 -3.45 -24.74
C ILE B 7 -22.16 -3.81 -25.94
N VAL B 8 -21.39 -2.84 -26.39
CA VAL B 8 -20.49 -3.06 -27.51
C VAL B 8 -19.11 -3.30 -26.93
N ILE B 9 -18.46 -4.36 -27.39
CA ILE B 9 -17.10 -4.64 -26.94
C ILE B 9 -16.19 -4.20 -28.08
N LEU B 10 -15.52 -3.07 -27.90
N LEU B 10 -15.52 -3.06 -27.89
CA LEU B 10 -14.61 -2.52 -28.91
CA LEU B 10 -14.59 -2.52 -28.87
C LEU B 10 -13.18 -2.96 -28.61
C LEU B 10 -13.19 -3.02 -28.56
N ALA B 11 -12.66 -3.89 -29.41
CA ALA B 11 -11.31 -4.44 -29.20
C ALA B 11 -10.20 -3.66 -29.89
N THR B 12 -9.08 -3.46 -29.19
CA THR B 12 -7.95 -2.75 -29.75
C THR B 12 -6.69 -3.60 -29.72
N GLY B 13 -6.70 -4.68 -28.94
CA GLY B 13 -5.55 -5.57 -28.83
C GLY B 13 -5.18 -5.94 -27.41
N GLY B 14 -3.89 -6.00 -27.12
CA GLY B 14 -3.42 -6.30 -25.77
C GLY B 14 -3.27 -7.76 -25.35
N THR B 15 -2.72 -7.94 -24.15
CA THR B 15 -2.49 -9.26 -23.57
C THR B 15 -3.81 -10.04 -23.36
N ILE B 16 -4.90 -9.31 -23.16
CA ILE B 16 -6.21 -9.95 -22.97
C ILE B 16 -6.55 -10.73 -24.24
N ALA B 17 -5.91 -10.35 -25.33
CA ALA B 17 -6.09 -11.02 -26.62
C ALA B 17 -4.74 -11.59 -27.01
N GLY B 18 -3.90 -11.84 -26.01
CA GLY B 18 -2.58 -12.38 -26.25
C GLY B 18 -2.54 -13.90 -26.28
N SER B 19 -1.47 -14.44 -26.86
CA SER B 19 -1.32 -15.88 -26.98
C SER B 19 0.15 -16.32 -26.98
N ALA B 20 0.41 -17.48 -26.39
CA ALA B 20 1.75 -18.04 -26.33
C ALA B 20 1.66 -19.53 -26.67
N ALA B 21 2.79 -20.14 -27.00
CA ALA B 21 2.82 -21.55 -27.36
C ALA B 21 2.53 -22.49 -26.20
N THR B 22 2.82 -22.03 -24.98
CA THR B 22 2.59 -22.84 -23.79
C THR B 22 1.72 -22.09 -22.78
N GLY B 23 1.13 -22.82 -21.84
CA GLY B 23 0.28 -22.21 -20.84
C GLY B 23 1.09 -21.67 -19.68
N THR B 24 2.39 -21.97 -19.67
CA THR B 24 3.27 -21.51 -18.60
C THR B 24 3.99 -20.21 -18.99
N GLN B 25 3.96 -19.88 -20.27
CA GLN B 25 4.60 -18.65 -20.72
C GLN B 25 3.67 -17.49 -20.42
N THR B 26 4.05 -16.67 -19.45
CA THR B 26 3.23 -15.53 -19.05
C THR B 26 3.91 -14.21 -19.44
N THR B 27 5.11 -14.31 -19.99
CA THR B 27 5.87 -13.14 -20.42
C THR B 27 6.40 -13.32 -21.84
N GLY B 28 6.61 -12.20 -22.53
CA GLY B 28 7.14 -12.25 -23.89
C GLY B 28 6.23 -12.93 -24.91
N TYR B 29 4.93 -12.88 -24.68
CA TYR B 29 3.95 -13.50 -25.57
C TYR B 29 3.56 -12.52 -26.69
N LYS B 30 2.65 -12.97 -27.56
CA LYS B 30 2.18 -12.14 -28.66
C LYS B 30 0.88 -11.44 -28.25
N ALA B 31 0.94 -10.12 -28.11
CA ALA B 31 -0.24 -9.35 -27.74
C ALA B 31 -1.09 -9.06 -28.99
N GLY B 32 -2.41 -8.93 -28.79
CA GLY B 32 -3.30 -8.65 -29.91
C GLY B 32 -3.24 -9.71 -31.00
N ALA B 33 -3.36 -10.97 -30.60
CA ALA B 33 -3.30 -12.08 -31.53
C ALA B 33 -4.68 -12.69 -31.79
N LEU B 34 -5.55 -12.61 -30.79
N LEU B 34 -5.55 -12.63 -30.78
CA LEU B 34 -6.89 -13.18 -30.89
CA LEU B 34 -6.89 -13.18 -30.89
C LEU B 34 -7.93 -12.12 -31.25
C LEU B 34 -7.93 -12.13 -31.26
N GLY B 35 -8.97 -12.56 -31.97
CA GLY B 35 -10.03 -11.65 -32.38
C GLY B 35 -11.05 -11.45 -31.28
N VAL B 36 -11.83 -10.37 -31.37
CA VAL B 36 -12.84 -10.06 -30.36
C VAL B 36 -13.87 -11.17 -30.14
N ASP B 37 -14.36 -11.77 -31.22
CA ASP B 37 -15.34 -12.83 -31.09
C ASP B 37 -14.79 -14.04 -30.34
N THR B 38 -13.49 -14.28 -30.49
CA THR B 38 -12.88 -15.40 -29.78
C THR B 38 -12.87 -15.10 -28.29
N LEU B 39 -12.71 -13.83 -27.94
CA LEU B 39 -12.72 -13.45 -26.54
C LEU B 39 -14.12 -13.62 -25.99
N ILE B 40 -15.13 -13.18 -26.75
CA ILE B 40 -16.50 -13.28 -26.32
C ILE B 40 -16.97 -14.73 -26.16
N ASN B 41 -16.71 -15.56 -27.16
CA ASN B 41 -17.12 -16.95 -27.09
C ASN B 41 -16.36 -17.75 -26.03
N ALA B 42 -15.18 -17.26 -25.63
CA ALA B 42 -14.37 -17.93 -24.62
C ALA B 42 -14.93 -17.70 -23.23
N VAL B 43 -15.69 -16.62 -23.07
CA VAL B 43 -16.32 -16.31 -21.80
C VAL B 43 -17.78 -15.99 -22.09
N PRO B 44 -18.52 -17.00 -22.56
CA PRO B 44 -19.94 -16.90 -22.92
C PRO B 44 -20.83 -16.38 -21.79
N GLU B 45 -20.34 -16.45 -20.56
CA GLU B 45 -21.11 -15.96 -19.44
C GLU B 45 -21.46 -14.49 -19.61
N VAL B 46 -20.70 -13.76 -20.42
CA VAL B 46 -20.99 -12.35 -20.63
C VAL B 46 -22.36 -12.17 -21.27
N LYS B 47 -22.78 -13.18 -22.02
CA LYS B 47 -24.07 -13.13 -22.71
C LYS B 47 -25.29 -13.11 -21.79
N LYS B 48 -25.08 -13.48 -20.53
N LYS B 48 -25.11 -13.49 -20.53
CA LYS B 48 -26.18 -13.49 -19.57
CA LYS B 48 -26.23 -13.46 -19.59
C LYS B 48 -26.27 -12.15 -18.84
C LYS B 48 -26.28 -12.14 -18.84
N LEU B 49 -25.27 -11.30 -19.04
CA LEU B 49 -25.23 -10.00 -18.40
C LEU B 49 -25.65 -8.88 -19.35
N ALA B 50 -25.56 -9.15 -20.64
CA ALA B 50 -25.94 -8.15 -21.62
C ALA B 50 -25.97 -8.73 -23.02
N ASN B 51 -26.48 -7.94 -23.96
CA ASN B 51 -26.51 -8.35 -25.36
C ASN B 51 -25.24 -7.73 -25.90
N VAL B 52 -24.22 -8.56 -26.09
CA VAL B 52 -22.92 -8.11 -26.55
C VAL B 52 -22.70 -8.16 -28.06
N LYS B 53 -22.07 -7.10 -28.57
CA LYS B 53 -21.73 -6.99 -29.98
C LYS B 53 -20.25 -6.64 -30.04
N GLY B 54 -19.46 -7.49 -30.70
CA GLY B 54 -18.04 -7.23 -30.80
C GLY B 54 -17.67 -6.43 -32.03
N GLU B 55 -16.68 -5.55 -31.89
CA GLU B 55 -16.19 -4.73 -32.99
C GLU B 55 -14.68 -4.66 -32.89
N GLN B 56 -13.98 -5.06 -33.95
CA GLN B 56 -12.52 -5.03 -33.94
C GLN B 56 -12.00 -3.68 -34.43
N PHE B 57 -11.67 -2.81 -33.48
CA PHE B 57 -11.16 -1.48 -33.80
C PHE B 57 -9.71 -1.61 -34.31
N SER B 58 -8.92 -2.40 -33.60
CA SER B 58 -7.53 -2.65 -33.95
C SER B 58 -7.06 -3.89 -33.20
N ASN B 59 -5.82 -4.30 -33.39
CA ASN B 59 -5.29 -5.46 -32.67
C ASN B 59 -3.78 -5.27 -32.60
N MET B 60 -3.35 -4.48 -31.64
N MET B 60 -3.35 -4.43 -31.66
CA MET B 60 -1.94 -4.18 -31.47
CA MET B 60 -1.94 -4.12 -31.48
C MET B 60 -1.53 -4.23 -30.01
C MET B 60 -1.53 -4.18 -30.01
N ALA B 61 -0.23 -4.18 -29.76
CA ALA B 61 0.30 -4.18 -28.41
C ALA B 61 0.20 -2.70 -28.03
N SER B 62 -0.30 -2.40 -26.84
CA SER B 62 -0.49 -1.01 -26.45
C SER B 62 0.76 -0.14 -26.43
N GLU B 63 1.94 -0.74 -26.42
CA GLU B 63 3.14 0.08 -26.45
C GLU B 63 3.22 0.80 -27.79
N ASN B 64 2.45 0.32 -28.77
CA ASN B 64 2.43 0.95 -30.09
C ASN B 64 1.20 1.82 -30.33
N MET B 65 0.38 2.00 -29.30
CA MET B 65 -0.81 2.84 -29.44
C MET B 65 -0.32 4.26 -29.58
N THR B 66 -0.91 4.98 -30.53
CA THR B 66 -0.51 6.35 -30.80
C THR B 66 -1.67 7.33 -30.67
N GLY B 67 -1.34 8.60 -30.42
CA GLY B 67 -2.35 9.62 -30.25
C GLY B 67 -3.33 9.72 -31.41
N ASP B 68 -2.83 9.58 -32.63
CA ASP B 68 -3.70 9.66 -33.80
C ASP B 68 -4.75 8.58 -33.75
N VAL B 69 -4.33 7.39 -33.31
CA VAL B 69 -5.24 6.25 -33.21
C VAL B 69 -6.19 6.41 -32.02
N VAL B 70 -5.67 6.91 -30.89
CA VAL B 70 -6.53 7.11 -29.73
C VAL B 70 -7.60 8.13 -30.08
N LEU B 71 -7.24 9.10 -30.91
N LEU B 71 -7.25 9.10 -30.92
CA LEU B 71 -8.18 10.13 -31.34
CA LEU B 71 -8.18 10.13 -31.33
C LEU B 71 -9.34 9.47 -32.08
C LEU B 71 -9.34 9.47 -32.08
N LYS B 72 -9.02 8.51 -32.95
CA LYS B 72 -10.05 7.80 -33.71
C LYS B 72 -10.89 6.91 -32.80
N LEU B 73 -10.27 6.37 -31.76
CA LEU B 73 -10.97 5.51 -30.81
C LEU B 73 -11.99 6.37 -30.08
N SER B 74 -11.56 7.54 -29.63
CA SER B 74 -12.44 8.45 -28.92
C SER B 74 -13.63 8.83 -29.80
N GLN B 75 -13.36 9.10 -31.07
CA GLN B 75 -14.40 9.49 -32.01
C GLN B 75 -15.39 8.36 -32.27
N ARG B 76 -14.89 7.12 -32.39
CA ARG B 76 -15.77 5.98 -32.61
C ARG B 76 -16.65 5.77 -31.38
N VAL B 77 -16.05 5.86 -30.19
CA VAL B 77 -16.81 5.68 -28.96
C VAL B 77 -17.90 6.74 -28.86
N ASN B 78 -17.58 7.98 -29.22
CA ASN B 78 -18.58 9.03 -29.19
C ASN B 78 -19.72 8.67 -30.14
N GLU B 79 -19.38 8.15 -31.31
CA GLU B 79 -20.39 7.76 -32.29
C GLU B 79 -21.29 6.67 -31.73
N LEU B 80 -20.65 5.66 -31.12
CA LEU B 80 -21.35 4.54 -30.53
C LEU B 80 -22.33 4.96 -29.44
N LEU B 81 -21.85 5.76 -28.49
CA LEU B 81 -22.67 6.20 -27.38
C LEU B 81 -23.81 7.17 -27.77
N ALA B 82 -23.71 7.79 -28.94
CA ALA B 82 -24.76 8.69 -29.39
C ALA B 82 -25.97 7.89 -29.87
N ARG B 83 -25.77 6.60 -30.08
CA ARG B 83 -26.83 5.71 -30.54
C ARG B 83 -27.77 5.29 -29.41
N ASP B 84 -29.07 5.23 -29.71
CA ASP B 84 -30.03 4.83 -28.71
C ASP B 84 -29.92 3.34 -28.37
N ASP B 85 -29.47 2.54 -29.33
CA ASP B 85 -29.34 1.10 -29.10
C ASP B 85 -28.03 0.65 -28.48
N VAL B 86 -27.31 1.59 -27.88
CA VAL B 86 -26.04 1.29 -27.21
C VAL B 86 -26.13 1.86 -25.79
N ASP B 87 -25.97 1.01 -24.78
CA ASP B 87 -26.06 1.45 -23.39
C ASP B 87 -24.69 1.67 -22.75
N GLY B 88 -23.67 1.06 -23.33
CA GLY B 88 -22.33 1.21 -22.81
C GLY B 88 -21.30 0.54 -23.70
N VAL B 89 -20.03 0.82 -23.43
CA VAL B 89 -18.96 0.23 -24.23
C VAL B 89 -17.83 -0.29 -23.35
N VAL B 90 -17.31 -1.46 -23.73
CA VAL B 90 -16.19 -2.08 -23.05
C VAL B 90 -15.07 -2.03 -24.09
N ILE B 91 -13.91 -1.51 -23.72
CA ILE B 91 -12.80 -1.41 -24.64
C ILE B 91 -11.64 -2.27 -24.17
N THR B 92 -11.31 -3.32 -24.91
CA THR B 92 -10.18 -4.16 -24.54
C THR B 92 -8.94 -3.42 -25.00
N HIS B 93 -7.90 -3.42 -24.16
CA HIS B 93 -6.70 -2.65 -24.46
C HIS B 93 -5.52 -3.26 -23.71
N GLY B 94 -4.31 -3.10 -24.24
CA GLY B 94 -3.13 -3.62 -23.57
C GLY B 94 -2.91 -2.83 -22.30
N THR B 95 -2.37 -3.49 -21.27
CA THR B 95 -2.16 -2.84 -19.99
C THR B 95 -1.12 -1.73 -19.98
N ASP B 96 -0.07 -1.87 -20.78
CA ASP B 96 1.02 -0.89 -20.77
C ASP B 96 0.65 0.56 -20.92
N THR B 97 -0.26 0.89 -21.84
CA THR B 97 -0.64 2.28 -22.01
C THR B 97 -2.14 2.52 -21.90
N VAL B 98 -2.85 1.61 -21.24
CA VAL B 98 -4.29 1.78 -21.09
C VAL B 98 -4.59 3.04 -20.26
N GLU B 99 -3.71 3.39 -19.34
CA GLU B 99 -3.97 4.57 -18.51
C GLU B 99 -3.94 5.84 -19.36
N GLU B 100 -3.15 5.82 -20.43
CA GLU B 100 -3.07 6.96 -21.32
C GLU B 100 -4.31 7.03 -22.21
N SER B 101 -4.69 5.90 -22.81
CA SER B 101 -5.88 5.89 -23.67
C SER B 101 -7.15 6.14 -22.87
N ALA B 102 -7.23 5.53 -21.69
CA ALA B 102 -8.39 5.69 -20.82
C ALA B 102 -8.60 7.14 -20.41
N TYR B 103 -7.52 7.82 -20.02
CA TYR B 103 -7.64 9.21 -19.60
C TYR B 103 -7.94 10.12 -20.78
N PHE B 104 -7.49 9.76 -21.98
CA PHE B 104 -7.77 10.56 -23.15
C PHE B 104 -9.29 10.57 -23.38
N LEU B 105 -9.92 9.38 -23.40
CA LEU B 105 -11.37 9.31 -23.59
C LEU B 105 -12.12 9.89 -22.39
N HIS B 106 -11.51 9.80 -21.22
CA HIS B 106 -12.09 10.35 -19.98
C HIS B 106 -12.35 11.84 -20.21
N LEU B 107 -11.46 12.47 -20.98
CA LEU B 107 -11.55 13.90 -21.26
C LEU B 107 -12.32 14.25 -22.52
N THR B 108 -12.43 13.30 -23.44
CA THR B 108 -13.07 13.57 -24.73
C THR B 108 -14.40 12.91 -25.07
N VAL B 109 -14.87 11.96 -24.27
CA VAL B 109 -16.15 11.32 -24.55
C VAL B 109 -17.29 12.12 -23.95
N LYS B 110 -18.15 12.64 -24.82
CA LYS B 110 -19.28 13.47 -24.42
C LYS B 110 -20.53 12.66 -24.10
N SER B 111 -20.44 11.77 -23.12
CA SER B 111 -21.58 10.94 -22.76
C SER B 111 -21.45 10.44 -21.32
N ASP B 112 -22.59 10.19 -20.69
CA ASP B 112 -22.62 9.68 -19.33
C ASP B 112 -22.74 8.17 -19.36
N LYS B 113 -22.90 7.58 -20.54
CA LYS B 113 -23.01 6.13 -20.62
C LYS B 113 -21.64 5.54 -20.25
N PRO B 114 -21.63 4.38 -19.60
CA PRO B 114 -20.34 3.78 -19.21
C PRO B 114 -19.36 3.44 -20.33
N VAL B 115 -18.10 3.83 -20.11
CA VAL B 115 -17.02 3.53 -21.02
C VAL B 115 -16.03 2.80 -20.11
N VAL B 116 -15.89 1.50 -20.31
CA VAL B 116 -15.01 0.70 -19.45
C VAL B 116 -13.90 0.01 -20.19
N PHE B 117 -12.67 0.40 -19.87
CA PHE B 117 -11.50 -0.22 -20.47
C PHE B 117 -11.25 -1.46 -19.62
N VAL B 118 -10.87 -2.54 -20.27
CA VAL B 118 -10.57 -3.78 -19.58
C VAL B 118 -9.27 -4.31 -20.16
N ALA B 119 -8.53 -5.05 -19.35
CA ALA B 119 -7.25 -5.59 -19.79
C ALA B 119 -6.93 -6.85 -19.00
N ALA B 120 -5.77 -7.43 -19.29
CA ALA B 120 -5.34 -8.65 -18.62
C ALA B 120 -3.82 -8.67 -18.53
N MET B 121 -3.29 -9.19 -17.43
CA MET B 121 -1.85 -9.26 -17.25
C MET B 121 -1.23 -10.57 -17.72
N ARG B 122 -2.08 -11.58 -17.92
CA ARG B 122 -1.62 -12.89 -18.40
C ARG B 122 -2.32 -13.16 -19.73
N PRO B 123 -1.59 -13.75 -20.70
CA PRO B 123 -2.21 -14.03 -22.00
C PRO B 123 -3.38 -15.01 -21.87
N ALA B 124 -4.29 -14.98 -22.85
CA ALA B 124 -5.46 -15.84 -22.83
C ALA B 124 -5.12 -17.32 -22.76
N THR B 125 -3.90 -17.66 -23.16
CA THR B 125 -3.45 -19.05 -23.18
C THR B 125 -2.76 -19.53 -21.90
N ALA B 126 -2.55 -18.63 -20.96
CA ALA B 126 -1.86 -18.98 -19.73
C ALA B 126 -2.74 -19.65 -18.68
N ILE B 127 -2.11 -20.42 -17.81
N ILE B 127 -2.14 -20.46 -17.82
CA ILE B 127 -2.82 -21.09 -16.71
CA ILE B 127 -2.91 -21.09 -16.78
C ILE B 127 -3.27 -19.97 -15.76
C ILE B 127 -3.31 -19.95 -15.83
N SER B 128 -4.52 -20.03 -15.32
CA SER B 128 -5.06 -19.00 -14.42
C SER B 128 -5.07 -17.64 -15.10
N ALA B 129 -5.35 -17.62 -16.41
CA ALA B 129 -5.41 -16.35 -17.14
C ALA B 129 -6.48 -15.48 -16.47
N ASP B 130 -6.19 -14.19 -16.30
CA ASP B 130 -7.12 -13.26 -15.65
C ASP B 130 -8.09 -12.56 -16.60
N GLY B 131 -7.82 -12.61 -17.90
CA GLY B 131 -8.68 -11.97 -18.87
C GLY B 131 -10.16 -12.33 -18.84
N PRO B 132 -10.50 -13.63 -18.76
CA PRO B 132 -11.92 -14.01 -18.73
C PRO B 132 -12.72 -13.31 -17.62
N MET B 133 -12.24 -13.38 -16.38
CA MET B 133 -12.98 -12.73 -15.30
C MET B 133 -13.00 -11.22 -15.45
N ASN B 134 -11.87 -10.63 -15.85
CA ASN B 134 -11.80 -9.19 -16.03
C ASN B 134 -12.86 -8.72 -17.03
N LEU B 135 -13.02 -9.46 -18.11
CA LEU B 135 -13.99 -9.11 -19.15
C LEU B 135 -15.40 -9.23 -18.63
N LEU B 136 -15.68 -10.30 -17.89
CA LEU B 136 -17.00 -10.53 -17.31
C LEU B 136 -17.33 -9.36 -16.40
N GLU B 137 -16.35 -8.95 -15.61
CA GLU B 137 -16.53 -7.84 -14.68
C GLU B 137 -16.76 -6.52 -15.41
N ALA B 138 -16.01 -6.28 -16.48
CA ALA B 138 -16.13 -5.05 -17.25
C ALA B 138 -17.52 -4.95 -17.88
N VAL B 139 -18.04 -6.06 -18.39
CA VAL B 139 -19.36 -6.03 -19.00
C VAL B 139 -20.40 -5.77 -17.90
N ARG B 140 -20.22 -6.41 -16.75
CA ARG B 140 -21.15 -6.22 -15.64
C ARG B 140 -21.20 -4.73 -15.27
N VAL B 141 -20.03 -4.10 -15.20
CA VAL B 141 -19.94 -2.68 -14.86
C VAL B 141 -20.55 -1.78 -15.94
N ALA B 142 -20.19 -2.04 -17.20
CA ALA B 142 -20.68 -1.23 -18.31
C ALA B 142 -22.22 -1.28 -18.44
N GLY B 143 -22.81 -2.40 -18.06
CA GLY B 143 -24.26 -2.56 -18.16
C GLY B 143 -25.08 -2.19 -16.94
N ASP B 144 -24.42 -1.84 -15.84
CA ASP B 144 -25.16 -1.49 -14.62
C ASP B 144 -25.62 -0.02 -14.67
N LYS B 145 -26.92 0.20 -14.43
CA LYS B 145 -27.45 1.56 -14.46
C LYS B 145 -26.76 2.47 -13.45
N GLN B 146 -26.21 1.88 -12.40
CA GLN B 146 -25.51 2.63 -11.36
C GLN B 146 -24.13 3.13 -11.82
N SER B 147 -23.67 2.62 -12.96
CA SER B 147 -22.35 3.00 -13.49
C SER B 147 -22.30 4.30 -14.30
N ARG B 148 -23.46 4.90 -14.56
CA ARG B 148 -23.52 6.12 -15.35
C ARG B 148 -22.92 7.36 -14.68
N GLY B 149 -22.32 8.23 -15.50
CA GLY B 149 -21.74 9.49 -15.03
C GLY B 149 -20.55 9.42 -14.08
N ARG B 150 -19.82 8.32 -14.11
CA ARG B 150 -18.65 8.17 -13.23
C ARG B 150 -17.32 8.45 -13.92
N GLY B 151 -17.36 8.80 -15.19
CA GLY B 151 -16.12 9.04 -15.92
C GLY B 151 -15.66 7.73 -16.51
N VAL B 152 -14.56 7.75 -17.25
CA VAL B 152 -14.06 6.52 -17.84
C VAL B 152 -13.44 5.67 -16.74
N MET B 153 -13.65 4.36 -16.83
CA MET B 153 -13.17 3.42 -15.82
C MET B 153 -12.28 2.35 -16.42
N VAL B 154 -11.41 1.80 -15.57
CA VAL B 154 -10.51 0.71 -15.96
C VAL B 154 -10.81 -0.44 -15.00
N VAL B 155 -11.33 -1.54 -15.54
CA VAL B 155 -11.69 -2.70 -14.74
C VAL B 155 -10.74 -3.88 -14.94
N ILE B 156 -10.23 -4.39 -13.82
CA ILE B 156 -9.30 -5.51 -13.84
C ILE B 156 -9.04 -5.95 -12.40
N ASN B 157 -8.89 -7.26 -12.19
CA ASN B 157 -8.63 -7.81 -10.87
C ASN B 157 -9.65 -7.38 -9.78
N ASP B 158 -10.93 -7.51 -10.12
CA ASP B 158 -12.04 -7.17 -9.22
C ASP B 158 -12.10 -5.69 -8.82
N ARG B 159 -11.30 -4.84 -9.46
CA ARG B 159 -11.30 -3.42 -9.11
C ARG B 159 -11.77 -2.50 -10.24
N ILE B 160 -12.36 -1.37 -9.86
CA ILE B 160 -12.82 -0.37 -10.83
C ILE B 160 -12.04 0.92 -10.53
N GLY B 161 -11.16 1.32 -11.45
CA GLY B 161 -10.40 2.53 -11.22
C GLY B 161 -10.77 3.68 -12.14
N SER B 162 -10.69 4.91 -11.64
CA SER B 162 -10.98 6.06 -12.48
C SER B 162 -9.79 6.28 -13.43
N ALA B 163 -10.09 6.59 -14.69
CA ALA B 163 -9.02 6.82 -15.67
C ALA B 163 -8.05 7.92 -15.23
N ARG B 164 -8.53 8.85 -14.42
CA ARG B 164 -7.70 9.97 -13.95
C ARG B 164 -6.71 9.62 -12.84
N TYR B 165 -7.01 8.56 -12.09
CA TYR B 165 -6.17 8.15 -10.97
C TYR B 165 -5.44 6.83 -11.13
N ILE B 166 -6.10 5.86 -11.76
CA ILE B 166 -5.49 4.55 -11.93
C ILE B 166 -4.26 4.58 -12.82
N THR B 167 -3.27 3.76 -12.48
CA THR B 167 -2.04 3.65 -13.24
C THR B 167 -1.44 2.26 -13.03
N LYS B 168 -0.68 1.77 -14.00
CA LYS B 168 -0.06 0.46 -13.87
C LYS B 168 1.15 0.73 -12.97
N THR B 169 1.10 0.24 -11.73
CA THR B 169 2.17 0.47 -10.76
C THR B 169 3.23 -0.60 -10.68
N ASN B 170 3.00 -1.75 -11.33
CA ASN B 170 3.95 -2.85 -11.28
C ASN B 170 4.13 -3.41 -12.69
N ALA B 171 5.36 -3.73 -13.03
CA ALA B 171 5.66 -4.24 -14.35
C ALA B 171 5.00 -5.57 -14.76
N SER B 172 4.76 -6.47 -13.82
N SER B 172 4.81 -6.50 -13.82
CA SER B 172 4.21 -7.76 -14.21
CA SER B 172 4.25 -7.80 -14.19
C SER B 172 3.20 -8.49 -13.32
C SER B 172 3.23 -8.51 -13.29
N THR B 173 2.67 -7.83 -12.29
CA THR B 173 1.70 -8.49 -11.41
C THR B 173 0.22 -8.30 -11.80
N LEU B 174 -0.62 -9.24 -11.39
CA LEU B 174 -2.05 -9.18 -11.68
C LEU B 174 -2.72 -7.99 -11.00
N ASP B 175 -2.20 -7.61 -9.85
CA ASP B 175 -2.77 -6.51 -9.07
C ASP B 175 -2.08 -5.18 -9.30
N THR B 176 -1.38 -5.07 -10.43
CA THR B 176 -0.63 -3.89 -10.80
C THR B 176 -1.41 -2.57 -10.81
N PHE B 177 -2.65 -2.57 -11.28
CA PHE B 177 -3.40 -1.33 -11.33
C PHE B 177 -3.91 -0.87 -9.98
N ARG B 178 -3.43 0.29 -9.57
CA ARG B 178 -3.80 0.85 -8.28
C ARG B 178 -3.71 2.36 -8.34
N ALA B 179 -4.38 3.02 -7.39
CA ALA B 179 -4.36 4.47 -7.26
C ALA B 179 -4.09 4.59 -5.77
N ASN B 180 -2.82 4.58 -5.40
CA ASN B 180 -2.44 4.59 -3.99
C ASN B 180 -3.09 5.63 -3.10
N GLU B 181 -3.14 6.87 -3.56
CA GLU B 181 -3.72 7.93 -2.74
C GLU B 181 -5.20 8.17 -2.94
N GLU B 182 -5.73 7.75 -4.09
CA GLU B 182 -7.13 7.98 -4.39
C GLU B 182 -8.07 6.76 -4.30
N GLY B 183 -7.49 5.57 -4.14
CA GLY B 183 -8.30 4.37 -4.04
C GLY B 183 -9.06 4.07 -5.32
N TYR B 184 -9.96 3.08 -5.25
CA TYR B 184 -10.76 2.66 -6.38
C TYR B 184 -12.15 3.27 -6.33
N LEU B 185 -12.77 3.45 -7.51
CA LEU B 185 -14.13 3.98 -7.55
C LEU B 185 -15.06 2.92 -6.97
N GLY B 186 -14.68 1.67 -7.16
CA GLY B 186 -15.48 0.58 -6.64
C GLY B 186 -14.79 -0.75 -6.80
N VAL B 187 -15.45 -1.82 -6.38
CA VAL B 187 -14.92 -3.16 -6.51
C VAL B 187 -16.02 -4.12 -6.93
N ILE B 188 -15.64 -5.29 -7.43
CA ILE B 188 -16.63 -6.28 -7.86
C ILE B 188 -16.29 -7.58 -7.14
N ILE B 189 -17.18 -7.99 -6.25
CA ILE B 189 -16.99 -9.22 -5.47
C ILE B 189 -18.29 -10.01 -5.45
N GLY B 190 -18.20 -11.32 -5.64
CA GLY B 190 -19.40 -12.14 -5.63
C GLY B 190 -20.42 -11.72 -6.66
N ASN B 191 -19.95 -11.29 -7.83
CA ASN B 191 -20.82 -10.86 -8.91
C ASN B 191 -21.66 -9.65 -8.55
N ARG B 192 -21.18 -8.85 -7.61
CA ARG B 192 -21.89 -7.65 -7.19
C ARG B 192 -20.95 -6.46 -7.18
N ILE B 193 -21.44 -5.31 -7.63
CA ILE B 193 -20.65 -4.09 -7.68
C ILE B 193 -20.85 -3.26 -6.42
N TYR B 194 -19.75 -2.82 -5.84
CA TYR B 194 -19.76 -2.00 -4.64
C TYR B 194 -19.08 -0.68 -5.00
N TYR B 195 -19.87 0.37 -5.23
CA TYR B 195 -19.31 1.67 -5.58
C TYR B 195 -18.96 2.42 -4.31
N GLN B 196 -17.70 2.86 -4.25
CA GLN B 196 -17.15 3.55 -3.08
C GLN B 196 -16.99 5.04 -3.20
N ASN B 197 -16.50 5.49 -4.35
CA ASN B 197 -16.23 6.90 -4.59
C ASN B 197 -16.70 7.40 -5.94
N ARG B 198 -16.81 8.72 -6.05
N ARG B 198 -16.81 8.72 -6.04
CA ARG B 198 -17.15 9.39 -7.29
CA ARG B 198 -17.14 9.40 -7.28
C ARG B 198 -16.01 10.41 -7.39
C ARG B 198 -16.01 10.41 -7.38
N ILE B 199 -15.27 10.39 -8.48
CA ILE B 199 -14.15 11.31 -8.64
C ILE B 199 -14.61 12.77 -8.59
N ASP B 200 -13.89 13.57 -7.81
CA ASP B 200 -14.22 14.99 -7.66
C ASP B 200 -13.41 15.82 -8.66
N LYS B 201 -13.58 15.51 -9.94
CA LYS B 201 -12.89 16.22 -11.02
C LYS B 201 -13.82 16.29 -12.23
N LEU B 202 -13.50 17.18 -13.16
CA LEU B 202 -14.30 17.34 -14.36
C LEU B 202 -13.95 16.22 -15.34
N HIS B 203 -14.93 15.80 -16.13
CA HIS B 203 -14.72 14.75 -17.11
C HIS B 203 -15.93 14.60 -18.02
N THR B 204 -15.76 13.77 -19.05
CA THR B 204 -16.80 13.47 -20.03
C THR B 204 -17.78 14.59 -20.38
N THR B 205 -19.04 14.44 -19.99
CA THR B 205 -20.05 15.44 -20.32
C THR B 205 -19.81 16.85 -19.81
N ARG B 206 -18.89 17.00 -18.86
N ARG B 206 -18.89 17.00 -18.86
CA ARG B 206 -18.59 18.33 -18.32
CA ARG B 206 -18.57 18.31 -18.31
C ARG B 206 -17.23 18.85 -18.80
C ARG B 206 -17.21 18.83 -18.77
N SER B 207 -16.60 18.11 -19.70
CA SER B 207 -15.29 18.49 -20.23
C SER B 207 -15.37 19.42 -21.43
N VAL B 208 -14.43 20.37 -21.51
CA VAL B 208 -14.38 21.30 -22.63
C VAL B 208 -13.54 20.71 -23.77
N PHE B 209 -12.94 19.54 -23.54
CA PHE B 209 -12.08 18.93 -24.55
C PHE B 209 -12.73 18.12 -25.66
N ASP B 210 -13.41 18.81 -26.56
CA ASP B 210 -14.04 18.15 -27.70
C ASP B 210 -13.00 18.12 -28.83
N VAL B 211 -12.72 16.95 -29.37
CA VAL B 211 -11.72 16.83 -30.44
C VAL B 211 -12.27 16.08 -31.63
N ARG B 212 -13.58 15.92 -31.69
CA ARG B 212 -14.20 15.20 -32.79
C ARG B 212 -13.83 15.77 -34.16
N GLY B 213 -13.42 17.03 -34.20
CA GLY B 213 -13.04 17.62 -35.48
C GLY B 213 -11.53 17.68 -35.70
N LEU B 214 -10.79 16.74 -35.11
CA LEU B 214 -9.34 16.72 -35.25
C LEU B 214 -8.82 15.41 -35.82
N THR B 215 -7.65 15.47 -36.44
CA THR B 215 -7.03 14.29 -37.03
C THR B 215 -5.59 14.18 -36.55
N SER B 216 -5.14 15.20 -35.82
N SER B 216 -5.14 15.19 -35.81
CA SER B 216 -3.77 15.21 -35.30
CA SER B 216 -3.78 15.21 -35.29
C SER B 216 -3.72 15.98 -33.98
C SER B 216 -3.74 15.95 -33.96
N LEU B 217 -2.69 15.71 -33.18
CA LEU B 217 -2.54 16.36 -31.87
C LEU B 217 -1.18 17.02 -31.67
N PRO B 218 -1.14 18.05 -30.82
CA PRO B 218 0.12 18.75 -30.54
C PRO B 218 1.17 17.74 -30.03
N LYS B 219 2.42 17.96 -30.38
CA LYS B 219 3.49 17.06 -29.95
C LYS B 219 3.95 17.38 -28.54
N VAL B 220 3.95 16.37 -27.68
CA VAL B 220 4.39 16.53 -26.30
C VAL B 220 5.28 15.36 -25.92
N ASP B 221 6.49 15.66 -25.48
CA ASP B 221 7.43 14.62 -25.08
C ASP B 221 7.65 14.65 -23.59
N ILE B 222 8.14 13.54 -23.05
CA ILE B 222 8.39 13.44 -21.62
C ILE B 222 9.87 13.21 -21.40
N LEU B 223 10.47 14.04 -20.55
CA LEU B 223 11.89 13.94 -20.21
C LEU B 223 12.03 13.64 -18.73
N TYR B 224 12.90 12.69 -18.41
CA TYR B 224 13.14 12.25 -17.04
C TYR B 224 14.05 13.17 -16.23
N GLY B 225 13.85 13.20 -14.92
CA GLY B 225 14.68 13.99 -14.03
C GLY B 225 15.51 13.01 -13.20
N TYR B 226 16.80 13.27 -13.07
CA TYR B 226 17.70 12.39 -12.32
C TYR B 226 19.06 13.08 -12.17
N GLN B 227 19.95 12.52 -11.34
CA GLN B 227 21.27 13.11 -11.17
C GLN B 227 22.00 13.15 -12.52
N ASP B 228 22.62 14.28 -12.81
CA ASP B 228 23.36 14.49 -14.05
C ASP B 228 22.46 14.56 -15.29
N ASP B 229 21.17 14.80 -15.11
CA ASP B 229 20.30 14.87 -16.28
C ASP B 229 20.85 15.93 -17.24
N PRO B 230 20.95 15.57 -18.53
CA PRO B 230 21.48 16.45 -19.59
C PRO B 230 20.58 17.51 -20.21
N GLU B 231 21.20 18.64 -20.49
CA GLU B 231 20.51 19.76 -21.10
C GLU B 231 20.21 19.45 -22.58
N TYR B 232 21.02 18.61 -23.21
CA TYR B 232 20.84 18.30 -24.63
C TYR B 232 19.51 17.63 -24.98
N LEU B 233 18.90 16.93 -24.03
CA LEU B 233 17.63 16.28 -24.30
C LEU B 233 16.55 17.35 -24.51
N TYR B 234 16.68 18.48 -23.81
CA TYR B 234 15.73 19.56 -23.99
C TYR B 234 15.97 20.19 -25.36
N ASP B 235 17.24 20.38 -25.71
CA ASP B 235 17.61 20.98 -27.00
C ASP B 235 17.05 20.11 -28.13
N ALA B 236 17.17 18.79 -27.97
CA ALA B 236 16.68 17.86 -28.99
C ALA B 236 15.17 17.95 -29.16
N ALA B 237 14.42 17.95 -28.06
CA ALA B 237 12.96 18.03 -28.11
C ALA B 237 12.51 19.32 -28.80
N ILE B 238 13.11 20.43 -28.40
CA ILE B 238 12.76 21.72 -28.98
C ILE B 238 13.02 21.70 -30.50
N GLN B 239 14.20 21.23 -30.88
CA GLN B 239 14.56 21.16 -32.28
C GLN B 239 13.61 20.29 -33.10
N HIS B 240 12.93 19.36 -32.43
CA HIS B 240 12.00 18.51 -33.16
C HIS B 240 10.55 18.96 -33.08
N GLY B 241 10.36 20.24 -32.85
CA GLY B 241 9.04 20.83 -32.83
C GLY B 241 8.03 20.49 -31.75
N VAL B 242 8.48 20.09 -30.56
CA VAL B 242 7.51 19.79 -29.51
C VAL B 242 6.78 21.09 -29.11
N LYS B 243 5.50 20.98 -28.80
N LYS B 243 5.50 20.98 -28.80
CA LYS B 243 4.73 22.14 -28.38
CA LYS B 243 4.71 22.12 -28.38
C LYS B 243 4.67 22.15 -26.85
C LYS B 243 4.68 22.14 -26.86
N GLY B 244 4.96 20.99 -26.26
CA GLY B 244 4.96 20.89 -24.81
C GLY B 244 5.94 19.84 -24.33
N ILE B 245 6.49 20.06 -23.14
CA ILE B 245 7.39 19.09 -22.53
C ILE B 245 6.85 18.77 -21.13
N VAL B 246 6.69 17.48 -20.85
CA VAL B 246 6.26 17.04 -19.54
C VAL B 246 7.54 16.55 -18.87
N TYR B 247 7.81 17.07 -17.68
CA TYR B 247 9.01 16.71 -16.93
C TYR B 247 8.67 15.70 -15.82
N ALA B 248 9.20 14.48 -15.95
CA ALA B 248 8.99 13.44 -14.94
C ALA B 248 10.09 13.73 -13.95
N GLY B 249 9.93 14.79 -13.18
CA GLY B 249 10.98 15.23 -12.28
C GLY B 249 11.30 14.55 -10.96
N MET B 250 12.47 14.92 -10.44
CA MET B 250 12.94 14.41 -9.17
C MET B 250 11.99 15.03 -8.14
N GLY B 251 11.59 14.25 -7.14
CA GLY B 251 10.70 14.75 -6.11
C GLY B 251 9.50 15.50 -6.65
N ALA B 252 9.20 16.67 -6.06
CA ALA B 252 8.06 17.47 -6.50
C ALA B 252 8.45 18.35 -7.68
N GLY B 253 8.82 17.71 -8.79
CA GLY B 253 9.22 18.45 -9.97
C GLY B 253 10.44 19.34 -9.78
N SER B 254 11.34 18.94 -8.89
N SER B 254 11.33 18.95 -8.88
CA SER B 254 12.55 19.71 -8.63
CA SER B 254 12.53 19.75 -8.63
C SER B 254 13.43 19.66 -9.87
C SER B 254 13.42 19.68 -9.87
N VAL B 255 14.17 20.74 -10.12
CA VAL B 255 15.04 20.82 -11.29
C VAL B 255 16.50 21.14 -11.01
N SER B 256 17.39 20.42 -11.69
CA SER B 256 18.83 20.65 -11.55
C SER B 256 19.20 21.90 -12.34
N VAL B 257 20.43 22.36 -12.18
CA VAL B 257 20.88 23.55 -12.91
C VAL B 257 20.81 23.30 -14.41
N ARG B 258 21.00 22.06 -14.83
CA ARG B 258 20.95 21.71 -16.24
C ARG B 258 19.51 21.61 -16.75
N GLY B 259 18.64 21.03 -15.94
CA GLY B 259 17.25 20.92 -16.34
C GLY B 259 16.59 22.29 -16.43
N ILE B 260 16.94 23.20 -15.52
CA ILE B 260 16.34 24.51 -15.56
C ILE B 260 16.81 25.26 -16.81
N ALA B 261 18.08 25.08 -17.18
CA ALA B 261 18.61 25.72 -18.39
C ALA B 261 17.83 25.18 -19.56
N GLY B 262 17.57 23.88 -19.55
CA GLY B 262 16.82 23.25 -20.62
C GLY B 262 15.41 23.79 -20.69
N MET B 263 14.75 23.91 -19.53
CA MET B 263 13.38 24.42 -19.49
C MET B 263 13.31 25.86 -19.96
N ARG B 264 14.26 26.66 -19.53
CA ARG B 264 14.30 28.06 -19.92
C ARG B 264 14.47 28.21 -21.43
N LYS B 265 15.27 27.34 -22.04
CA LYS B 265 15.46 27.38 -23.49
C LYS B 265 14.13 27.03 -24.16
N ALA B 266 13.45 26.04 -23.60
CA ALA B 266 12.16 25.61 -24.14
C ALA B 266 11.14 26.73 -24.06
N LEU B 267 11.07 27.39 -22.91
CA LEU B 267 10.11 28.49 -22.73
C LEU B 267 10.43 29.64 -23.68
N GLU B 268 11.71 29.93 -23.85
CA GLU B 268 12.13 31.00 -24.75
C GLU B 268 11.72 30.63 -26.17
N LYS B 269 11.70 29.33 -26.47
CA LYS B 269 11.34 28.87 -27.81
C LYS B 269 9.86 28.62 -28.04
N GLY B 270 9.01 29.05 -27.10
CA GLY B 270 7.57 28.92 -27.27
C GLY B 270 6.91 27.62 -26.81
N VAL B 271 7.68 26.74 -26.19
CA VAL B 271 7.17 25.47 -25.71
C VAL B 271 6.58 25.64 -24.31
N VAL B 272 5.50 24.90 -24.02
CA VAL B 272 4.87 24.94 -22.70
C VAL B 272 5.50 23.84 -21.87
N VAL B 273 6.04 24.22 -20.71
CA VAL B 273 6.70 23.26 -19.83
C VAL B 273 5.82 22.90 -18.64
N MET B 274 5.62 21.59 -18.44
CA MET B 274 4.81 21.07 -17.35
C MET B 274 5.66 20.19 -16.43
N ARG B 275 5.80 20.61 -15.18
CA ARG B 275 6.60 19.84 -14.21
C ARG B 275 5.75 18.82 -13.44
N SER B 276 6.01 17.54 -13.69
CA SER B 276 5.34 16.43 -13.01
C SER B 276 6.40 15.76 -12.14
N THR B 277 6.19 14.50 -11.79
CA THR B 277 7.14 13.79 -10.92
C THR B 277 7.36 12.34 -11.34
N ARG B 278 8.57 11.84 -11.08
CA ARG B 278 8.93 10.46 -11.39
C ARG B 278 8.60 9.55 -10.20
N THR B 279 8.26 10.14 -9.05
CA THR B 279 8.01 9.34 -7.84
C THR B 279 6.92 8.31 -7.94
N GLY B 280 5.81 8.68 -8.58
CA GLY B 280 4.71 7.75 -8.75
C GLY B 280 3.38 8.21 -8.17
N ASN B 281 3.43 9.11 -7.18
CA ASN B 281 2.22 9.59 -6.53
C ASN B 281 2.40 11.00 -5.99
N GLY B 282 1.28 11.63 -5.64
CA GLY B 282 1.36 12.93 -5.02
C GLY B 282 1.25 14.21 -5.82
N ILE B 283 1.30 15.29 -5.05
CA ILE B 283 1.16 16.64 -5.57
C ILE B 283 2.46 17.38 -5.88
N VAL B 284 2.53 17.95 -7.07
CA VAL B 284 3.65 18.81 -7.45
C VAL B 284 2.95 20.15 -7.24
N PRO B 285 3.33 20.87 -6.19
CA PRO B 285 2.74 22.17 -5.85
C PRO B 285 3.27 23.34 -6.64
N PRO B 286 2.51 24.45 -6.65
CA PRO B 286 2.97 25.63 -7.38
C PRO B 286 4.23 26.13 -6.70
N ASP B 287 5.12 26.75 -7.47
CA ASP B 287 6.37 27.29 -6.94
C ASP B 287 6.75 28.44 -7.87
N GLU B 288 6.56 29.66 -7.37
N GLU B 288 6.56 29.68 -7.41
CA GLU B 288 6.82 30.88 -8.14
CA GLU B 288 6.87 30.81 -8.25
C GLU B 288 8.29 31.14 -8.46
C GLU B 288 8.36 31.10 -8.42
N GLU B 289 9.20 30.33 -7.91
N GLU B 289 9.21 30.22 -7.90
CA GLU B 289 10.62 30.53 -8.17
CA GLU B 289 10.65 30.39 -8.02
C GLU B 289 11.16 29.55 -9.21
C GLU B 289 11.22 29.37 -9.00
N LEU B 290 10.32 28.62 -9.65
CA LEU B 290 10.72 27.63 -10.63
C LEU B 290 9.94 27.87 -11.92
N PRO B 291 10.57 27.65 -13.08
CA PRO B 291 9.87 27.86 -14.36
C PRO B 291 8.88 26.75 -14.65
N GLY B 292 7.98 27.00 -15.60
CA GLY B 292 7.00 25.98 -15.97
C GLY B 292 5.79 25.87 -15.07
N LEU B 293 4.85 25.05 -15.51
CA LEU B 293 3.62 24.80 -14.77
C LEU B 293 3.81 23.56 -13.92
N VAL B 294 2.82 23.25 -13.07
CA VAL B 294 2.89 22.07 -12.20
C VAL B 294 1.73 21.14 -12.52
N SER B 295 1.97 19.84 -12.38
CA SER B 295 0.97 18.86 -12.76
C SER B 295 -0.08 18.42 -11.73
N ASP B 296 -0.17 19.10 -10.60
CA ASP B 296 -1.15 18.71 -9.57
C ASP B 296 -0.79 17.25 -9.22
N SER B 297 -1.77 16.35 -9.19
CA SER B 297 -1.48 14.95 -8.87
C SER B 297 -1.37 14.05 -10.12
N LEU B 298 -1.34 14.65 -11.30
CA LEU B 298 -1.23 13.83 -12.51
C LEU B 298 0.20 13.32 -12.71
N ASN B 299 0.34 12.02 -12.96
CA ASN B 299 1.68 11.48 -13.19
C ASN B 299 2.11 11.87 -14.60
N PRO B 300 3.37 11.59 -14.98
CA PRO B 300 3.81 11.97 -16.33
C PRO B 300 2.95 11.51 -17.50
N ALA B 301 2.55 10.24 -17.52
CA ALA B 301 1.74 9.73 -18.62
C ALA B 301 0.42 10.48 -18.75
N HIS B 302 -0.25 10.70 -17.62
CA HIS B 302 -1.53 11.41 -17.61
C HIS B 302 -1.31 12.87 -17.96
N ALA B 303 -0.24 13.45 -17.43
CA ALA B 303 0.08 14.85 -17.67
C ALA B 303 0.25 15.14 -19.16
N ARG B 304 0.92 14.23 -19.88
CA ARG B 304 1.12 14.42 -21.31
C ARG B 304 -0.21 14.44 -22.04
N ILE B 305 -1.10 13.52 -21.69
CA ILE B 305 -2.41 13.44 -22.33
C ILE B 305 -3.18 14.75 -22.14
N LEU B 306 -3.26 15.22 -20.89
CA LEU B 306 -3.98 16.46 -20.64
C LEU B 306 -3.31 17.66 -21.29
N LEU B 307 -1.98 17.70 -21.30
CA LEU B 307 -1.27 18.84 -21.92
C LEU B 307 -1.51 18.89 -23.41
N MET B 308 -1.50 17.71 -24.04
N MET B 308 -1.49 17.72 -24.07
CA MET B 308 -1.71 17.57 -25.48
CA MET B 308 -1.72 17.66 -25.50
C MET B 308 -3.09 18.08 -25.86
C MET B 308 -3.10 18.20 -25.80
N LEU B 309 -4.10 17.72 -25.07
CA LEU B 309 -5.48 18.15 -25.29
C LEU B 309 -5.64 19.63 -24.96
N ALA B 310 -4.95 20.10 -23.92
CA ALA B 310 -5.04 21.50 -23.56
C ALA B 310 -4.51 22.37 -24.70
N LEU B 311 -3.42 21.92 -25.31
CA LEU B 311 -2.80 22.66 -26.41
C LEU B 311 -3.67 22.76 -27.66
N THR B 312 -4.72 21.93 -27.76
CA THR B 312 -5.60 22.02 -28.92
C THR B 312 -6.58 23.16 -28.69
N ARG B 313 -6.61 23.67 -27.46
CA ARG B 313 -7.54 24.74 -27.12
C ARG B 313 -6.87 26.07 -26.79
N THR B 314 -5.64 26.01 -26.30
CA THR B 314 -4.97 27.23 -25.90
C THR B 314 -3.47 27.08 -25.70
N SER B 315 -2.79 28.21 -25.59
CA SER B 315 -1.35 28.26 -25.35
C SER B 315 -1.14 29.12 -24.11
N ASP B 316 -2.24 29.52 -23.47
CA ASP B 316 -2.22 30.37 -22.29
C ASP B 316 -1.85 29.58 -21.03
N PRO B 317 -0.66 29.84 -20.45
CA PRO B 317 -0.19 29.16 -19.25
C PRO B 317 -1.22 29.08 -18.12
N LYS B 318 -1.87 30.19 -17.81
CA LYS B 318 -2.85 30.23 -16.73
C LYS B 318 -4.04 29.33 -16.99
N VAL B 319 -4.49 29.29 -18.24
CA VAL B 319 -5.64 28.45 -18.59
C VAL B 319 -5.25 26.99 -18.46
N ILE B 320 -4.09 26.64 -18.98
CA ILE B 320 -3.60 25.27 -18.93
C ILE B 320 -3.39 24.84 -17.49
N GLN B 321 -2.87 25.74 -16.67
CA GLN B 321 -2.63 25.41 -15.26
C GLN B 321 -3.94 25.09 -14.54
N GLU B 322 -4.98 25.89 -14.80
CA GLU B 322 -6.28 25.67 -14.17
C GLU B 322 -6.83 24.32 -14.64
N TYR B 323 -6.58 23.94 -15.89
CA TYR B 323 -7.05 22.64 -16.38
C TYR B 323 -6.43 21.54 -15.51
N PHE B 324 -5.14 21.65 -15.26
CA PHE B 324 -4.45 20.65 -14.45
C PHE B 324 -4.91 20.51 -13.01
N HIS B 325 -5.57 21.54 -12.49
CA HIS B 325 -6.09 21.50 -11.12
C HIS B 325 -7.56 21.09 -11.09
N THR B 326 -8.20 21.00 -12.25
CA THR B 326 -9.61 20.66 -12.29
C THR B 326 -9.98 19.39 -13.05
N TYR B 327 -9.06 18.86 -13.85
CA TYR B 327 -9.32 17.66 -14.62
C TYR B 327 -8.51 16.44 -14.16
N LEU C 4 -13.07 35.90 8.12
CA LEU C 4 -12.58 34.56 8.57
C LEU C 4 -13.72 33.66 9.02
N PRO C 5 -13.67 32.37 8.65
CA PRO C 5 -14.74 31.48 9.08
C PRO C 5 -14.68 31.29 10.59
N ASN C 6 -15.83 31.01 11.19
CA ASN C 6 -15.90 30.79 12.63
C ASN C 6 -15.82 29.30 12.87
N ILE C 7 -14.73 28.87 13.50
CA ILE C 7 -14.49 27.46 13.77
C ILE C 7 -14.38 27.17 15.25
N VAL C 8 -15.17 26.20 15.71
CA VAL C 8 -15.11 25.80 17.10
C VAL C 8 -14.20 24.57 17.13
N ILE C 9 -13.25 24.58 18.07
CA ILE C 9 -12.36 23.44 18.24
C ILE C 9 -12.87 22.76 19.51
N LEU C 10 -13.52 21.61 19.31
CA LEU C 10 -14.10 20.81 20.39
C LEU C 10 -13.10 19.75 20.80
N ALA C 11 -12.52 19.89 21.99
CA ALA C 11 -11.52 18.95 22.47
C ALA C 11 -12.08 17.81 23.33
N THR C 12 -11.64 16.59 23.05
CA THR C 12 -12.08 15.42 23.80
C THR C 12 -10.90 14.70 24.45
N GLY C 13 -9.68 15.08 24.06
CA GLY C 13 -8.48 14.48 24.64
C GLY C 13 -7.51 13.92 23.60
N GLY C 14 -6.90 12.78 23.91
CA GLY C 14 -5.98 12.14 22.98
C GLY C 14 -4.52 12.58 23.05
N THR C 15 -3.71 11.93 22.21
CA THR C 15 -2.28 12.20 22.13
C THR C 15 -1.97 13.60 21.62
N ILE C 16 -2.86 14.17 20.82
CA ILE C 16 -2.66 15.51 20.29
C ILE C 16 -2.64 16.49 21.48
N ALA C 17 -3.16 16.05 22.61
CA ALA C 17 -3.19 16.86 23.82
C ALA C 17 -2.45 16.07 24.90
N GLY C 18 -1.57 15.16 24.46
CA GLY C 18 -0.81 14.35 25.39
C GLY C 18 0.54 14.92 25.73
N SER C 19 1.14 14.44 26.80
CA SER C 19 2.45 14.93 27.22
C SER C 19 3.27 13.88 27.94
N ALA C 20 4.57 14.11 27.97
CA ALA C 20 5.54 13.24 28.63
C ALA C 20 6.62 14.14 29.20
N ALA C 21 7.39 13.63 30.16
CA ALA C 21 8.45 14.43 30.79
C ALA C 21 9.61 14.81 29.87
N THR C 22 9.85 14.04 28.82
CA THR C 22 10.93 14.32 27.88
C THR C 22 10.45 14.32 26.44
N GLY C 23 11.22 14.97 25.57
CA GLY C 23 10.85 15.05 24.17
C GLY C 23 11.11 13.78 23.39
N THR C 24 11.81 12.84 24.01
CA THR C 24 12.13 11.56 23.36
C THR C 24 11.07 10.49 23.62
N GLN C 25 10.20 10.70 24.61
CA GLN C 25 9.18 9.72 24.92
C GLN C 25 7.96 9.89 24.00
N THR C 26 7.77 8.95 23.08
CA THR C 26 6.67 9.00 22.13
C THR C 26 5.63 7.90 22.36
N THR C 27 5.88 7.04 23.34
CA THR C 27 4.96 5.96 23.68
C THR C 27 4.74 5.94 25.19
N GLY C 28 3.59 5.41 25.62
CA GLY C 28 3.28 5.34 27.04
C GLY C 28 3.13 6.68 27.73
N TYR C 29 2.82 7.71 26.95
CA TYR C 29 2.64 9.06 27.47
C TYR C 29 1.24 9.23 28.05
N LYS C 30 0.97 10.42 28.58
CA LYS C 30 -0.33 10.73 29.16
C LYS C 30 -1.20 11.44 28.13
N ALA C 31 -2.20 10.73 27.61
CA ALA C 31 -3.11 11.32 26.63
C ALA C 31 -4.14 12.18 27.36
N GLY C 32 -4.72 13.14 26.65
CA GLY C 32 -5.71 14.01 27.25
C GLY C 32 -5.21 14.77 28.48
N ALA C 33 -3.98 15.28 28.39
CA ALA C 33 -3.38 16.01 29.51
C ALA C 33 -3.42 17.53 29.36
N LEU C 34 -3.36 18.03 28.13
CA LEU C 34 -3.35 19.47 27.88
C LEU C 34 -4.73 20.06 27.52
N GLY C 35 -4.96 21.31 27.91
CA GLY C 35 -6.22 21.96 27.61
C GLY C 35 -6.30 22.44 26.17
N VAL C 36 -7.51 22.64 25.67
CA VAL C 36 -7.70 23.08 24.29
C VAL C 36 -7.01 24.40 23.95
N ASP C 37 -7.01 25.36 24.88
CA ASP C 37 -6.36 26.63 24.59
C ASP C 37 -4.83 26.50 24.48
N THR C 38 -4.27 25.48 25.11
CA THR C 38 -2.83 25.25 25.05
C THR C 38 -2.47 24.76 23.65
N LEU C 39 -3.32 23.91 23.08
CA LEU C 39 -3.08 23.39 21.74
C LEU C 39 -3.20 24.52 20.73
N ILE C 40 -4.24 25.33 20.87
CA ILE C 40 -4.46 26.45 19.97
C ILE C 40 -3.28 27.42 20.00
N ASN C 41 -2.80 27.76 21.20
CA ASN C 41 -1.68 28.67 21.33
C ASN C 41 -0.34 28.05 20.92
N ALA C 42 -0.31 26.73 20.82
CA ALA C 42 0.91 26.04 20.40
C ALA C 42 1.10 26.20 18.89
N VAL C 43 0.00 26.45 18.18
CA VAL C 43 0.04 26.66 16.74
C VAL C 43 -0.79 27.91 16.43
N PRO C 44 -0.23 29.10 16.74
CA PRO C 44 -0.84 30.42 16.55
C PRO C 44 -1.34 30.67 15.14
N GLU C 45 -0.74 29.95 14.18
CA GLU C 45 -1.11 30.09 12.78
C GLU C 45 -2.58 29.79 12.48
N VAL C 46 -3.23 29.01 13.34
CA VAL C 46 -4.65 28.69 13.11
C VAL C 46 -5.49 29.95 13.15
N LYS C 47 -5.09 30.90 14.00
CA LYS C 47 -5.82 32.15 14.13
C LYS C 47 -5.79 32.99 12.86
N LYS C 48 -4.86 32.68 11.96
CA LYS C 48 -4.76 33.41 10.70
C LYS C 48 -5.75 32.81 9.70
N LEU C 49 -6.13 31.56 9.92
CA LEU C 49 -7.05 30.89 9.02
C LEU C 49 -8.50 30.97 9.45
N ALA C 50 -8.74 31.32 10.72
CA ALA C 50 -10.11 31.40 11.18
C ALA C 50 -10.27 31.99 12.57
N ASN C 51 -11.52 32.34 12.88
N ASN C 51 -11.51 32.36 12.89
CA ASN C 51 -11.88 32.87 14.18
CA ASN C 51 -11.82 32.89 14.20
C ASN C 51 -12.17 31.61 14.98
C ASN C 51 -12.17 31.65 15.01
N VAL C 52 -11.20 31.18 15.79
CA VAL C 52 -11.36 29.97 16.57
C VAL C 52 -11.82 30.13 18.01
N LYS C 53 -12.66 29.20 18.43
CA LYS C 53 -13.20 29.16 19.79
C LYS C 53 -12.93 27.76 20.31
N GLY C 54 -12.20 27.66 21.42
CA GLY C 54 -11.90 26.36 21.98
C GLY C 54 -12.92 25.96 23.03
N GLU C 55 -13.38 24.72 22.96
CA GLU C 55 -14.36 24.20 23.91
C GLU C 55 -13.90 22.83 24.42
N GLN C 56 -13.81 22.69 25.74
CA GLN C 56 -13.37 21.43 26.33
C GLN C 56 -14.56 20.51 26.59
N PHE C 57 -14.77 19.56 25.69
CA PHE C 57 -15.86 18.60 25.80
C PHE C 57 -15.50 17.54 26.84
N SER C 58 -14.28 17.05 26.74
CA SER C 58 -13.75 16.04 27.65
C SER C 58 -12.24 16.04 27.47
N ASN C 59 -11.54 15.19 28.22
CA ASN C 59 -10.09 15.11 28.09
C ASN C 59 -9.67 13.73 28.58
N MET C 60 -9.87 12.74 27.73
CA MET C 60 -9.55 11.35 28.07
C MET C 60 -8.79 10.68 26.94
N ALA C 61 -8.22 9.51 27.24
CA ALA C 61 -7.52 8.71 26.25
C ALA C 61 -8.70 8.05 25.52
N SER C 62 -8.66 8.02 24.19
CA SER C 62 -9.79 7.46 23.44
C SER C 62 -10.12 6.00 23.70
N GLU C 63 -9.22 5.24 24.29
CA GLU C 63 -9.53 3.84 24.57
C GLU C 63 -10.67 3.79 25.60
N ASN C 64 -10.91 4.92 26.26
CA ASN C 64 -11.98 5.01 27.24
C ASN C 64 -13.21 5.74 26.75
N MET C 65 -13.20 6.15 25.47
CA MET C 65 -14.36 6.83 24.91
C MET C 65 -15.47 5.79 24.87
N THR C 66 -16.66 6.17 25.32
CA THR C 66 -17.79 5.26 25.36
C THR C 66 -18.95 5.78 24.52
N GLY C 67 -19.81 4.87 24.08
CA GLY C 67 -20.96 5.24 23.26
C GLY C 67 -21.86 6.32 23.81
N ASP C 68 -22.12 6.31 25.12
CA ASP C 68 -22.98 7.33 25.71
C ASP C 68 -22.34 8.70 25.62
N VAL C 69 -21.01 8.75 25.70
CA VAL C 69 -20.30 10.02 25.60
C VAL C 69 -20.23 10.46 24.14
N VAL C 70 -20.03 9.51 23.23
CA VAL C 70 -19.98 9.83 21.80
C VAL C 70 -21.33 10.41 21.41
N LEU C 71 -22.38 9.82 21.98
CA LEU C 71 -23.75 10.27 21.73
C LEU C 71 -23.89 11.74 22.10
N LYS C 72 -23.36 12.12 23.25
CA LYS C 72 -23.42 13.51 23.70
C LYS C 72 -22.58 14.41 22.78
N LEU C 73 -21.48 13.86 22.28
CA LEU C 73 -20.59 14.60 21.40
C LEU C 73 -21.31 14.94 20.11
N SER C 74 -22.02 13.96 19.56
CA SER C 74 -22.77 14.17 18.33
C SER C 74 -23.86 15.23 18.53
N GLN C 75 -24.59 15.13 19.63
CA GLN C 75 -25.67 16.08 19.90
C GLN C 75 -25.13 17.50 20.08
N ARG C 76 -23.98 17.62 20.73
CA ARG C 76 -23.36 18.94 20.93
C ARG C 76 -22.91 19.51 19.59
N VAL C 77 -22.29 18.68 18.74
CA VAL C 77 -21.85 19.16 17.43
C VAL C 77 -23.06 19.58 16.60
N ASN C 78 -24.13 18.79 16.65
CA ASN C 78 -25.36 19.11 15.91
C ASN C 78 -25.88 20.47 16.36
N GLU C 79 -25.84 20.67 17.67
CA GLU C 79 -26.29 21.92 18.28
C GLU C 79 -25.46 23.10 17.75
N LEU C 80 -24.14 22.93 17.75
CA LEU C 80 -23.24 23.99 17.29
C LEU C 80 -23.44 24.35 15.81
N LEU C 81 -23.53 23.34 14.95
CA LEU C 81 -23.69 23.58 13.53
C LEU C 81 -25.03 24.18 13.13
N ALA C 82 -25.99 24.17 14.06
CA ALA C 82 -27.29 24.75 13.78
C ALA C 82 -27.22 26.27 13.99
N ARG C 83 -26.12 26.72 14.60
CA ARG C 83 -25.91 28.15 14.86
C ARG C 83 -25.36 28.85 13.63
N ASP C 84 -25.83 30.06 13.35
CA ASP C 84 -25.34 30.80 12.20
C ASP C 84 -23.91 31.32 12.42
N ASP C 85 -23.49 31.44 13.67
CA ASP C 85 -22.15 31.94 13.96
C ASP C 85 -21.09 30.84 14.05
N VAL C 86 -21.41 29.66 13.52
CA VAL C 86 -20.48 28.53 13.50
C VAL C 86 -20.46 28.00 12.08
N ASP C 87 -19.29 28.04 11.43
CA ASP C 87 -19.16 27.58 10.06
C ASP C 87 -18.66 26.14 9.94
N GLY C 88 -18.00 25.66 10.99
CA GLY C 88 -17.48 24.31 10.98
C GLY C 88 -16.92 23.96 12.34
N VAL C 89 -16.69 22.66 12.56
N VAL C 89 -16.69 22.66 12.56
CA VAL C 89 -16.15 22.22 13.84
CA VAL C 89 -16.16 22.20 13.84
C VAL C 89 -14.97 21.28 13.66
C VAL C 89 -14.97 21.27 13.66
N VAL C 90 -13.97 21.43 14.53
CA VAL C 90 -12.79 20.59 14.51
C VAL C 90 -12.84 19.89 15.86
N ILE C 91 -12.78 18.56 15.82
CA ILE C 91 -12.84 17.77 17.04
C ILE C 91 -11.51 17.05 17.28
N THR C 92 -10.80 17.41 18.36
CA THR C 92 -9.55 16.74 18.68
C THR C 92 -9.94 15.45 19.39
N HIS C 93 -9.29 14.35 19.04
CA HIS C 93 -9.66 13.05 19.60
C HIS C 93 -8.47 12.08 19.56
N GLY C 94 -8.40 11.17 20.51
CA GLY C 94 -7.32 10.20 20.51
C GLY C 94 -7.42 9.35 19.26
N THR C 95 -6.28 8.91 18.74
CA THR C 95 -6.25 8.11 17.52
C THR C 95 -6.85 6.71 17.61
N ASP C 96 -6.71 6.07 18.76
CA ASP C 96 -7.20 4.70 18.92
C ASP C 96 -8.64 4.43 18.52
N THR C 97 -9.57 5.30 18.91
CA THR C 97 -10.96 5.06 18.56
C THR C 97 -11.60 6.22 17.80
N VAL C 98 -10.78 7.07 17.19
CA VAL C 98 -11.34 8.20 16.44
C VAL C 98 -12.19 7.67 15.29
N GLU C 99 -11.85 6.50 14.75
CA GLU C 99 -12.65 5.97 13.63
C GLU C 99 -14.07 5.60 14.07
N GLU C 100 -14.21 5.21 15.33
CA GLU C 100 -15.53 4.85 15.84
C GLU C 100 -16.35 6.11 16.10
N SER C 101 -15.77 7.06 16.82
CA SER C 101 -16.47 8.31 17.09
C SER C 101 -16.79 9.09 15.81
N ALA C 102 -15.83 9.14 14.90
CA ALA C 102 -16.02 9.86 13.65
C ALA C 102 -17.15 9.27 12.81
N TYR C 103 -17.16 7.96 12.68
CA TYR C 103 -18.21 7.33 11.90
C TYR C 103 -19.57 7.53 12.61
N PHE C 104 -19.57 7.57 13.93
CA PHE C 104 -20.83 7.78 14.64
C PHE C 104 -21.41 9.15 14.22
N LEU C 105 -20.60 10.21 14.31
CA LEU C 105 -21.07 11.53 13.92
C LEU C 105 -21.39 11.58 12.43
N HIS C 106 -20.61 10.86 11.63
CA HIS C 106 -20.82 10.78 10.18
C HIS C 106 -22.28 10.40 9.90
N LEU C 107 -22.83 9.56 10.76
CA LEU C 107 -24.20 9.07 10.58
C LEU C 107 -25.28 9.87 11.31
N THR C 108 -24.89 10.63 12.32
CA THR C 108 -25.86 11.35 13.14
C THR C 108 -25.90 12.87 13.11
N VAL C 109 -24.88 13.51 12.55
CA VAL C 109 -24.85 14.98 12.48
C VAL C 109 -25.56 15.44 11.21
N LYS C 110 -26.69 16.12 11.40
CA LYS C 110 -27.50 16.58 10.28
C LYS C 110 -27.13 17.98 9.80
N SER C 111 -25.96 18.08 9.18
CA SER C 111 -25.48 19.36 8.66
C SER C 111 -24.46 19.12 7.56
N ASP C 112 -24.39 20.07 6.62
CA ASP C 112 -23.43 19.98 5.55
C ASP C 112 -22.16 20.75 5.94
N LYS C 113 -22.24 21.46 7.05
CA LYS C 113 -21.08 22.21 7.53
C LYS C 113 -20.01 21.19 7.90
N PRO C 114 -18.73 21.52 7.64
CA PRO C 114 -17.63 20.59 7.95
C PRO C 114 -17.45 20.18 9.41
N VAL C 115 -17.26 18.88 9.59
CA VAL C 115 -16.99 18.29 10.90
C VAL C 115 -15.68 17.57 10.64
N VAL C 116 -14.61 18.05 11.27
CA VAL C 116 -13.28 17.50 11.05
C VAL C 116 -12.60 16.97 12.30
N PHE C 117 -12.47 15.65 12.39
CA PHE C 117 -11.77 15.06 13.53
C PHE C 117 -10.29 15.20 13.23
N VAL C 118 -9.51 15.49 14.25
CA VAL C 118 -8.07 15.64 14.09
C VAL C 118 -7.42 14.91 15.24
N ALA C 119 -6.22 14.40 15.01
CA ALA C 119 -5.51 13.66 16.04
C ALA C 119 -4.02 13.76 15.77
N ALA C 120 -3.23 13.13 16.64
CA ALA C 120 -1.78 13.14 16.51
C ALA C 120 -1.25 11.82 17.05
N MET C 121 -0.18 11.32 16.44
CA MET C 121 0.41 10.06 16.85
C MET C 121 1.57 10.25 17.83
N ARG C 122 2.08 11.47 17.94
CA ARG C 122 3.15 11.78 18.88
C ARG C 122 2.61 12.82 19.84
N PRO C 123 3.00 12.74 21.13
CA PRO C 123 2.50 13.73 22.09
C PRO C 123 3.00 15.13 21.75
N ALA C 124 2.30 16.13 22.25
CA ALA C 124 2.63 17.54 21.99
C ALA C 124 4.04 17.89 22.46
N THR C 125 4.55 17.12 23.41
CA THR C 125 5.87 17.35 23.97
C THR C 125 6.99 16.67 23.21
N ALA C 126 6.64 15.81 22.27
CA ALA C 126 7.64 15.07 21.51
C ALA C 126 8.38 15.85 20.42
N ILE C 127 9.59 15.39 20.15
CA ILE C 127 10.42 15.97 19.11
C ILE C 127 9.68 15.66 17.81
N SER C 128 9.53 16.66 16.96
CA SER C 128 8.84 16.50 15.69
C SER C 128 7.38 16.06 15.87
N ALA C 129 6.73 16.61 16.89
CA ALA C 129 5.33 16.29 17.17
C ALA C 129 4.51 16.64 15.92
N ASP C 130 3.54 15.80 15.60
CA ASP C 130 2.71 16.00 14.41
C ASP C 130 1.41 16.77 14.65
N GLY C 131 1.03 16.88 15.92
CA GLY C 131 -0.20 17.57 16.28
C GLY C 131 -0.36 19.00 15.77
N PRO C 132 0.68 19.83 15.90
CA PRO C 132 0.59 21.22 15.43
C PRO C 132 0.17 21.33 13.96
N MET C 133 0.86 20.63 13.07
CA MET C 133 0.50 20.69 11.66
C MET C 133 -0.85 20.03 11.38
N ASN C 134 -1.13 18.92 12.06
CA ASN C 134 -2.42 18.23 11.87
C ASN C 134 -3.57 19.17 12.22
N LEU C 135 -3.42 19.89 13.33
CA LEU C 135 -4.45 20.83 13.77
C LEU C 135 -4.62 21.97 12.77
N LEU C 136 -3.51 22.53 12.29
CA LEU C 136 -3.57 23.61 11.32
C LEU C 136 -4.30 23.13 10.06
N GLU C 137 -3.98 21.91 9.63
CA GLU C 137 -4.61 21.36 8.44
C GLU C 137 -6.11 21.15 8.66
N ALA C 138 -6.47 20.71 9.87
CA ALA C 138 -7.87 20.46 10.21
C ALA C 138 -8.65 21.77 10.18
N VAL C 139 -8.08 22.82 10.75
CA VAL C 139 -8.75 24.11 10.75
C VAL C 139 -8.91 24.63 9.34
N ARG C 140 -7.90 24.41 8.50
N ARG C 140 -7.89 24.42 8.50
CA ARG C 140 -7.96 24.87 7.11
CA ARG C 140 -7.96 24.87 7.11
C ARG C 140 -9.08 24.15 6.38
C ARG C 140 -9.10 24.15 6.39
N VAL C 141 -9.19 22.83 6.58
CA VAL C 141 -10.24 22.03 5.94
C VAL C 141 -11.62 22.44 6.47
N ALA C 142 -11.74 22.60 7.78
CA ALA C 142 -13.03 22.97 8.37
C ALA C 142 -13.52 24.34 7.91
N GLY C 143 -12.58 25.24 7.59
CA GLY C 143 -12.97 26.58 7.18
C GLY C 143 -13.11 26.83 5.69
N ASP C 144 -12.76 25.84 4.87
CA ASP C 144 -12.87 26.00 3.42
C ASP C 144 -14.29 25.68 2.97
N LYS C 145 -14.91 26.60 2.25
CA LYS C 145 -16.27 26.37 1.79
C LYS C 145 -16.37 25.18 0.81
N GLN C 146 -15.25 24.81 0.20
CA GLN C 146 -15.24 23.67 -0.72
C GLN C 146 -15.30 22.36 0.07
N SER C 147 -15.20 22.46 1.39
CA SER C 147 -15.24 21.29 2.27
C SER C 147 -16.65 20.85 2.68
N ARG C 148 -17.66 21.61 2.30
CA ARG C 148 -19.04 21.31 2.66
C ARG C 148 -19.66 20.07 2.00
N GLY C 149 -20.56 19.42 2.74
CA GLY C 149 -21.28 18.25 2.23
C GLY C 149 -20.47 17.02 1.89
N ARG C 150 -19.32 16.83 2.54
CA ARG C 150 -18.46 15.68 2.25
C ARG C 150 -18.52 14.55 3.26
N GLY C 151 -19.33 14.70 4.30
CA GLY C 151 -19.42 13.69 5.34
C GLY C 151 -18.36 14.02 6.37
N VAL C 152 -18.32 13.31 7.48
CA VAL C 152 -17.32 13.58 8.50
C VAL C 152 -15.96 13.15 7.97
N MET C 153 -14.95 13.96 8.29
CA MET C 153 -13.59 13.72 7.84
C MET C 153 -12.64 13.57 9.01
N VAL C 154 -11.53 12.87 8.75
CA VAL C 154 -10.48 12.66 9.73
C VAL C 154 -9.21 13.20 9.05
N VAL C 155 -8.65 14.25 9.63
CA VAL C 155 -7.46 14.90 9.07
C VAL C 155 -6.22 14.67 9.92
N ILE C 156 -5.17 14.20 9.27
CA ILE C 156 -3.90 13.90 9.93
C ILE C 156 -2.86 13.53 8.87
N ASN C 157 -1.61 13.93 9.10
CA ASN C 157 -0.51 13.63 8.17
C ASN C 157 -0.76 14.03 6.72
N ASP C 158 -1.26 15.25 6.53
CA ASP C 158 -1.55 15.82 5.21
C ASP C 158 -2.66 15.11 4.44
N ARG C 159 -3.39 14.21 5.09
CA ARG C 159 -4.47 13.49 4.41
C ARG C 159 -5.85 13.79 5.00
N ILE C 160 -6.89 13.68 4.17
CA ILE C 160 -8.28 13.89 4.56
C ILE C 160 -9.00 12.56 4.29
N GLY C 161 -9.39 11.85 5.34
CA GLY C 161 -10.05 10.58 5.15
C GLY C 161 -11.52 10.61 5.54
N SER C 162 -12.33 9.82 4.85
CA SER C 162 -13.76 9.76 5.16
C SER C 162 -13.96 8.89 6.37
N ALA C 163 -14.79 9.34 7.30
CA ALA C 163 -15.08 8.59 8.51
C ALA C 163 -15.54 7.16 8.21
N ARG C 164 -16.22 6.97 7.09
CA ARG C 164 -16.72 5.65 6.70
C ARG C 164 -15.65 4.68 6.18
N TYR C 165 -14.52 5.21 5.72
CA TYR C 165 -13.44 4.38 5.15
C TYR C 165 -12.14 4.38 5.93
N ILE C 166 -11.80 5.53 6.50
CA ILE C 166 -10.54 5.65 7.23
C ILE C 166 -10.47 4.81 8.49
N THR C 167 -9.27 4.28 8.76
CA THR C 167 -9.06 3.46 9.94
C THR C 167 -7.59 3.52 10.35
N LYS C 168 -7.31 3.27 11.62
CA LYS C 168 -5.94 3.27 12.10
C LYS C 168 -5.42 1.88 11.70
N THR C 169 -4.48 1.83 10.76
CA THR C 169 -3.93 0.57 10.27
C THR C 169 -2.63 0.15 10.91
N ASN C 170 -1.97 1.07 11.61
CA ASN C 170 -0.69 0.75 12.24
C ASN C 170 -0.73 1.18 13.69
N ALA C 171 -0.18 0.35 14.55
CA ALA C 171 -0.18 0.62 15.98
C ALA C 171 0.55 1.89 16.40
N SER C 172 1.64 2.22 15.71
CA SER C 172 2.46 3.35 16.14
C SER C 172 3.07 4.36 15.14
N THR C 173 2.72 4.30 13.86
CA THR C 173 3.32 5.23 12.91
C THR C 173 2.49 6.50 12.63
N LEU C 174 3.16 7.55 12.17
CA LEU C 174 2.50 8.81 11.83
C LEU C 174 1.54 8.69 10.66
N ASP C 175 1.85 7.78 9.74
CA ASP C 175 1.03 7.57 8.55
C ASP C 175 0.04 6.42 8.70
N THR C 176 -0.31 6.11 9.95
CA THR C 176 -1.21 5.00 10.27
C THR C 176 -2.61 5.07 9.65
N PHE C 177 -3.19 6.26 9.54
CA PHE C 177 -4.53 6.36 8.97
C PHE C 177 -4.58 6.25 7.45
N ARG C 178 -5.16 5.15 6.99
CA ARG C 178 -5.29 4.87 5.58
C ARG C 178 -6.60 4.15 5.26
N ALA C 179 -7.01 4.23 4.00
CA ALA C 179 -8.21 3.55 3.51
C ALA C 179 -7.61 2.90 2.27
N ASN C 180 -7.01 1.74 2.46
CA ASN C 180 -6.33 1.05 1.38
C ASN C 180 -7.08 0.92 0.06
N GLU C 181 -8.32 0.46 0.11
CA GLU C 181 -9.11 0.27 -1.10
C GLU C 181 -9.89 1.50 -1.55
N GLU C 182 -10.13 2.42 -0.62
CA GLU C 182 -10.93 3.59 -0.93
C GLU C 182 -10.18 4.90 -1.08
N GLY C 183 -8.92 4.92 -0.64
CA GLY C 183 -8.12 6.13 -0.76
C GLY C 183 -8.63 7.26 0.12
N TYR C 184 -8.05 8.44 -0.05
CA TYR C 184 -8.42 9.61 0.72
C TYR C 184 -9.38 10.53 -0.03
N LEU C 185 -10.19 11.27 0.70
CA LEU C 185 -11.10 12.22 0.09
C LEU C 185 -10.27 13.34 -0.53
N GLY C 186 -9.15 13.66 0.12
CA GLY C 186 -8.29 14.71 -0.38
C GLY C 186 -6.98 14.72 0.37
N VAL C 187 -6.07 15.61 -0.03
CA VAL C 187 -4.78 15.77 0.62
C VAL C 187 -4.51 17.28 0.76
N ILE C 188 -3.65 17.64 1.70
CA ILE C 188 -3.32 19.05 1.92
C ILE C 188 -1.80 19.20 1.75
N ILE C 189 -1.39 19.92 0.71
CA ILE C 189 0.03 20.11 0.45
C ILE C 189 0.30 21.58 0.17
N GLY C 190 1.34 22.12 0.79
CA GLY C 190 1.67 23.52 0.57
C GLY C 190 0.54 24.48 0.90
N ASN C 191 -0.20 24.17 1.96
CA ASN C 191 -1.31 25.01 2.41
C ASN C 191 -2.48 25.09 1.44
N ARG C 192 -2.59 24.09 0.56
CA ARG C 192 -3.68 24.05 -0.41
C ARG C 192 -4.36 22.70 -0.28
N ILE C 193 -5.70 22.69 -0.36
CA ILE C 193 -6.45 21.44 -0.26
C ILE C 193 -6.72 20.91 -1.66
N TYR C 194 -6.47 19.63 -1.85
CA TYR C 194 -6.70 18.97 -3.12
C TYR C 194 -7.74 17.88 -2.91
N TYR C 195 -8.98 18.15 -3.33
CA TYR C 195 -10.04 17.18 -3.16
C TYR C 195 -10.04 16.19 -4.31
N GLN C 196 -10.01 14.92 -3.95
CA GLN C 196 -9.93 13.81 -4.90
C GLN C 196 -11.22 13.02 -5.14
N ASN C 197 -11.91 12.71 -4.06
CA ASN C 197 -13.14 11.91 -4.12
C ASN C 197 -14.24 12.45 -3.24
N ARG C 198 -15.46 12.02 -3.55
CA ARG C 198 -16.65 12.31 -2.75
C ARG C 198 -17.12 10.88 -2.49
N ILE C 199 -17.43 10.56 -1.24
N ILE C 199 -17.42 10.54 -1.23
CA ILE C 199 -17.88 9.21 -0.90
CA ILE C 199 -17.87 9.19 -0.92
C ILE C 199 -19.25 8.93 -1.52
C ILE C 199 -19.25 8.91 -1.50
N ASP C 200 -19.40 7.73 -2.09
CA ASP C 200 -20.67 7.34 -2.71
C ASP C 200 -21.53 6.56 -1.72
N LYS C 201 -21.84 7.19 -0.59
CA LYS C 201 -22.65 6.58 0.47
C LYS C 201 -23.47 7.65 1.17
N LEU C 202 -24.51 7.22 1.87
CA LEU C 202 -25.39 8.14 2.59
C LEU C 202 -24.72 8.58 3.88
N HIS C 203 -24.91 9.84 4.25
CA HIS C 203 -24.35 10.36 5.48
C HIS C 203 -24.99 11.68 5.84
N THR C 204 -24.57 12.24 6.96
CA THR C 204 -25.04 13.52 7.48
C THR C 204 -26.47 13.93 7.14
N THR C 205 -26.63 14.93 6.29
CA THR C 205 -27.97 15.42 5.95
C THR C 205 -28.89 14.43 5.25
N ARG C 206 -28.34 13.35 4.73
N ARG C 206 -28.33 13.35 4.73
CA ARG C 206 -29.16 12.34 4.05
CA ARG C 206 -29.13 12.33 4.05
C ARG C 206 -29.38 11.12 4.93
C ARG C 206 -29.28 11.08 4.89
N SER C 207 -28.84 11.14 6.14
CA SER C 207 -28.95 10.01 7.05
C SER C 207 -30.26 9.96 7.82
N VAL C 208 -30.79 8.75 8.01
CA VAL C 208 -32.03 8.57 8.75
C VAL C 208 -31.75 8.41 10.25
N PHE C 209 -30.48 8.34 10.63
CA PHE C 209 -30.14 8.13 12.04
C PHE C 209 -30.21 9.36 12.94
N ASP C 210 -31.43 9.65 13.38
CA ASP C 210 -31.74 10.76 14.26
C ASP C 210 -31.51 10.28 15.70
N VAL C 211 -30.63 10.95 16.44
CA VAL C 211 -30.38 10.56 17.83
C VAL C 211 -30.65 11.69 18.82
N ARG C 212 -31.41 12.69 18.38
CA ARG C 212 -31.77 13.80 19.27
C ARG C 212 -32.48 13.23 20.48
N GLY C 213 -32.11 13.69 21.68
CA GLY C 213 -32.77 13.24 22.89
C GLY C 213 -32.40 11.88 23.46
N LEU C 214 -31.66 11.06 22.71
CA LEU C 214 -31.28 9.76 23.21
C LEU C 214 -30.20 9.89 24.27
N THR C 215 -30.16 8.92 25.19
N THR C 215 -30.19 8.94 25.21
CA THR C 215 -29.18 8.96 26.27
CA THR C 215 -29.20 8.95 26.30
C THR C 215 -28.44 7.64 26.41
C THR C 215 -28.47 7.62 26.45
N SER C 216 -28.76 6.68 25.56
CA SER C 216 -28.10 5.38 25.61
C SER C 216 -28.26 4.70 24.26
N LEU C 217 -27.39 3.73 24.00
CA LEU C 217 -27.42 3.01 22.74
C LEU C 217 -27.47 1.51 22.95
N PRO C 218 -28.04 0.77 21.99
CA PRO C 218 -28.13 -0.68 22.08
C PRO C 218 -26.74 -1.27 22.28
N LYS C 219 -26.66 -2.28 23.15
CA LYS C 219 -25.40 -2.94 23.44
C LYS C 219 -24.97 -3.87 22.31
N VAL C 220 -23.75 -3.68 21.83
CA VAL C 220 -23.23 -4.51 20.76
C VAL C 220 -21.78 -4.87 21.09
N ASP C 221 -21.46 -6.15 21.06
CA ASP C 221 -20.09 -6.55 21.34
C ASP C 221 -19.41 -7.17 20.11
N ILE C 222 -18.10 -7.27 20.16
CA ILE C 222 -17.34 -7.81 19.04
C ILE C 222 -16.57 -9.05 19.44
N LEU C 223 -16.76 -10.12 18.67
CA LEU C 223 -16.08 -11.38 18.94
C LEU C 223 -15.14 -11.70 17.78
N TYR C 224 -13.93 -12.13 18.10
CA TYR C 224 -12.92 -12.44 17.09
C TYR C 224 -13.08 -13.84 16.50
N GLY C 225 -12.58 -14.01 15.28
CA GLY C 225 -12.62 -15.29 14.60
C GLY C 225 -11.18 -15.75 14.42
N TYR C 226 -10.91 -17.00 14.77
CA TYR C 226 -9.57 -17.56 14.66
C TYR C 226 -9.67 -19.06 14.94
N GLN C 227 -8.57 -19.78 14.73
CA GLN C 227 -8.56 -21.22 14.98
C GLN C 227 -8.93 -21.51 16.44
N ASP C 228 -9.77 -22.51 16.64
CA ASP C 228 -10.22 -22.89 17.98
C ASP C 228 -11.06 -21.81 18.68
N ASP C 229 -11.66 -20.90 17.93
CA ASP C 229 -12.47 -19.86 18.58
C ASP C 229 -13.56 -20.57 19.40
N PRO C 230 -13.73 -20.15 20.67
CA PRO C 230 -14.71 -20.74 21.59
C PRO C 230 -16.16 -20.30 21.52
N GLU C 231 -17.04 -21.29 21.68
CA GLU C 231 -18.48 -21.06 21.65
C GLU C 231 -18.94 -20.31 22.90
N TYR C 232 -18.25 -20.51 24.01
CA TYR C 232 -18.63 -19.88 25.27
C TYR C 232 -18.65 -18.35 25.23
N LEU C 233 -17.88 -17.76 24.31
CA LEU C 233 -17.84 -16.31 24.18
C LEU C 233 -19.21 -15.81 23.71
N TYR C 234 -19.86 -16.57 22.84
CA TYR C 234 -21.19 -16.20 22.35
C TYR C 234 -22.19 -16.35 23.50
N ASP C 235 -22.07 -17.43 24.26
CA ASP C 235 -22.95 -17.68 25.40
C ASP C 235 -22.88 -16.49 26.35
N ALA C 236 -21.65 -16.07 26.64
CA ALA C 236 -21.37 -14.95 27.54
C ALA C 236 -22.02 -13.66 27.06
N ALA C 237 -21.86 -13.34 25.77
CA ALA C 237 -22.44 -12.13 25.21
C ALA C 237 -23.96 -12.15 25.36
N ILE C 238 -24.57 -13.26 24.99
CA ILE C 238 -26.01 -13.43 25.07
C ILE C 238 -26.49 -13.27 26.51
N GLN C 239 -25.81 -13.93 27.43
CA GLN C 239 -26.13 -13.87 28.85
C GLN C 239 -26.15 -12.44 29.37
N HIS C 240 -25.30 -11.59 28.81
CA HIS C 240 -25.25 -10.20 29.26
C HIS C 240 -26.13 -9.26 28.46
N GLY C 241 -27.11 -9.83 27.77
CA GLY C 241 -28.07 -9.05 27.02
C GLY C 241 -27.64 -8.18 25.86
N VAL C 242 -26.64 -8.60 25.08
CA VAL C 242 -26.24 -7.78 23.95
C VAL C 242 -27.42 -7.79 22.98
N LYS C 243 -27.55 -6.73 22.20
CA LYS C 243 -28.63 -6.61 21.22
C LYS C 243 -28.06 -7.05 19.86
N GLY C 244 -26.74 -7.00 19.75
CA GLY C 244 -26.10 -7.39 18.52
C GLY C 244 -24.68 -7.86 18.77
N ILE C 245 -24.19 -8.69 17.86
CA ILE C 245 -22.83 -9.20 17.94
C ILE C 245 -22.17 -8.96 16.58
N VAL C 246 -21.02 -8.30 16.60
CA VAL C 246 -20.27 -8.07 15.37
C VAL C 246 -19.15 -9.09 15.43
N TYR C 247 -19.03 -9.87 14.36
CA TYR C 247 -18.02 -10.91 14.28
C TYR C 247 -16.83 -10.47 13.41
N ALA C 248 -15.65 -10.34 14.03
CA ALA C 248 -14.44 -9.97 13.29
C ALA C 248 -13.91 -11.31 12.79
N GLY C 249 -14.57 -11.82 11.76
CA GLY C 249 -14.25 -13.13 11.25
C GLY C 249 -13.02 -13.44 10.42
N MET C 250 -12.79 -14.74 10.30
CA MET C 250 -11.69 -15.24 9.50
C MET C 250 -12.11 -14.99 8.07
N GLY C 251 -11.17 -14.55 7.24
CA GLY C 251 -11.46 -14.29 5.83
C GLY C 251 -12.70 -13.45 5.60
N ALA C 252 -13.56 -13.93 4.70
CA ALA C 252 -14.79 -13.21 4.37
C ALA C 252 -15.88 -13.59 5.37
N GLY C 253 -15.61 -13.35 6.65
CA GLY C 253 -16.59 -13.68 7.68
C GLY C 253 -16.91 -15.16 7.79
N SER C 254 -15.95 -16.01 7.46
N SER C 254 -15.95 -16.03 7.48
CA SER C 254 -16.15 -17.46 7.55
CA SER C 254 -16.16 -17.46 7.57
C SER C 254 -16.32 -17.82 9.02
C SER C 254 -16.34 -17.84 9.04
N VAL C 255 -17.11 -18.85 9.29
N VAL C 255 -17.15 -18.86 9.30
CA VAL C 255 -17.39 -19.27 10.66
CA VAL C 255 -17.42 -19.28 10.66
C VAL C 255 -17.09 -20.74 10.93
C VAL C 255 -17.11 -20.75 10.94
N SER C 256 -16.44 -21.01 12.06
CA SER C 256 -16.10 -22.37 12.44
C SER C 256 -17.39 -23.04 12.94
N VAL C 257 -17.35 -24.36 13.16
CA VAL C 257 -18.55 -25.05 13.65
C VAL C 257 -18.94 -24.52 15.03
N ARG C 258 -17.95 -24.06 15.79
CA ARG C 258 -18.23 -23.52 17.13
C ARG C 258 -18.86 -22.14 16.99
N GLY C 259 -18.36 -21.35 16.05
CA GLY C 259 -18.90 -20.03 15.84
C GLY C 259 -20.34 -20.12 15.35
N ILE C 260 -20.61 -21.11 14.51
N ILE C 260 -20.63 -21.10 14.50
CA ILE C 260 -21.94 -21.34 13.95
CA ILE C 260 -21.97 -21.27 13.97
C ILE C 260 -22.93 -21.66 15.07
C ILE C 260 -22.95 -21.66 15.08
N ALA C 261 -22.52 -22.54 15.97
CA ALA C 261 -23.39 -22.95 17.08
C ALA C 261 -23.68 -21.72 17.94
N GLY C 262 -22.65 -20.92 18.18
CA GLY C 262 -22.82 -19.72 18.99
C GLY C 262 -23.74 -18.70 18.32
N MET C 263 -23.60 -18.55 17.02
CA MET C 263 -24.43 -17.61 16.27
C MET C 263 -25.88 -18.06 16.22
N ARG C 264 -26.10 -19.35 16.06
CA ARG C 264 -27.47 -19.88 16.02
C ARG C 264 -28.15 -19.60 17.36
N LYS C 265 -27.40 -19.74 18.44
CA LYS C 265 -27.94 -19.46 19.77
C LYS C 265 -28.32 -18.00 19.89
N ALA C 266 -27.44 -17.11 19.43
CA ALA C 266 -27.69 -15.67 19.49
C ALA C 266 -28.95 -15.30 18.70
N LEU C 267 -29.09 -15.86 17.50
CA LEU C 267 -30.25 -15.57 16.68
C LEU C 267 -31.54 -16.05 17.32
N GLU C 268 -31.49 -17.20 18.00
CA GLU C 268 -32.68 -17.74 18.67
C GLU C 268 -33.12 -16.79 19.77
N LYS C 269 -32.14 -16.11 20.37
N LYS C 269 -32.14 -16.11 20.37
CA LYS C 269 -32.40 -15.16 21.44
CA LYS C 269 -32.40 -15.16 21.44
C LYS C 269 -32.74 -13.76 20.93
C LYS C 269 -32.73 -13.75 20.92
N GLY C 270 -32.87 -13.63 19.61
CA GLY C 270 -33.20 -12.33 19.03
C GLY C 270 -32.05 -11.34 18.87
N VAL C 271 -30.81 -11.80 19.10
CA VAL C 271 -29.66 -10.92 18.94
C VAL C 271 -29.32 -10.84 17.45
N VAL C 272 -28.98 -9.65 16.96
CA VAL C 272 -28.62 -9.51 15.55
C VAL C 272 -27.14 -9.80 15.37
N VAL C 273 -26.82 -10.74 14.48
CA VAL C 273 -25.44 -11.13 14.22
C VAL C 273 -24.97 -10.49 12.91
N MET C 274 -23.86 -9.77 12.99
CA MET C 274 -23.26 -9.09 11.84
C MET C 274 -21.88 -9.64 11.60
N ARG C 275 -21.69 -10.30 10.45
CA ARG C 275 -20.39 -10.87 10.13
C ARG C 275 -19.48 -9.89 9.38
N SER C 276 -18.39 -9.51 10.03
CA SER C 276 -17.40 -8.62 9.43
C SER C 276 -16.14 -9.46 9.21
N THR C 277 -14.98 -8.82 9.14
CA THR C 277 -13.73 -9.54 8.92
C THR C 277 -12.58 -8.99 9.75
N ARG C 278 -11.67 -9.86 10.15
CA ARG C 278 -10.50 -9.47 10.94
C ARG C 278 -9.35 -9.07 10.01
N THR C 279 -9.51 -9.32 8.71
CA THR C 279 -8.44 -9.07 7.74
C THR C 279 -7.95 -7.63 7.62
N GLY C 280 -8.88 -6.69 7.69
CA GLY C 280 -8.54 -5.28 7.61
C GLY C 280 -9.17 -4.51 6.46
N ASN C 281 -9.52 -5.23 5.40
CA ASN C 281 -10.08 -4.59 4.22
C ASN C 281 -11.01 -5.51 3.45
N GLY C 282 -11.81 -4.94 2.56
CA GLY C 282 -12.64 -5.77 1.72
C GLY C 282 -14.11 -5.99 2.02
N ILE C 283 -14.71 -6.72 1.10
CA ILE C 283 -16.12 -7.03 1.14
C ILE C 283 -16.42 -8.40 1.74
N VAL C 284 -17.39 -8.42 2.65
CA VAL C 284 -17.87 -9.67 3.22
C VAL C 284 -19.17 -9.75 2.43
N PRO C 285 -19.26 -10.71 1.49
CA PRO C 285 -20.43 -10.91 0.64
C PRO C 285 -21.55 -11.73 1.26
N PRO C 286 -22.77 -11.54 0.75
CA PRO C 286 -23.95 -12.27 1.24
C PRO C 286 -23.69 -13.75 1.02
N ASP C 287 -24.19 -14.59 1.93
CA ASP C 287 -24.04 -16.03 1.81
C ASP C 287 -25.19 -16.62 2.60
N GLU C 288 -26.23 -17.04 1.89
CA GLU C 288 -27.43 -17.61 2.50
C GLU C 288 -27.14 -18.88 3.30
N GLU C 289 -25.98 -19.48 3.04
CA GLU C 289 -25.58 -20.71 3.72
C GLU C 289 -24.97 -20.45 5.10
N LEU C 290 -24.76 -19.18 5.43
CA LEU C 290 -24.18 -18.81 6.71
C LEU C 290 -25.17 -17.98 7.52
N PRO C 291 -25.08 -18.05 8.85
CA PRO C 291 -25.99 -17.27 9.70
C PRO C 291 -25.61 -15.80 9.79
N GLY C 292 -26.58 -14.97 10.16
CA GLY C 292 -26.33 -13.55 10.32
C GLY C 292 -26.32 -12.72 9.05
N LEU C 293 -26.02 -11.44 9.23
CA LEU C 293 -25.94 -10.50 8.13
C LEU C 293 -24.46 -10.31 7.78
N VAL C 294 -24.19 -9.56 6.71
CA VAL C 294 -22.81 -9.30 6.28
C VAL C 294 -22.50 -7.80 6.34
N SER C 295 -21.28 -7.47 6.69
CA SER C 295 -20.89 -6.06 6.86
C SER C 295 -20.48 -5.24 5.64
N ASP C 296 -20.61 -5.78 4.43
CA ASP C 296 -20.22 -5.02 3.25
C ASP C 296 -18.71 -4.74 3.45
N SER C 297 -18.26 -3.50 3.24
CA SER C 297 -16.84 -3.20 3.44
C SER C 297 -16.56 -2.59 4.80
N LEU C 298 -17.54 -2.59 5.70
CA LEU C 298 -17.31 -2.02 7.03
C LEU C 298 -16.45 -2.96 7.87
N ASN C 299 -15.42 -2.42 8.51
CA ASN C 299 -14.59 -3.27 9.37
C ASN C 299 -15.34 -3.44 10.70
N PRO C 300 -14.84 -4.30 11.60
CA PRO C 300 -15.51 -4.52 12.89
C PRO C 300 -15.89 -3.28 13.71
N ALA C 301 -14.94 -2.36 13.87
CA ALA C 301 -15.20 -1.14 14.64
C ALA C 301 -16.32 -0.30 14.03
N HIS C 302 -16.27 -0.10 12.71
CA HIS C 302 -17.30 0.67 12.02
C HIS C 302 -18.62 -0.08 12.04
N ALA C 303 -18.57 -1.40 11.83
CA ALA C 303 -19.77 -2.22 11.80
C ALA C 303 -20.53 -2.15 13.13
N ARG C 304 -19.80 -2.17 14.24
CA ARG C 304 -20.45 -2.08 15.54
C ARG C 304 -21.23 -0.76 15.66
N ILE C 305 -20.60 0.34 15.26
CA ILE C 305 -21.25 1.64 15.32
C ILE C 305 -22.55 1.69 14.50
N LEU C 306 -22.48 1.27 13.25
CA LEU C 306 -23.68 1.30 12.42
C LEU C 306 -24.77 0.37 12.97
N LEU C 307 -24.38 -0.78 13.49
CA LEU C 307 -25.34 -1.74 14.05
C LEU C 307 -26.04 -1.15 15.26
N MET C 308 -25.29 -0.48 16.12
CA MET C 308 -25.90 0.12 17.30
C MET C 308 -26.95 1.14 16.86
N LEU C 309 -26.59 1.98 15.90
CA LEU C 309 -27.49 3.00 15.41
C LEU C 309 -28.68 2.39 14.67
N ALA C 310 -28.43 1.30 13.95
CA ALA C 310 -29.51 0.63 13.22
C ALA C 310 -30.55 0.13 14.23
N LEU C 311 -30.07 -0.48 15.31
CA LEU C 311 -30.96 -1.02 16.34
C LEU C 311 -31.80 0.01 17.10
N THR C 312 -31.49 1.29 16.93
CA THR C 312 -32.30 2.31 17.60
C THR C 312 -33.54 2.56 16.74
N ARG C 313 -33.53 2.02 15.53
N ARG C 313 -33.50 2.04 15.52
CA ARG C 313 -34.66 2.21 14.62
CA ARG C 313 -34.59 2.22 14.56
C ARG C 313 -35.37 0.93 14.22
C ARG C 313 -35.34 0.95 14.18
N THR C 314 -34.67 -0.19 14.23
CA THR C 314 -35.29 -1.46 13.84
C THR C 314 -34.53 -2.70 14.30
N SER C 315 -35.19 -3.85 14.20
CA SER C 315 -34.59 -5.13 14.56
C SER C 315 -34.81 -6.04 13.35
N ASP C 316 -35.40 -5.49 12.31
CA ASP C 316 -35.66 -6.23 11.07
C ASP C 316 -34.33 -6.41 10.33
N PRO C 317 -33.85 -7.66 10.24
CA PRO C 317 -32.58 -7.96 9.55
C PRO C 317 -32.47 -7.40 8.14
N LYS C 318 -33.57 -7.44 7.38
CA LYS C 318 -33.56 -6.94 6.01
C LYS C 318 -33.29 -5.44 5.94
N VAL C 319 -33.87 -4.69 6.88
CA VAL C 319 -33.67 -3.24 6.90
C VAL C 319 -32.24 -2.96 7.31
N ILE C 320 -31.78 -3.65 8.36
CA ILE C 320 -30.43 -3.47 8.85
C ILE C 320 -29.41 -3.80 7.75
N GLN C 321 -29.64 -4.90 7.03
CA GLN C 321 -28.73 -5.28 5.96
C GLN C 321 -28.65 -4.21 4.87
N GLU C 322 -29.79 -3.60 4.54
CA GLU C 322 -29.82 -2.53 3.52
C GLU C 322 -28.97 -1.35 4.00
N TYR C 323 -29.06 -1.06 5.30
CA TYR C 323 -28.29 0.04 5.89
C TYR C 323 -26.81 -0.22 5.66
N PHE C 324 -26.39 -1.47 5.87
CA PHE C 324 -24.99 -1.80 5.70
C PHE C 324 -24.49 -1.73 4.27
N HIS C 325 -25.40 -1.72 3.30
CA HIS C 325 -24.99 -1.62 1.90
C HIS C 325 -25.11 -0.18 1.39
N THR C 326 -25.69 0.69 2.20
CA THR C 326 -25.89 2.08 1.79
C THR C 326 -25.23 3.14 2.64
N TYR C 327 -24.81 2.78 3.85
CA TYR C 327 -24.16 3.74 4.75
C TYR C 327 -22.68 3.45 4.94
N LEU D 4 29.83 5.53 24.65
CA LEU D 4 28.88 5.78 23.52
C LEU D 4 29.57 5.61 22.17
N PRO D 5 28.79 5.23 21.14
CA PRO D 5 29.39 5.05 19.81
C PRO D 5 29.81 6.40 19.23
N ASN D 6 30.81 6.37 18.36
CA ASN D 6 31.33 7.57 17.71
C ASN D 6 30.74 7.65 16.31
N ILE D 7 29.88 8.65 16.10
CA ILE D 7 29.21 8.82 14.83
C ILE D 7 29.53 10.16 14.18
N VAL D 8 29.85 10.11 12.89
CA VAL D 8 30.12 11.33 12.14
C VAL D 8 28.84 11.62 11.35
N ILE D 9 28.41 12.88 11.39
CA ILE D 9 27.23 13.31 10.64
C ILE D 9 27.81 14.10 9.47
N LEU D 10 27.84 13.49 8.31
CA LEU D 10 28.39 14.08 7.09
C LEU D 10 27.24 14.75 6.34
N ALA D 11 27.18 16.08 6.38
CA ALA D 11 26.11 16.82 5.72
C ALA D 11 26.36 17.19 4.26
N THR D 12 25.34 17.01 3.42
CA THR D 12 25.46 17.36 2.01
C THR D 12 24.41 18.38 1.58
N GLY D 13 23.43 18.64 2.44
CA GLY D 13 22.38 19.60 2.14
C GLY D 13 20.96 19.06 2.35
N GLY D 14 20.05 19.42 1.45
CA GLY D 14 18.68 18.93 1.55
C GLY D 14 17.70 19.72 2.39
N THR D 15 16.45 19.26 2.38
CA THR D 15 15.38 19.90 3.14
C THR D 15 15.56 19.81 4.65
N ILE D 16 16.30 18.81 5.09
CA ILE D 16 16.56 18.64 6.52
C ILE D 16 17.41 19.81 6.99
N ALA D 17 18.03 20.50 6.02
CA ALA D 17 18.85 21.68 6.31
C ALA D 17 18.20 22.85 5.59
N GLY D 18 16.93 22.68 5.24
CA GLY D 18 16.18 23.73 4.54
C GLY D 18 15.63 24.80 5.45
N SER D 19 15.36 25.97 4.89
CA SER D 19 14.83 27.08 5.67
C SER D 19 13.87 27.94 4.84
N ALA D 20 12.87 28.50 5.51
CA ALA D 20 11.89 29.37 4.87
C ALA D 20 11.52 30.47 5.86
N ALA D 21 10.97 31.58 5.36
CA ALA D 21 10.60 32.72 6.20
C ALA D 21 9.52 32.48 7.25
N THR D 22 8.63 31.52 7.00
CA THR D 22 7.55 31.22 7.93
C THR D 22 7.45 29.73 8.22
N GLY D 23 6.82 29.38 9.34
CA GLY D 23 6.67 27.98 9.73
C GLY D 23 5.63 27.26 8.91
N THR D 24 4.80 28.00 8.19
N THR D 24 4.81 28.02 8.20
CA THR D 24 3.75 27.39 7.38
CA THR D 24 3.74 27.46 7.38
C THR D 24 4.23 27.03 5.97
C THR D 24 4.21 27.08 5.97
N GLN D 25 5.37 27.58 5.56
CA GLN D 25 5.90 27.29 4.24
C GLN D 25 6.66 25.96 4.26
N THR D 26 6.04 24.93 3.67
CA THR D 26 6.65 23.60 3.62
C THR D 26 7.03 23.20 2.20
N THR D 27 6.85 24.11 1.25
CA THR D 27 7.21 23.86 -0.14
C THR D 27 7.92 25.10 -0.69
N GLY D 28 8.71 24.91 -1.74
CA GLY D 28 9.42 26.02 -2.36
C GLY D 28 10.43 26.71 -1.46
N TYR D 29 10.87 26.02 -0.41
CA TYR D 29 11.84 26.58 0.52
C TYR D 29 13.25 26.42 -0.02
N LYS D 30 14.22 26.95 0.72
CA LYS D 30 15.62 26.88 0.33
C LYS D 30 16.28 25.69 1.01
N ALA D 31 16.63 24.67 0.24
CA ALA D 31 17.28 23.49 0.79
C ALA D 31 18.78 23.75 0.98
N GLY D 32 19.39 22.98 1.87
CA GLY D 32 20.81 23.12 2.13
C GLY D 32 21.21 24.53 2.53
N ALA D 33 20.40 25.15 3.36
CA ALA D 33 20.67 26.52 3.81
C ALA D 33 21.32 26.59 5.21
N LEU D 34 21.07 25.57 6.03
CA LEU D 34 21.60 25.53 7.39
C LEU D 34 22.83 24.64 7.54
N GLY D 35 23.72 25.02 8.47
CA GLY D 35 24.94 24.25 8.69
C GLY D 35 24.71 22.98 9.50
N VAL D 36 25.61 22.01 9.35
CA VAL D 36 25.47 20.74 10.08
C VAL D 36 25.39 20.92 11.60
N ASP D 37 26.16 21.88 12.13
N ASP D 37 26.16 21.88 12.13
CA ASP D 37 26.16 22.12 13.57
CA ASP D 37 26.16 22.12 13.57
C ASP D 37 24.84 22.72 14.05
C ASP D 37 24.82 22.70 14.04
N THR D 38 24.11 23.36 13.15
CA THR D 38 22.82 23.94 13.50
C THR D 38 21.82 22.79 13.66
N LEU D 39 21.96 21.78 12.81
CA LEU D 39 21.07 20.63 12.89
C LEU D 39 21.32 19.87 14.19
N ILE D 40 22.60 19.72 14.55
CA ILE D 40 22.97 19.01 15.77
C ILE D 40 22.50 19.75 17.03
N ASN D 41 22.66 21.08 17.04
CA ASN D 41 22.25 21.85 18.20
C ASN D 41 20.74 21.93 18.39
N ALA D 42 19.98 21.65 17.33
CA ALA D 42 18.53 21.69 17.41
C ALA D 42 17.99 20.39 17.99
N VAL D 43 18.82 19.36 17.96
CA VAL D 43 18.44 18.06 18.49
C VAL D 43 19.59 17.51 19.35
N PRO D 44 19.91 18.22 20.44
CA PRO D 44 20.98 17.82 21.36
C PRO D 44 20.81 16.42 21.94
N GLU D 45 19.61 15.88 21.84
CA GLU D 45 19.33 14.54 22.34
C GLU D 45 20.24 13.52 21.67
N VAL D 46 20.73 13.85 20.47
N VAL D 46 20.73 13.84 20.47
CA VAL D 46 21.62 12.95 19.74
CA VAL D 46 21.61 12.92 19.74
C VAL D 46 22.88 12.62 20.52
C VAL D 46 22.87 12.62 20.53
N LYS D 47 23.34 13.60 21.29
CA LYS D 47 24.56 13.43 22.09
C LYS D 47 24.42 12.44 23.23
N LYS D 48 23.18 12.05 23.53
CA LYS D 48 22.96 11.07 24.57
C LYS D 48 22.93 9.69 23.93
N LEU D 49 22.93 9.66 22.60
CA LEU D 49 22.92 8.42 21.84
C LEU D 49 24.31 8.12 21.28
N ALA D 50 25.12 9.17 21.16
CA ALA D 50 26.45 9.00 20.62
C ALA D 50 27.30 10.26 20.74
N ASN D 51 28.59 10.08 20.48
CA ASN D 51 29.53 11.19 20.47
C ASN D 51 29.51 11.55 18.99
N VAL D 52 28.90 12.68 18.65
CA VAL D 52 28.78 13.08 17.27
C VAL D 52 29.71 14.20 16.85
N LYS D 53 30.11 14.15 15.58
CA LYS D 53 30.97 15.15 14.97
C LYS D 53 30.36 15.50 13.62
N GLY D 54 30.09 16.78 13.42
CA GLY D 54 29.51 17.20 12.15
C GLY D 54 30.61 17.54 11.16
N GLU D 55 30.38 17.19 9.89
CA GLU D 55 31.34 17.49 8.84
C GLU D 55 30.54 17.98 7.63
N GLN D 56 30.81 19.21 7.19
CA GLN D 56 30.09 19.76 6.07
C GLN D 56 30.73 19.37 4.73
N PHE D 57 30.22 18.31 4.13
CA PHE D 57 30.70 17.83 2.86
C PHE D 57 30.26 18.81 1.77
N SER D 58 28.99 19.21 1.84
CA SER D 58 28.42 20.16 0.88
C SER D 58 27.09 20.69 1.44
N ASN D 59 26.45 21.62 0.74
CA ASN D 59 25.18 22.15 1.20
C ASN D 59 24.35 22.53 -0.02
N MET D 60 23.87 21.52 -0.72
CA MET D 60 23.09 21.71 -1.95
C MET D 60 21.76 20.98 -1.94
N ALA D 61 20.90 21.35 -2.89
CA ALA D 61 19.62 20.71 -3.07
C ALA D 61 20.03 19.43 -3.81
N SER D 62 19.49 18.28 -3.41
CA SER D 62 19.91 17.03 -4.04
C SER D 62 19.62 16.89 -5.53
N GLU D 63 18.75 17.74 -6.08
CA GLU D 63 18.50 17.66 -7.52
C GLU D 63 19.77 18.05 -8.29
N ASN D 64 20.72 18.66 -7.58
CA ASN D 64 21.98 19.08 -8.18
C ASN D 64 23.15 18.18 -7.83
N MET D 65 22.87 17.11 -7.08
CA MET D 65 23.91 16.15 -6.71
C MET D 65 24.34 15.47 -8.01
N THR D 66 25.64 15.37 -8.23
CA THR D 66 26.18 14.78 -9.44
C THR D 66 27.10 13.62 -9.16
N GLY D 67 27.27 12.76 -10.16
CA GLY D 67 28.13 11.60 -10.02
C GLY D 67 29.55 11.91 -9.57
N ASP D 68 30.14 12.99 -10.08
CA ASP D 68 31.50 13.35 -9.70
C ASP D 68 31.53 13.59 -8.20
N VAL D 69 30.50 14.25 -7.68
CA VAL D 69 30.41 14.55 -6.26
C VAL D 69 30.06 13.31 -5.45
N VAL D 70 29.19 12.47 -5.99
CA VAL D 70 28.82 11.24 -5.29
C VAL D 70 30.07 10.37 -5.15
N LEU D 71 30.96 10.42 -6.15
CA LEU D 71 32.19 9.64 -6.09
C LEU D 71 33.01 10.09 -4.89
N LYS D 72 33.12 11.41 -4.70
CA LYS D 72 33.88 11.97 -3.60
C LYS D 72 33.23 11.65 -2.26
N LEU D 73 31.89 11.55 -2.25
CA LEU D 73 31.15 11.24 -1.04
C LEU D 73 31.46 9.80 -0.64
N SER D 74 31.41 8.89 -1.60
CA SER D 74 31.71 7.50 -1.35
C SER D 74 33.14 7.33 -0.86
N GLN D 75 34.07 8.05 -1.48
CA GLN D 75 35.48 7.96 -1.11
C GLN D 75 35.71 8.51 0.30
N ARG D 76 35.00 9.56 0.67
N ARG D 76 34.99 9.57 0.65
CA ARG D 76 35.17 10.14 2.00
CA ARG D 76 35.10 10.19 1.97
C ARG D 76 34.58 9.20 3.05
C ARG D 76 34.55 9.25 3.05
N VAL D 77 33.43 8.60 2.76
CA VAL D 77 32.81 7.68 3.71
C VAL D 77 33.72 6.45 3.92
N ASN D 78 34.33 5.95 2.85
CA ASN D 78 35.23 4.80 2.97
C ASN D 78 36.40 5.20 3.86
N GLU D 79 36.89 6.41 3.67
CA GLU D 79 38.01 6.93 4.42
C GLU D 79 37.65 6.98 5.91
N LEU D 80 36.46 7.50 6.18
CA LEU D 80 35.96 7.62 7.54
C LEU D 80 35.76 6.28 8.23
N LEU D 81 35.08 5.35 7.56
CA LEU D 81 34.81 4.05 8.18
C LEU D 81 36.05 3.18 8.37
N ALA D 82 37.15 3.57 7.74
CA ALA D 82 38.40 2.82 7.86
C ALA D 82 39.06 3.17 9.20
N ARG D 83 38.59 4.27 9.80
CA ARG D 83 39.13 4.74 11.07
C ARG D 83 38.57 3.97 12.27
N ASP D 84 39.43 3.73 13.27
CA ASP D 84 39.03 3.04 14.49
C ASP D 84 38.02 3.89 15.26
N ASP D 85 38.20 5.21 15.23
CA ASP D 85 37.34 6.12 15.97
C ASP D 85 36.04 6.54 15.30
N VAL D 86 35.59 5.77 14.31
CA VAL D 86 34.32 6.07 13.65
C VAL D 86 33.54 4.76 13.63
N ASP D 87 32.44 4.71 14.37
CA ASP D 87 31.62 3.50 14.44
C ASP D 87 30.55 3.48 13.35
N GLY D 88 30.23 4.65 12.83
CA GLY D 88 29.22 4.74 11.80
C GLY D 88 29.11 6.16 11.27
N VAL D 89 28.39 6.32 10.18
N VAL D 89 28.39 6.33 10.18
CA VAL D 89 28.23 7.64 9.60
CA VAL D 89 28.22 7.65 9.60
C VAL D 89 26.77 7.89 9.18
C VAL D 89 26.79 7.90 9.18
N VAL D 90 26.29 9.08 9.50
CA VAL D 90 24.94 9.49 9.16
C VAL D 90 25.15 10.57 8.10
N ILE D 91 24.49 10.43 6.95
CA ILE D 91 24.62 11.39 5.87
C ILE D 91 23.32 12.14 5.63
N THR D 92 23.31 13.44 5.89
CA THR D 92 22.10 14.23 5.65
C THR D 92 22.10 14.52 4.15
N HIS D 93 20.94 14.33 3.50
CA HIS D 93 20.90 14.48 2.05
C HIS D 93 19.47 14.86 1.62
N GLY D 94 19.35 15.56 0.50
CA GLY D 94 18.03 15.93 0.02
C GLY D 94 17.25 14.67 -0.33
N THR D 95 15.94 14.72 -0.18
CA THR D 95 15.11 13.55 -0.45
C THR D 95 14.98 13.18 -1.92
N ASP D 96 14.99 14.18 -2.81
CA ASP D 96 14.81 13.92 -4.22
C ASP D 96 15.72 12.89 -4.87
N THR D 97 17.01 12.91 -4.55
CA THR D 97 17.91 11.93 -5.15
C THR D 97 18.68 11.10 -4.13
N VAL D 98 18.17 11.04 -2.90
CA VAL D 98 18.85 10.25 -1.89
C VAL D 98 18.90 8.77 -2.30
N GLU D 99 17.89 8.31 -3.02
CA GLU D 99 17.90 6.90 -3.43
C GLU D 99 19.03 6.60 -4.41
N GLU D 100 19.45 7.63 -5.15
CA GLU D 100 20.52 7.47 -6.12
C GLU D 100 21.86 7.47 -5.38
N SER D 101 22.09 8.49 -4.55
N SER D 101 22.09 8.49 -4.56
CA SER D 101 23.32 8.60 -3.80
CA SER D 101 23.34 8.60 -3.81
C SER D 101 23.51 7.41 -2.85
C SER D 101 23.52 7.42 -2.85
N ALA D 102 22.44 7.02 -2.17
CA ALA D 102 22.50 5.91 -1.23
C ALA D 102 22.81 4.59 -1.92
N TYR D 103 22.17 4.33 -3.06
CA TYR D 103 22.43 3.09 -3.76
C TYR D 103 23.86 3.07 -4.30
N PHE D 104 24.38 4.23 -4.70
CA PHE D 104 25.76 4.29 -5.19
C PHE D 104 26.72 3.87 -4.07
N LEU D 105 26.55 4.45 -2.88
CA LEU D 105 27.44 4.08 -1.76
C LEU D 105 27.19 2.62 -1.33
N HIS D 106 25.94 2.17 -1.46
CA HIS D 106 25.56 0.79 -1.12
C HIS D 106 26.44 -0.17 -1.93
N LEU D 107 26.84 0.27 -3.13
CA LEU D 107 27.66 -0.56 -4.02
C LEU D 107 29.16 -0.29 -3.96
N THR D 108 29.56 0.83 -3.35
CA THR D 108 30.97 1.20 -3.33
C THR D 108 31.67 1.34 -1.97
N VAL D 109 30.90 1.32 -0.88
CA VAL D 109 31.50 1.44 0.44
C VAL D 109 31.88 0.05 0.93
N LYS D 110 33.17 -0.16 1.12
CA LYS D 110 33.69 -1.46 1.55
C LYS D 110 33.87 -1.60 3.06
N SER D 111 32.76 -1.51 3.78
CA SER D 111 32.78 -1.63 5.23
C SER D 111 31.42 -2.14 5.69
N ASP D 112 31.41 -2.82 6.83
N ASP D 112 31.41 -2.82 6.84
CA ASP D 112 30.16 -3.33 7.37
CA ASP D 112 30.17 -3.35 7.41
C ASP D 112 29.61 -2.36 8.41
C ASP D 112 29.60 -2.35 8.41
N LYS D 113 30.36 -1.30 8.69
CA LYS D 113 29.91 -0.28 9.64
C LYS D 113 28.70 0.42 9.02
N PRO D 114 27.71 0.79 9.85
CA PRO D 114 26.51 1.46 9.35
C PRO D 114 26.69 2.77 8.59
N VAL D 115 26.04 2.84 7.42
CA VAL D 115 26.04 4.02 6.57
C VAL D 115 24.56 4.35 6.50
N VAL D 116 24.18 5.43 7.16
CA VAL D 116 22.79 5.82 7.23
C VAL D 116 22.46 7.18 6.65
N PHE D 117 21.77 7.19 5.52
CA PHE D 117 21.35 8.46 4.93
C PHE D 117 20.08 8.88 5.67
N VAL D 118 19.98 10.17 5.95
CA VAL D 118 18.79 10.67 6.63
C VAL D 118 18.32 11.89 5.84
N ALA D 119 17.03 12.18 5.90
CA ALA D 119 16.49 13.31 5.18
C ALA D 119 15.21 13.77 5.87
N ALA D 120 14.61 14.83 5.34
CA ALA D 120 13.36 15.35 5.88
C ALA D 120 12.53 15.89 4.72
N MET D 121 11.21 15.80 4.86
CA MET D 121 10.31 16.29 3.82
C MET D 121 9.80 17.70 4.10
N ARG D 122 9.99 18.15 5.35
CA ARG D 122 9.60 19.50 5.75
C ARG D 122 10.86 20.22 6.19
N PRO D 123 10.98 21.50 5.83
CA PRO D 123 12.18 22.27 6.21
C PRO D 123 12.27 22.42 7.72
N ALA D 124 13.49 22.66 8.20
CA ALA D 124 13.75 22.81 9.63
C ALA D 124 12.90 23.87 10.30
N THR D 125 12.49 24.86 9.52
CA THR D 125 11.68 25.97 10.02
C THR D 125 10.18 25.70 10.00
N ALA D 126 9.79 24.56 9.45
CA ALA D 126 8.38 24.23 9.34
C ALA D 126 7.72 23.76 10.63
N ILE D 127 6.41 23.96 10.70
CA ILE D 127 5.60 23.52 11.82
C ILE D 127 5.62 22.00 11.72
N SER D 128 5.87 21.32 12.84
CA SER D 128 5.92 19.86 12.86
C SER D 128 7.00 19.31 11.92
N ALA D 129 8.14 19.99 11.86
CA ALA D 129 9.25 19.56 11.01
C ALA D 129 9.66 18.15 11.42
N ASP D 130 9.87 17.29 10.43
CA ASP D 130 10.24 15.90 10.67
C ASP D 130 11.74 15.68 10.83
N GLY D 131 12.55 16.63 10.37
CA GLY D 131 13.99 16.52 10.45
C GLY D 131 14.61 16.14 11.78
N PRO D 132 14.21 16.81 12.88
CA PRO D 132 14.78 16.48 14.19
C PRO D 132 14.66 14.99 14.57
N MET D 133 13.45 14.44 14.49
CA MET D 133 13.25 13.03 14.85
C MET D 133 13.96 12.11 13.86
N ASN D 134 13.91 12.46 12.57
CA ASN D 134 14.58 11.65 11.54
C ASN D 134 16.07 11.54 11.87
N LEU D 135 16.68 12.65 12.24
CA LEU D 135 18.10 12.66 12.56
C LEU D 135 18.39 11.82 13.80
N LEU D 136 17.59 11.99 14.84
N LEU D 136 17.60 11.98 14.84
CA LEU D 136 17.77 11.23 16.07
CA LEU D 136 17.79 11.21 16.06
C LEU D 136 17.70 9.72 15.77
C LEU D 136 17.72 9.71 15.74
N GLU D 137 16.71 9.33 14.98
CA GLU D 137 16.56 7.93 14.62
C GLU D 137 17.76 7.44 13.81
N ALA D 138 18.24 8.28 12.89
CA ALA D 138 19.37 7.93 12.06
C ALA D 138 20.61 7.68 12.92
N VAL D 139 20.81 8.53 13.93
CA VAL D 139 21.97 8.38 14.81
C VAL D 139 21.85 7.09 15.63
N ARG D 140 20.66 6.79 16.12
N ARG D 140 20.66 6.79 16.12
CA ARG D 140 20.42 5.59 16.90
CA ARG D 140 20.43 5.59 16.91
C ARG D 140 20.74 4.35 16.06
C ARG D 140 20.72 4.35 16.07
N VAL D 141 20.26 4.35 14.82
CA VAL D 141 20.50 3.22 13.92
C VAL D 141 22.00 3.09 13.61
N ALA D 142 22.65 4.22 13.31
CA ALA D 142 24.06 4.21 12.99
C ALA D 142 24.95 3.73 14.13
N GLY D 143 24.51 3.95 15.36
CA GLY D 143 25.31 3.54 16.51
C GLY D 143 24.94 2.20 17.13
N ASP D 144 23.90 1.55 16.63
CA ASP D 144 23.47 0.27 17.19
C ASP D 144 24.27 -0.90 16.62
N LYS D 145 24.80 -1.74 17.50
CA LYS D 145 25.60 -2.89 17.07
C LYS D 145 24.83 -3.79 16.12
N GLN D 146 23.53 -3.92 16.32
CA GLN D 146 22.71 -4.78 15.48
C GLN D 146 22.56 -4.25 14.04
N SER D 147 23.00 -3.01 13.81
CA SER D 147 22.89 -2.39 12.48
C SER D 147 24.00 -2.74 11.48
N ARG D 148 25.04 -3.43 11.94
CA ARG D 148 26.15 -3.77 11.06
C ARG D 148 25.85 -4.80 9.97
N GLY D 149 26.51 -4.63 8.83
CA GLY D 149 26.37 -5.56 7.71
C GLY D 149 25.03 -5.61 6.99
N ARG D 150 24.27 -4.53 7.06
CA ARG D 150 22.94 -4.52 6.43
C ARG D 150 22.85 -3.77 5.11
N GLY D 151 23.98 -3.27 4.62
CA GLY D 151 23.98 -2.51 3.38
C GLY D 151 23.65 -1.07 3.75
N VAL D 152 23.71 -0.15 2.80
CA VAL D 152 23.41 1.25 3.09
C VAL D 152 21.92 1.40 3.39
N MET D 153 21.60 2.25 4.36
CA MET D 153 20.22 2.45 4.76
C MET D 153 19.77 3.89 4.60
N VAL D 154 18.46 4.07 4.52
CA VAL D 154 17.85 5.39 4.44
C VAL D 154 16.83 5.41 5.56
N VAL D 155 17.00 6.33 6.49
CA VAL D 155 16.12 6.43 7.64
C VAL D 155 15.31 7.71 7.64
N ILE D 156 14.00 7.56 7.78
CA ILE D 156 13.06 8.68 7.79
C ILE D 156 11.67 8.16 8.17
N ASN D 157 10.92 8.98 8.90
CA ASN D 157 9.56 8.64 9.31
C ASN D 157 9.45 7.27 9.99
N ASP D 158 10.34 7.03 10.95
CA ASP D 158 10.39 5.81 11.75
C ASP D 158 10.68 4.53 10.97
N ARG D 159 11.12 4.67 9.72
CA ARG D 159 11.41 3.49 8.91
C ARG D 159 12.87 3.40 8.47
N ILE D 160 13.37 2.17 8.34
CA ILE D 160 14.73 1.94 7.89
C ILE D 160 14.62 1.21 6.55
N GLY D 161 14.98 1.88 5.46
CA GLY D 161 14.89 1.24 4.16
C GLY D 161 16.24 0.94 3.54
N SER D 162 16.32 -0.15 2.78
N SER D 162 16.31 -0.14 2.76
CA SER D 162 17.56 -0.51 2.11
CA SER D 162 17.56 -0.49 2.10
C SER D 162 17.75 0.33 0.85
C SER D 162 17.74 0.37 0.86
N ALA D 163 18.97 0.83 0.64
CA ALA D 163 19.27 1.66 -0.51
C ALA D 163 18.89 0.97 -1.83
N ARG D 164 18.93 -0.36 -1.85
CA ARG D 164 18.61 -1.12 -3.05
C ARG D 164 17.11 -1.17 -3.37
N TYR D 165 16.26 -1.03 -2.35
CA TYR D 165 14.81 -1.09 -2.57
C TYR D 165 14.04 0.20 -2.35
N ILE D 166 14.45 0.98 -1.35
CA ILE D 166 13.76 2.21 -1.02
C ILE D 166 13.74 3.23 -2.15
N THR D 167 12.65 3.99 -2.25
CA THR D 167 12.52 4.99 -3.30
C THR D 167 11.53 6.05 -2.84
N LYS D 168 11.63 7.25 -3.38
CA LYS D 168 10.70 8.31 -3.02
C LYS D 168 9.48 8.07 -3.89
N THR D 169 8.38 7.62 -3.26
CA THR D 169 7.16 7.29 -4.01
C THR D 169 6.16 8.42 -4.13
N ASN D 170 6.27 9.43 -3.27
CA ASN D 170 5.33 10.53 -3.29
C ASN D 170 6.09 11.84 -3.40
N ALA D 171 5.55 12.76 -4.19
CA ALA D 171 6.20 14.03 -4.39
C ALA D 171 6.36 14.92 -3.16
N SER D 172 5.42 14.86 -2.22
N SER D 172 5.38 14.88 -2.25
CA SER D 172 5.54 15.74 -1.07
CA SER D 172 5.41 15.77 -1.10
C SER D 172 5.05 15.29 0.31
C SER D 172 4.97 15.30 0.29
N THR D 173 4.78 14.01 0.50
CA THR D 173 4.34 13.52 1.81
C THR D 173 5.47 13.07 2.73
N LEU D 174 5.23 13.10 4.04
CA LEU D 174 6.25 12.66 5.00
C LEU D 174 6.56 11.18 4.90
N ASP D 175 5.56 10.39 4.53
CA ASP D 175 5.70 8.93 4.42
C ASP D 175 6.05 8.49 3.00
N THR D 176 6.63 9.38 2.22
CA THR D 176 6.98 9.10 0.83
C THR D 176 7.91 7.90 0.60
N PHE D 177 8.92 7.71 1.45
CA PHE D 177 9.83 6.59 1.24
C PHE D 177 9.25 5.24 1.59
N ARG D 178 9.13 4.40 0.57
CA ARG D 178 8.58 3.05 0.70
C ARG D 178 9.20 2.11 -0.31
N ALA D 179 9.06 0.81 -0.04
CA ALA D 179 9.54 -0.25 -0.93
C ALA D 179 8.32 -1.17 -0.90
N ASN D 180 7.34 -0.83 -1.73
CA ASN D 180 6.08 -1.55 -1.76
C ASN D 180 6.14 -3.08 -1.73
N GLU D 181 7.02 -3.66 -2.55
CA GLU D 181 7.13 -5.12 -2.62
C GLU D 181 8.17 -5.72 -1.70
N GLU D 182 9.15 -4.92 -1.27
CA GLU D 182 10.24 -5.41 -0.44
C GLU D 182 10.18 -5.02 1.02
N GLY D 183 9.32 -4.06 1.35
CA GLY D 183 9.19 -3.62 2.73
C GLY D 183 10.42 -2.93 3.28
N TYR D 184 10.42 -2.69 4.59
CA TYR D 184 11.53 -2.04 5.26
C TYR D 184 12.45 -3.04 5.94
N LEU D 185 13.72 -2.67 6.05
CA LEU D 185 14.70 -3.50 6.72
C LEU D 185 14.31 -3.52 8.20
N GLY D 186 13.67 -2.45 8.65
CA GLY D 186 13.26 -2.37 10.04
C GLY D 186 12.53 -1.07 10.33
N VAL D 187 12.10 -0.89 11.57
CA VAL D 187 11.39 0.32 11.98
C VAL D 187 11.90 0.78 13.33
N ILE D 188 11.64 2.04 13.68
CA ILE D 188 12.08 2.58 14.96
C ILE D 188 10.87 3.13 15.69
N ILE D 189 10.51 2.47 16.79
CA ILE D 189 9.34 2.87 17.58
C ILE D 189 9.68 2.90 19.06
N GLY D 190 9.31 3.97 19.74
CA GLY D 190 9.59 4.07 21.16
C GLY D 190 11.06 3.95 21.51
N ASN D 191 11.91 4.58 20.70
CA ASN D 191 13.35 4.58 20.91
C ASN D 191 13.98 3.19 20.84
N ARG D 192 13.36 2.30 20.09
CA ARG D 192 13.87 0.95 19.94
C ARG D 192 13.81 0.52 18.48
N ILE D 193 14.86 -0.16 18.05
CA ILE D 193 14.95 -0.63 16.68
C ILE D 193 14.44 -2.05 16.56
N TYR D 194 13.57 -2.27 15.58
CA TYR D 194 13.00 -3.57 15.32
C TYR D 194 13.43 -3.98 13.92
N TYR D 195 14.41 -4.87 13.82
CA TYR D 195 14.88 -5.31 12.51
C TYR D 195 14.02 -6.43 11.99
N GLN D 196 13.54 -6.25 10.77
CA GLN D 196 12.64 -7.19 10.11
C GLN D 196 13.26 -8.08 9.04
N ASN D 197 14.07 -7.46 8.18
CA ASN D 197 14.67 -8.17 7.05
C ASN D 197 16.14 -7.87 6.89
N ARG D 198 16.77 -8.71 6.08
CA ARG D 198 18.15 -8.55 5.65
C ARG D 198 17.99 -8.70 4.14
N ILE D 199 18.50 -7.75 3.36
CA ILE D 199 18.35 -7.87 1.92
C ILE D 199 19.14 -9.05 1.41
N ASP D 200 18.57 -9.76 0.44
CA ASP D 200 19.24 -10.93 -0.13
C ASP D 200 19.89 -10.54 -1.45
N LYS D 201 20.86 -9.63 -1.37
CA LYS D 201 21.59 -9.13 -2.53
C LYS D 201 23.02 -8.80 -2.10
N LEU D 202 23.91 -8.66 -3.08
CA LEU D 202 25.30 -8.31 -2.81
C LEU D 202 25.39 -6.81 -2.58
N HIS D 203 26.29 -6.40 -1.70
CA HIS D 203 26.49 -5.00 -1.39
C HIS D 203 27.74 -4.80 -0.56
N THR D 204 28.09 -3.53 -0.36
CA THR D 204 29.25 -3.10 0.42
C THR D 204 30.49 -4.00 0.39
N THR D 205 30.76 -4.70 1.49
CA THR D 205 31.93 -5.56 1.58
C THR D 205 32.03 -6.69 0.57
N ARG D 206 30.91 -7.06 -0.04
CA ARG D 206 30.95 -8.12 -1.04
C ARG D 206 30.86 -7.58 -2.47
N SER D 207 30.88 -6.26 -2.63
CA SER D 207 30.79 -5.65 -3.95
C SER D 207 32.13 -5.57 -4.69
N VAL D 208 32.07 -5.79 -6.00
CA VAL D 208 33.26 -5.75 -6.83
C VAL D 208 33.49 -4.34 -7.40
N PHE D 209 32.56 -3.43 -7.14
CA PHE D 209 32.67 -2.09 -7.68
C PHE D 209 33.62 -1.15 -6.94
N ASP D 210 34.90 -1.33 -7.24
CA ASP D 210 35.97 -0.55 -6.67
C ASP D 210 36.07 0.72 -7.51
N VAL D 211 35.86 1.88 -6.89
CA VAL D 211 35.89 3.15 -7.61
C VAL D 211 36.97 4.10 -7.12
N ARG D 212 38.02 3.54 -6.50
CA ARG D 212 39.10 4.39 -6.03
C ARG D 212 39.93 4.80 -7.22
N GLY D 213 40.27 6.08 -7.28
CA GLY D 213 41.04 6.61 -8.39
C GLY D 213 40.16 7.28 -9.44
N LEU D 214 38.88 6.89 -9.51
CA LEU D 214 37.96 7.46 -10.48
C LEU D 214 37.52 8.87 -10.09
N THR D 215 37.37 9.73 -11.10
CA THR D 215 36.95 11.11 -10.88
C THR D 215 35.62 11.36 -11.58
N SER D 216 35.26 10.46 -12.48
CA SER D 216 34.00 10.55 -13.20
C SER D 216 33.50 9.14 -13.52
N LEU D 217 32.25 9.05 -13.99
CA LEU D 217 31.66 7.77 -14.31
C LEU D 217 31.14 7.72 -15.75
N PRO D 218 30.99 6.52 -16.31
CA PRO D 218 30.50 6.41 -17.68
C PRO D 218 29.16 7.13 -17.79
N LYS D 219 28.96 7.85 -18.88
CA LYS D 219 27.72 8.60 -19.06
C LYS D 219 26.55 7.68 -19.35
N VAL D 220 25.48 7.83 -18.57
CA VAL D 220 24.26 7.04 -18.73
C VAL D 220 23.04 7.95 -18.60
N ASP D 221 22.19 7.94 -19.62
CA ASP D 221 20.99 8.77 -19.59
C ASP D 221 19.73 7.92 -19.53
N ILE D 222 18.63 8.53 -19.10
CA ILE D 222 17.37 7.82 -18.97
C ILE D 222 16.30 8.38 -19.92
N LEU D 223 15.72 7.50 -20.73
CA LEU D 223 14.66 7.91 -21.66
C LEU D 223 13.35 7.24 -21.22
N TYR D 224 12.27 8.01 -21.29
CA TYR D 224 10.94 7.54 -20.88
C TYR D 224 10.21 6.80 -21.99
N GLY D 225 9.34 5.87 -21.58
CA GLY D 225 8.53 5.11 -22.51
C GLY D 225 7.09 5.59 -22.36
N TYR D 226 6.44 5.89 -23.48
CA TYR D 226 5.06 6.38 -23.47
C TYR D 226 4.53 6.37 -24.89
N GLN D 227 3.23 6.55 -25.06
CA GLN D 227 2.66 6.57 -26.40
C GLN D 227 3.34 7.67 -27.21
N ASP D 228 3.65 7.35 -28.47
CA ASP D 228 4.30 8.29 -29.38
C ASP D 228 5.72 8.66 -28.97
N ASP D 229 6.38 7.83 -28.17
CA ASP D 229 7.73 8.16 -27.76
C ASP D 229 8.61 8.33 -29.00
N PRO D 230 9.39 9.43 -29.05
CA PRO D 230 10.29 9.77 -30.15
C PRO D 230 11.60 9.01 -30.32
N GLU D 231 11.89 8.67 -31.56
CA GLU D 231 13.11 7.98 -31.91
C GLU D 231 14.30 8.95 -31.77
N TYR D 232 14.07 10.22 -32.05
CA TYR D 232 15.15 11.22 -31.99
C TYR D 232 15.84 11.38 -30.64
N LEU D 233 15.20 10.98 -29.55
CA LEU D 233 15.87 11.10 -28.25
C LEU D 233 16.99 10.07 -28.15
N TYR D 234 16.83 8.93 -28.83
CA TYR D 234 17.88 7.91 -28.82
C TYR D 234 19.03 8.44 -29.68
N ASP D 235 18.69 9.03 -30.82
CA ASP D 235 19.69 9.60 -31.73
C ASP D 235 20.51 10.65 -30.96
N ALA D 236 19.81 11.48 -30.19
CA ALA D 236 20.47 12.53 -29.41
C ALA D 236 21.43 11.95 -28.38
N ALA D 237 21.01 10.91 -27.69
CA ALA D 237 21.83 10.27 -26.67
C ALA D 237 23.08 9.70 -27.31
N ILE D 238 22.91 9.01 -28.44
CA ILE D 238 24.03 8.41 -29.15
C ILE D 238 25.00 9.51 -29.57
N GLN D 239 24.47 10.58 -30.15
CA GLN D 239 25.26 11.71 -30.59
C GLN D 239 26.11 12.32 -29.48
N HIS D 240 25.61 12.28 -28.26
CA HIS D 240 26.35 12.85 -27.14
C HIS D 240 27.24 11.86 -26.43
N GLY D 241 27.44 10.71 -27.05
CA GLY D 241 28.33 9.70 -26.50
C GLY D 241 27.98 8.95 -25.22
N VAL D 242 26.69 8.71 -24.97
CA VAL D 242 26.33 7.97 -23.76
C VAL D 242 26.90 6.55 -23.88
N LYS D 243 27.33 6.00 -22.76
CA LYS D 243 27.86 4.64 -22.73
C LYS D 243 26.72 3.68 -22.42
N GLY D 244 25.65 4.23 -21.85
CA GLY D 244 24.49 3.42 -21.51
C GLY D 244 23.21 4.21 -21.52
N ILE D 245 22.11 3.53 -21.77
CA ILE D 245 20.79 4.16 -21.77
C ILE D 245 19.86 3.30 -20.95
N VAL D 246 19.25 3.90 -19.93
CA VAL D 246 18.29 3.20 -19.11
C VAL D 246 16.93 3.64 -19.63
N TYR D 247 16.10 2.68 -19.99
CA TYR D 247 14.78 2.95 -20.55
C TYR D 247 13.70 2.76 -19.48
N ALA D 248 13.04 3.85 -19.08
CA ALA D 248 11.96 3.78 -18.09
C ALA D 248 10.75 3.41 -18.91
N GLY D 249 10.66 2.14 -19.26
CA GLY D 249 9.60 1.68 -20.14
C GLY D 249 8.18 1.48 -19.69
N MET D 250 7.33 1.35 -20.71
CA MET D 250 5.92 1.10 -20.52
C MET D 250 5.83 -0.33 -20.01
N GLY D 251 5.01 -0.56 -18.99
CA GLY D 251 4.85 -1.90 -18.46
C GLY D 251 6.17 -2.58 -18.14
N ALA D 252 6.31 -3.83 -18.56
CA ALA D 252 7.53 -4.60 -18.32
C ALA D 252 8.60 -4.28 -19.35
N GLY D 253 8.98 -3.01 -19.41
CA GLY D 253 10.00 -2.58 -20.37
C GLY D 253 9.62 -2.82 -21.82
N SER D 254 8.33 -2.75 -22.13
N SER D 254 8.33 -2.75 -22.13
CA SER D 254 7.87 -2.94 -23.50
CA SER D 254 7.86 -2.95 -23.49
C SER D 254 8.35 -1.77 -24.33
C SER D 254 8.35 -1.77 -24.33
N VAL D 255 8.62 -2.03 -25.60
CA VAL D 255 9.13 -1.01 -26.51
C VAL D 255 8.30 -0.84 -27.77
N SER D 256 8.04 0.42 -28.12
CA SER D 256 7.28 0.73 -29.33
C SER D 256 8.19 0.56 -30.55
N VAL D 257 7.62 0.59 -31.74
CA VAL D 257 8.44 0.44 -32.95
C VAL D 257 9.52 1.50 -33.02
N ARG D 258 9.21 2.70 -32.54
CA ARG D 258 10.18 3.78 -32.55
C ARG D 258 11.28 3.51 -31.52
N GLY D 259 10.88 3.01 -30.36
CA GLY D 259 11.84 2.69 -29.32
C GLY D 259 12.77 1.58 -29.77
N ILE D 260 12.23 0.60 -30.49
N ILE D 260 12.24 0.60 -30.48
CA ILE D 260 13.03 -0.50 -30.99
CA ILE D 260 13.07 -0.50 -30.97
C ILE D 260 14.09 0.02 -31.97
C ILE D 260 14.10 0.02 -31.97
N ALA D 261 13.67 0.90 -32.86
CA ALA D 261 14.57 1.49 -33.85
C ALA D 261 15.70 2.24 -33.15
N GLY D 262 15.34 3.08 -32.19
CA GLY D 262 16.34 3.83 -31.45
C GLY D 262 17.29 2.94 -30.67
N MET D 263 16.78 1.86 -30.08
CA MET D 263 17.62 0.96 -29.31
C MET D 263 18.60 0.21 -30.20
N ARG D 264 18.14 -0.17 -31.39
CA ARG D 264 19.01 -0.88 -32.32
C ARG D 264 20.14 0.03 -32.76
N LYS D 265 19.84 1.31 -32.99
CA LYS D 265 20.88 2.27 -33.38
C LYS D 265 21.91 2.38 -32.26
N ALA D 266 21.44 2.47 -31.03
CA ALA D 266 22.35 2.59 -29.89
C ALA D 266 23.22 1.35 -29.74
N LEU D 267 22.62 0.17 -29.88
CA LEU D 267 23.37 -1.07 -29.75
C LEU D 267 24.45 -1.18 -30.83
N GLU D 268 24.14 -0.72 -32.04
CA GLU D 268 25.08 -0.76 -33.14
C GLU D 268 26.28 0.13 -32.81
N LYS D 269 26.03 1.19 -32.05
CA LYS D 269 27.06 2.12 -31.65
C LYS D 269 27.81 1.69 -30.40
N GLY D 270 27.47 0.52 -29.87
CA GLY D 270 28.14 0.01 -28.68
C GLY D 270 27.55 0.48 -27.35
N VAL D 271 26.41 1.16 -27.42
CA VAL D 271 25.75 1.65 -26.21
C VAL D 271 25.06 0.48 -25.54
N VAL D 272 25.16 0.40 -24.21
CA VAL D 272 24.48 -0.68 -23.50
C VAL D 272 23.09 -0.18 -23.17
N VAL D 273 22.09 -0.91 -23.62
CA VAL D 273 20.70 -0.55 -23.39
C VAL D 273 20.10 -1.38 -22.26
N MET D 274 19.61 -0.71 -21.23
CA MET D 274 19.01 -1.37 -20.07
C MET D 274 17.52 -1.05 -19.95
N ARG D 275 16.67 -2.06 -20.10
CA ARG D 275 15.23 -1.87 -20.03
C ARG D 275 14.65 -2.00 -18.62
N SER D 276 14.21 -0.87 -18.05
CA SER D 276 13.60 -0.82 -16.74
C SER D 276 12.12 -0.49 -16.95
N THR D 277 11.44 -0.02 -15.91
CA THR D 277 10.01 0.30 -16.01
C THR D 277 9.64 1.64 -15.37
N ARG D 278 8.64 2.30 -15.95
CA ARG D 278 8.13 3.58 -15.46
C ARG D 278 7.03 3.33 -14.43
N THR D 279 6.58 2.08 -14.31
CA THR D 279 5.47 1.76 -13.40
C THR D 279 5.70 2.09 -11.94
N GLY D 280 6.91 1.83 -11.46
CA GLY D 280 7.24 2.11 -10.08
C GLY D 280 7.67 0.91 -9.27
N ASN D 281 7.28 -0.28 -9.71
CA ASN D 281 7.58 -1.51 -8.97
C ASN D 281 7.64 -2.74 -9.85
N GLY D 282 8.22 -3.81 -9.30
CA GLY D 282 8.23 -5.06 -10.03
C GLY D 282 9.40 -5.45 -10.90
N ILE D 283 9.27 -6.65 -11.45
CA ILE D 283 10.26 -7.27 -12.29
C ILE D 283 10.10 -7.05 -13.80
N VAL D 284 11.19 -6.67 -14.47
CA VAL D 284 11.18 -6.56 -15.92
C VAL D 284 11.88 -7.88 -16.22
N PRO D 285 11.15 -8.86 -16.76
CA PRO D 285 11.73 -10.17 -17.07
C PRO D 285 12.50 -10.21 -18.38
N PRO D 286 13.41 -11.18 -18.52
CA PRO D 286 14.20 -11.32 -19.75
C PRO D 286 13.25 -11.64 -20.90
N ASP D 287 13.58 -11.18 -22.10
CA ASP D 287 12.78 -11.43 -23.30
C ASP D 287 13.73 -11.41 -24.49
N GLU D 288 13.95 -12.56 -25.10
CA GLU D 288 14.86 -12.68 -26.24
C GLU D 288 14.36 -11.94 -27.49
N GLU D 289 13.08 -11.59 -27.50
CA GLU D 289 12.48 -10.90 -28.64
C GLU D 289 12.67 -9.39 -28.60
N LEU D 290 13.18 -8.88 -27.48
CA LEU D 290 13.39 -7.44 -27.34
C LEU D 290 14.87 -7.07 -27.22
N PRO D 291 15.23 -5.86 -27.66
CA PRO D 291 16.63 -5.40 -27.60
C PRO D 291 17.03 -5.09 -26.17
N GLY D 292 18.33 -5.09 -25.92
CA GLY D 292 18.85 -4.74 -24.61
C GLY D 292 18.71 -5.73 -23.47
N LEU D 293 19.10 -5.27 -22.29
CA LEU D 293 19.08 -6.05 -21.07
C LEU D 293 17.83 -5.68 -20.26
N VAL D 294 17.61 -6.38 -19.15
CA VAL D 294 16.47 -6.09 -18.30
C VAL D 294 16.94 -5.71 -16.90
N SER D 295 16.20 -4.81 -16.25
CA SER D 295 16.60 -4.30 -14.95
C SER D 295 16.21 -5.07 -13.70
N ASP D 296 15.66 -6.28 -13.83
CA ASP D 296 15.27 -7.05 -12.65
C ASP D 296 14.28 -6.14 -11.92
N SER D 297 14.41 -5.96 -10.61
CA SER D 297 13.47 -5.09 -9.89
C SER D 297 14.00 -3.67 -9.65
N LEU D 298 15.10 -3.30 -10.31
CA LEU D 298 15.65 -1.96 -10.15
C LEU D 298 14.84 -0.93 -10.94
N ASN D 299 14.44 0.16 -10.28
CA ASN D 299 13.69 1.19 -10.99
C ASN D 299 14.69 2.00 -11.83
N PRO D 300 14.21 2.91 -12.69
CA PRO D 300 15.11 3.71 -13.54
C PRO D 300 16.28 4.40 -12.83
N ALA D 301 15.99 5.13 -11.75
CA ALA D 301 17.06 5.82 -11.05
C ALA D 301 18.12 4.86 -10.50
N HIS D 302 17.67 3.76 -9.90
CA HIS D 302 18.59 2.76 -9.35
C HIS D 302 19.35 2.06 -10.47
N ALA D 303 18.64 1.77 -11.56
CA ALA D 303 19.24 1.08 -12.70
C ALA D 303 20.38 1.90 -13.30
N ARG D 304 20.18 3.21 -13.41
CA ARG D 304 21.21 4.07 -13.95
C ARG D 304 22.49 3.98 -13.11
N ILE D 305 22.33 4.04 -11.79
CA ILE D 305 23.48 3.97 -10.89
C ILE D 305 24.22 2.65 -11.07
N LEU D 306 23.51 1.54 -11.05
CA LEU D 306 24.19 0.26 -11.21
C LEU D 306 24.81 0.12 -12.59
N LEU D 307 24.15 0.62 -13.63
CA LEU D 307 24.71 0.51 -14.97
C LEU D 307 26.01 1.31 -15.09
N MET D 308 26.05 2.50 -14.49
N MET D 308 26.06 2.50 -14.50
CA MET D 308 27.25 3.32 -14.53
CA MET D 308 27.29 3.29 -14.58
C MET D 308 28.41 2.56 -13.89
C MET D 308 28.43 2.53 -13.90
N LEU D 309 28.14 1.98 -12.72
CA LEU D 309 29.17 1.23 -11.99
C LEU D 309 29.52 -0.06 -12.74
N ALA D 310 28.54 -0.66 -13.39
CA ALA D 310 28.79 -1.88 -14.14
C ALA D 310 29.77 -1.59 -15.27
N LEU D 311 29.60 -0.44 -15.92
CA LEU D 311 30.46 -0.03 -17.04
C LEU D 311 31.89 0.31 -16.62
N THR D 312 32.14 0.44 -15.32
CA THR D 312 33.50 0.74 -14.85
C THR D 312 34.27 -0.58 -14.78
N ARG D 313 33.58 -1.68 -15.05
CA ARG D 313 34.21 -2.99 -15.01
C ARG D 313 34.19 -3.72 -16.34
N THR D 314 33.13 -3.52 -17.11
CA THR D 314 32.98 -4.21 -18.39
C THR D 314 31.85 -3.61 -19.22
N SER D 315 31.81 -3.98 -20.50
CA SER D 315 30.76 -3.55 -21.41
C SER D 315 30.04 -4.81 -21.89
N ASP D 316 30.51 -5.97 -21.43
CA ASP D 316 29.91 -7.26 -21.80
C ASP D 316 28.47 -7.31 -21.28
N PRO D 317 27.48 -7.43 -22.19
CA PRO D 317 26.07 -7.48 -21.79
C PRO D 317 25.69 -8.61 -20.83
N LYS D 318 26.26 -9.80 -21.04
CA LYS D 318 25.98 -10.94 -20.20
C LYS D 318 26.40 -10.67 -18.76
N VAL D 319 27.60 -10.13 -18.58
CA VAL D 319 28.10 -9.83 -17.23
C VAL D 319 27.23 -8.76 -16.57
N ILE D 320 26.97 -7.68 -17.31
CA ILE D 320 26.14 -6.61 -16.78
C ILE D 320 24.77 -7.14 -16.37
N GLN D 321 24.21 -8.06 -17.14
CA GLN D 321 22.91 -8.61 -16.78
C GLN D 321 22.98 -9.35 -15.45
N GLU D 322 24.08 -10.07 -15.23
CA GLU D 322 24.23 -10.80 -13.97
C GLU D 322 24.33 -9.83 -12.80
N TYR D 323 25.03 -8.72 -13.00
CA TYR D 323 25.15 -7.70 -11.98
C TYR D 323 23.74 -7.27 -11.58
N PHE D 324 22.89 -7.06 -12.59
CA PHE D 324 21.53 -6.63 -12.33
C PHE D 324 20.65 -7.64 -11.61
N HIS D 325 21.02 -8.92 -11.69
CA HIS D 325 20.25 -9.96 -10.99
C HIS D 325 20.82 -10.25 -9.61
N THR D 326 21.97 -9.66 -9.29
CA THR D 326 22.61 -9.94 -8.00
C THR D 326 22.86 -8.76 -7.07
N TYR D 327 22.84 -7.55 -7.60
CA TYR D 327 23.07 -6.36 -6.77
C TYR D 327 21.78 -5.59 -6.53
#